data_9FFF
#
_entry.id   9FFF
#
_cell.length_a   1.00
_cell.length_b   1.00
_cell.length_c   1.00
_cell.angle_alpha   90.00
_cell.angle_beta   90.00
_cell.angle_gamma   90.00
#
_symmetry.space_group_name_H-M   'P 1'
#
loop_
_entity.id
_entity.type
_entity.pdbx_description
1 polymer 'Fanconi anemia protein FANCD2'
2 polymer 'Fanconi anemia complementation group I'
3 polymer 'DNA (32-MER)'
4 polymer 'DNA (33-MER)'
#
loop_
_entity_poly.entity_id
_entity_poly.type
_entity_poly.pdbx_seq_one_letter_code
_entity_poly.pdbx_strand_id
1 'polypeptide(L)'
;MVSKRKLSKIDAAEESSKTDLQSRCPETKRSRISDKRAPSQGGLENEGVFEELLRTSGIILKVGEGQNEIAVDQTAFQKK
LRVALEKHPSYPGVVNEFISGLESHIKDRSQFKNCLLPCTPARTEGSRTLVHSYCESLIKLLLGIKILQPAVVTLLLEKI
PEFFFDVVGTFGTNFPRLIVNQFKWLDGLLDSQDLVKKLMQMLSVSPVPIQHDIITSLPEILEDSQQNEVARELSCLLKQ
GRRLTVPILDALSRLDLDAELLAKVRQSAMTIVPSVKLEDLPVVIKFILHNVKAADAVEVISDLRKSLDLSSCVLPLQLL
GSQRKLKSQAQASSSMSQVTTSQNCVKLLFDVIKLAVRFQKDVSEAWIKAIENSTSVSDHKVLDLIVLLLIHSTNSKNRK
QTEKVLRSKIRLGCMPEQLMQNAFQNHSMVIKDFFPSILSLAQTFLHSAHPAVVSFGSCMYKQAFAVFDSYCQQEVVCAL
VTHVCSGNETELDISLDVLTDLVILHPSLLLRYATFVKTILDSMQKLNPCQIRKLFYILSTLAFSQRQEGSYIQDDMHMV
IRKWLSSSVPNHKQMGIIGAVTMMGSVALKRNEADGGLLERPELSIECDGQLSTLLDLVGFCCEQTPEVLALYYDELANL
IEKQKGNLDLQLLDKFGKSLVEDFPNDFVVDLSPTVDGSFLFPVKSLYNLDEDETQGAIAINLLPLVSQSEPGRVADEMS
NSRKRVVSPICLSPCFRLLRLYTGEQNNGSLEEIDALLGCPLYLTDLEVEGKLDSLSKQEREFLCSLLFYALNWFREVVN
AFCQQQDAEMKGKVLTRLQNITELQNVLGKCLAATPGYVPPPATFDSEAPEGVPSINAGGPVRKKNGKKRKSDSSKACSA
ERTQADESSDGNQPDTELSELEKSAAEKETGNPLAQLQSYRPYFRELDLEVFSVLHCGLLTKSILDTEMHTEASEVVQLG
PAELCFLLDDMCWKLEHVLTPGSTRRVPFLKERGNKDVGFSHLCQRSPKEVAVCVVKLLKPLCNHMENMHNYFQTVIPNQ
GVVDESGLNIQEYQLMSSCYHQLLLAFRLLFAWSGFSQHENSNLLRSALQVLADRLKPGETEFLPLEELISESFQYLLNF
QASIPSFQCAFILTQVLMAISEKPMTGWKREKMASLAKQFLCQSWMKPGGDREKGSHFNSALHTLLCVYLEHTDNILKAI
EEISSVGVPELINSAKDGCSSTYPTLSRQTFPVFFRVMMAQLESSVKSIPAGKPSDSGEVQLEKLLKWNIAVRNFHILIN
LVKVFDSRPVLSICLKYGRLFVEAFLKLAMPLLDHSFKKHRDDVQSLLKTLQLSTRQLHHMCGHSKIHQDLGLTNHVPLL
KKSLEQFVYRVKAMLAFNHCQEAFWVGVLKNRDLQGEEILSQASAAPEEDSAEGSEEDTEDSAAEEPDGTDSDSGGAGRL
EVLFQGPWSHPQFEKGSAGSAAGSGAGWSHPQFEK
;
A
2 'polypeptide(L)'
;MAQRILQLAAEGSPERLQEALQGLTEGELGDMVTRQALRGRETAALLKGIFKGSPCSQQSGVLRRLQVYKHCVSLVESGD
LHVGKVSEIIGLLMLEARQLPGHALAELATLFVEVIKRGSLSNGKSLELFSTVLTALSNSKESLAYGKGELNGEEFKKQL
INTLCSSKWDPQCVIHLANMFRDIPLSGEELQFVVEKVLRMFSKLDLQEIPPLVYQLLLLSAKGSKKTVLEGIISFFNQL
DKRQKEEQRVPQSADLEVATVPLDQLRHVEGTVILHIVSAINLDQDIGEELIKHLKTEQQKDPGKALCPFSVSLLLSTAV
KHRLQEQIFDFLKTSITRSCKDLQILQASKFLQDLCPQQYDVTAVILEVVKNSAFGWDHVTQGLVDLGFSLMESYEPKKS
FGGKAAETNLGLSKMPAQQACKLGASILLETFKVHEPIRSDILEQVLNRVLTKAASPVSHFIDLLSNIVVSAPLVLQNSS
SRVTETFDNLSFLPIDTVQGLLRAVQPLLKVSMSVRDSLILVLQKAIFSRQLDARKAAVAGFLLLLRNFKILGSLTSSQC
SQAIGATQVQADVHACYNSAANEAFCLEILGSLRRCLSQQADVRLMLYEGFYDVLRRNSQLASSIMETLLSQIKQYYLPQ
QDLLPPLKLEGCIMAQGDQIFLQEPLAHLLCCIQHCLAWYKSTVHLCKGAEDEEEEEDVGFEQNFEEMLESVTRRMIKSE
LEDFELDKSADFSPSSGVGVKNNIYAIQVMGICEVLIEYNFKIGNFSKNKFEDVLGLFTCYNKLSEILKEKAGKNKSTLG
NRIARSFLSMGFVSTLLTALFRDNAQSHEESLAVLRSSTEFMRYAVSVALQKVQQLEEMGQTDGPDGQNPEKMFQNLCKI
TRVLLWRYTSIPTAVEESGKKKGKSISLLCLEGLLRIFNTMQQLYAARIPQFLQALDITDGDAEEADINVTEKAAFQIRQ
FQRSLVNQLSSAEDDFNSKETQLLITILSTLSKLLDPGSQQFLQFLTWTVKICKENALEDLSCCKGLLTLLFSLHVLYKS
PVSLLRELAQDIHACLGDIDQDVEIESRSHFAIVNVKTAAPTVCLLVLGQADKVLEEVDWLIKRLTILGSDTSEDSTQAS
NQTQALEKGVILQLGTLLTVFHELVQTALPAGSCVDSLLRSLSKTYAILTSLIKHYIQACRSTSNTVPGRLEKLVKLSGS
HLTPQCYSFITYVQNIHSESLSFAEEKKKKKKEDETAVVSTVMAKVLRDTKPIPNLIFAIEQYEKFLIHLSKKSKVNLMQ
YMKLSTSRDFRINASMLDSVLQEQNTEDAENEPDNNQSGTAEQPDENQEPQKKRRRKK
;
B
3 'polydeoxyribonucleotide'
;(DG)(DG)(DC)(DA)(DC)(DA)(DG)(DG)(DT)(DT)(DC)(DA)(DG)(DA)(DG)(DC)(DA)(DG)(DG)(DC)
(DG)(DT)(DT)(DC)(DC)(DG)(DT)(DT)(DC)(DA)(DA)(DA)
;
S
4 'polydeoxyribonucleotide'
;(DA)(DA)(DA)(DA)(DG)(DA)(DA)(DC)(DG)(DG)(DA)(DA)(DC)(DG)(DC)(DC)(DT)(DG)(DC)(DT)
(DC)(DT)(DG)(DA)(DA)(DC)(DC)(DT)(DG)(DT)(DG)(DC)(DC)
;
T
#
# COMPACT_ATOMS: atom_id res chain seq x y z
N GLY A 48 32.90 -58.48 -45.42
CA GLY A 48 33.44 -57.14 -45.34
C GLY A 48 34.44 -56.96 -44.21
N VAL A 49 35.37 -56.03 -44.41
CA VAL A 49 36.38 -55.77 -43.39
C VAL A 49 35.73 -55.28 -42.10
N PHE A 50 34.76 -54.37 -42.22
CA PHE A 50 33.99 -53.95 -41.05
C PHE A 50 33.22 -55.12 -40.46
N GLU A 51 32.61 -55.95 -41.32
CA GLU A 51 31.92 -57.15 -40.84
C GLU A 51 32.89 -58.13 -40.21
N GLU A 52 34.06 -58.32 -40.83
CA GLU A 52 35.05 -59.24 -40.27
C GLU A 52 35.57 -58.75 -38.93
N LEU A 53 35.85 -57.45 -38.82
CA LEU A 53 36.32 -56.89 -37.55
C LEU A 53 35.24 -57.00 -36.48
N LEU A 54 33.98 -56.72 -36.85
CA LEU A 54 32.89 -56.82 -35.89
C LEU A 54 32.70 -58.25 -35.40
N ARG A 55 32.79 -59.22 -36.31
CA ARG A 55 32.65 -60.62 -35.92
C ARG A 55 33.82 -61.06 -35.04
N THR A 56 35.04 -60.64 -35.39
CA THR A 56 36.20 -61.00 -34.58
C THR A 56 36.12 -60.42 -33.18
N SER A 57 35.72 -59.16 -33.06
CA SER A 57 35.58 -58.51 -31.77
C SER A 57 34.47 -57.48 -31.85
N GLY A 58 33.70 -57.37 -30.76
CA GLY A 58 32.60 -56.43 -30.71
C GLY A 58 31.24 -57.08 -30.82
N ILE A 59 30.58 -56.88 -31.96
CA ILE A 59 29.22 -57.36 -32.18
C ILE A 59 29.20 -58.20 -33.44
N ILE A 60 28.58 -59.38 -33.37
CA ILE A 60 28.42 -60.21 -34.55
C ILE A 60 27.45 -59.53 -35.52
N LEU A 61 27.44 -60.02 -36.76
CA LEU A 61 26.63 -59.42 -37.81
C LEU A 61 25.15 -59.69 -37.58
N LYS A 62 24.46 -58.77 -36.92
CA LYS A 62 23.03 -58.92 -36.69
C LYS A 62 22.25 -58.62 -37.96
N VAL A 63 21.19 -59.40 -38.19
CA VAL A 63 20.34 -59.26 -39.38
C VAL A 63 18.99 -58.72 -38.93
N GLY A 64 18.52 -57.69 -39.64
CA GLY A 64 17.24 -57.09 -39.28
C GLY A 64 17.36 -56.21 -38.05
N GLU A 65 16.23 -56.04 -37.36
CA GLU A 65 16.18 -55.21 -36.18
C GLU A 65 16.67 -55.92 -34.92
N GLY A 66 17.13 -57.16 -35.04
CA GLY A 66 17.58 -57.89 -33.87
C GLY A 66 18.80 -57.22 -33.24
N GLN A 67 18.94 -57.39 -31.93
CA GLN A 67 20.03 -56.76 -31.20
C GLN A 67 21.37 -57.35 -31.63
N ASN A 68 22.40 -56.48 -31.65
CA ASN A 68 23.73 -56.93 -32.00
C ASN A 68 24.28 -57.86 -30.93
N GLU A 69 25.04 -58.86 -31.36
CA GLU A 69 25.60 -59.86 -30.45
C GLU A 69 26.84 -59.32 -29.74
N ILE A 70 26.60 -58.29 -28.91
CA ILE A 70 27.63 -57.68 -28.10
C ILE A 70 27.07 -57.45 -26.70
N ALA A 71 27.99 -57.26 -25.75
CA ALA A 71 27.58 -56.90 -24.40
C ALA A 71 26.84 -55.56 -24.42
N VAL A 72 25.75 -55.49 -23.68
CA VAL A 72 24.92 -54.29 -23.67
C VAL A 72 25.50 -53.31 -22.66
N ASP A 73 26.50 -52.55 -23.08
CA ASP A 73 27.19 -51.59 -22.22
C ASP A 73 28.10 -50.74 -23.08
N GLN A 74 28.24 -49.47 -22.70
CA GLN A 74 29.12 -48.55 -23.42
C GLN A 74 30.59 -48.84 -23.17
N THR A 75 30.92 -49.72 -22.23
CA THR A 75 32.31 -50.02 -21.90
C THR A 75 32.83 -51.22 -22.68
N ALA A 76 32.19 -52.38 -22.51
CA ALA A 76 32.68 -53.61 -23.13
C ALA A 76 32.52 -53.55 -24.66
N PHE A 77 31.35 -53.16 -25.13
CA PHE A 77 31.09 -53.15 -26.57
C PHE A 77 31.99 -52.14 -27.28
N GLN A 78 32.11 -50.93 -26.73
CA GLN A 78 32.94 -49.92 -27.35
C GLN A 78 34.41 -50.31 -27.33
N LYS A 79 34.87 -50.88 -26.21
CA LYS A 79 36.27 -51.32 -26.13
C LYS A 79 36.56 -52.43 -27.13
N LYS A 80 35.66 -53.40 -27.25
CA LYS A 80 35.85 -54.46 -28.22
C LYS A 80 35.83 -53.94 -29.65
N LEU A 81 34.93 -53.00 -29.95
CA LEU A 81 34.89 -52.41 -31.28
C LEU A 81 36.17 -51.64 -31.58
N ARG A 82 36.68 -50.90 -30.59
CA ARG A 82 37.93 -50.16 -30.78
C ARG A 82 39.10 -51.12 -30.98
N VAL A 83 39.13 -52.22 -30.23
CA VAL A 83 40.19 -53.21 -30.41
C VAL A 83 40.13 -53.81 -31.80
N ALA A 84 38.92 -54.14 -32.27
CA ALA A 84 38.79 -54.68 -33.63
C ALA A 84 39.23 -53.66 -34.67
N LEU A 85 38.85 -52.40 -34.49
CA LEU A 85 39.23 -51.35 -35.43
C LEU A 85 40.74 -51.10 -35.43
N GLU A 86 41.38 -51.28 -34.28
CA GLU A 86 42.84 -51.17 -34.23
C GLU A 86 43.52 -52.40 -34.82
N LYS A 87 42.86 -53.55 -34.78
CA LYS A 87 43.48 -54.78 -35.27
C LYS A 87 43.33 -54.94 -36.78
N HIS A 88 42.09 -55.09 -37.26
CA HIS A 88 41.89 -55.49 -38.65
C HIS A 88 42.06 -54.32 -39.63
N PRO A 89 41.34 -53.18 -39.47
CA PRO A 89 41.50 -52.09 -40.44
C PRO A 89 42.68 -51.19 -40.14
N SER A 90 43.64 -51.67 -39.34
CA SER A 90 44.81 -50.86 -38.99
C SER A 90 45.51 -50.32 -40.23
N TYR A 91 45.66 -51.16 -41.27
CA TYR A 91 46.28 -50.70 -42.49
C TYR A 91 45.37 -49.66 -43.18
N PRO A 92 45.96 -48.63 -43.80
CA PRO A 92 45.12 -47.63 -44.49
C PRO A 92 44.21 -48.23 -45.54
N GLY A 93 44.72 -49.19 -46.33
CA GLY A 93 43.85 -49.89 -47.26
C GLY A 93 42.79 -50.71 -46.55
N VAL A 94 43.18 -51.38 -45.46
CA VAL A 94 42.21 -52.11 -44.65
C VAL A 94 41.23 -51.14 -44.00
N VAL A 95 41.70 -49.94 -43.63
CA VAL A 95 40.80 -48.94 -43.06
C VAL A 95 39.76 -48.52 -44.09
N ASN A 96 40.19 -48.29 -45.33
CA ASN A 96 39.26 -47.92 -46.38
C ASN A 96 38.28 -49.05 -46.68
N GLU A 97 38.77 -50.30 -46.67
CA GLU A 97 37.88 -51.44 -46.88
C GLU A 97 36.85 -51.55 -45.76
N PHE A 98 37.26 -51.33 -44.51
CA PHE A 98 36.32 -51.37 -43.40
C PHE A 98 35.30 -50.24 -43.51
N ILE A 99 35.74 -49.05 -43.93
CA ILE A 99 34.81 -47.95 -44.12
C ILE A 99 33.79 -48.29 -45.19
N SER A 100 34.24 -48.87 -46.30
CA SER A 100 33.32 -49.27 -47.37
C SER A 100 32.35 -50.33 -46.88
N GLY A 101 32.83 -51.31 -46.11
CA GLY A 101 31.93 -52.32 -45.58
C GLY A 101 30.91 -51.77 -44.62
N LEU A 102 31.33 -50.83 -43.76
CA LEU A 102 30.39 -50.19 -42.85
C LEU A 102 29.35 -49.38 -43.62
N GLU A 103 29.78 -48.68 -44.66
CA GLU A 103 28.83 -47.94 -45.49
C GLU A 103 27.84 -48.87 -46.17
N SER A 104 28.33 -50.01 -46.67
CA SER A 104 27.43 -50.98 -47.30
C SER A 104 26.43 -51.54 -46.29
N HIS A 105 26.90 -51.83 -45.07
CA HIS A 105 25.99 -52.30 -44.02
C HIS A 105 24.94 -51.24 -43.68
N ILE A 106 25.37 -49.98 -43.58
CA ILE A 106 24.43 -48.90 -43.26
C ILE A 106 23.39 -48.75 -44.37
N LYS A 107 23.83 -48.87 -45.63
CA LYS A 107 22.89 -48.79 -46.74
C LYS A 107 21.88 -49.93 -46.71
N ASP A 108 22.27 -51.08 -46.16
CA ASP A 108 21.35 -52.19 -46.04
C ASP A 108 20.22 -51.85 -45.08
N ARG A 109 18.99 -52.19 -45.48
CA ARG A 109 17.82 -51.87 -44.65
C ARG A 109 17.85 -52.63 -43.33
N SER A 110 18.41 -53.84 -43.32
CA SER A 110 18.45 -54.63 -42.08
C SER A 110 19.27 -53.93 -41.01
N GLN A 111 20.50 -53.53 -41.34
CA GLN A 111 21.32 -52.83 -40.37
C GLN A 111 20.80 -51.42 -40.11
N PHE A 112 20.13 -50.82 -41.09
CA PHE A 112 19.51 -49.52 -40.88
C PHE A 112 18.43 -49.59 -39.81
N LYS A 113 17.61 -50.64 -39.84
CA LYS A 113 16.62 -50.84 -38.78
C LYS A 113 17.28 -51.27 -37.48
N ASN A 114 18.40 -52.00 -37.57
CA ASN A 114 19.13 -52.40 -36.36
C ASN A 114 19.66 -51.18 -35.60
N CYS A 115 20.19 -50.20 -36.32
CA CYS A 115 20.76 -49.02 -35.67
C CYS A 115 19.71 -48.18 -34.97
N LEU A 116 18.44 -48.32 -35.33
CA LEU A 116 17.34 -47.58 -34.73
C LEU A 116 17.56 -46.07 -34.83
N LEU A 138 29.50 -52.04 -32.16
CA LEU A 138 28.43 -52.00 -33.16
C LEU A 138 28.41 -50.66 -33.88
N ILE A 139 27.25 -50.32 -34.45
CA ILE A 139 27.11 -49.05 -35.17
C ILE A 139 27.28 -47.88 -34.21
N LYS A 140 26.63 -47.97 -33.04
CA LYS A 140 26.78 -46.91 -32.04
C LYS A 140 28.21 -46.79 -31.56
N LEU A 141 28.87 -47.93 -31.31
CA LEU A 141 30.26 -47.90 -30.89
C LEU A 141 31.16 -47.34 -31.99
N LEU A 142 30.90 -47.73 -33.25
CA LEU A 142 31.70 -47.23 -34.36
C LEU A 142 31.54 -45.73 -34.51
N LEU A 143 30.32 -45.21 -34.37
CA LEU A 143 30.10 -43.77 -34.48
C LEU A 143 30.78 -43.01 -33.34
N GLY A 144 30.92 -43.64 -32.17
CA GLY A 144 31.57 -42.99 -31.05
C GLY A 144 33.05 -42.79 -31.25
N ILE A 145 33.67 -43.53 -32.16
CA ILE A 145 35.09 -43.36 -32.43
C ILE A 145 35.34 -42.00 -33.06
N LYS A 146 36.51 -41.42 -32.79
CA LYS A 146 36.84 -40.11 -33.34
C LYS A 146 36.92 -40.16 -34.86
N ILE A 147 37.52 -41.20 -35.41
CA ILE A 147 37.60 -41.34 -36.87
C ILE A 147 36.20 -41.62 -37.45
N LEU A 148 35.40 -42.41 -36.75
CA LEU A 148 34.06 -42.75 -37.22
C LEU A 148 33.08 -41.59 -37.13
N GLN A 149 33.40 -40.54 -36.38
CA GLN A 149 32.50 -39.39 -36.28
C GLN A 149 32.25 -38.73 -37.62
N PRO A 150 33.27 -38.32 -38.39
CA PRO A 150 32.99 -37.81 -39.75
C PRO A 150 32.27 -38.82 -40.64
N ALA A 151 32.62 -40.10 -40.52
CA ALA A 151 31.94 -41.12 -41.31
C ALA A 151 30.47 -41.23 -40.92
N VAL A 152 30.17 -41.20 -39.63
CA VAL A 152 28.79 -41.24 -39.17
C VAL A 152 28.02 -40.01 -39.64
N VAL A 153 28.66 -38.84 -39.58
CA VAL A 153 28.02 -37.61 -40.03
C VAL A 153 27.72 -37.69 -41.53
N THR A 154 28.66 -38.20 -42.31
CA THR A 154 28.44 -38.33 -43.76
C THR A 154 27.33 -39.32 -44.06
N LEU A 155 27.29 -40.44 -43.31
CA LEU A 155 26.22 -41.41 -43.51
C LEU A 155 24.86 -40.81 -43.17
N LEU A 156 24.78 -40.06 -42.08
CA LEU A 156 23.53 -39.40 -41.72
C LEU A 156 23.11 -38.38 -42.76
N LEU A 157 24.07 -37.60 -43.27
CA LEU A 157 23.74 -36.61 -44.31
C LEU A 157 23.24 -37.30 -45.57
N GLU A 158 23.87 -38.42 -45.95
CA GLU A 158 23.43 -39.15 -47.13
C GLU A 158 22.03 -39.74 -46.93
N LYS A 159 21.76 -40.27 -45.74
CA LYS A 159 20.48 -40.89 -45.46
C LYS A 159 19.36 -39.89 -45.19
N ILE A 160 19.69 -38.63 -44.94
CA ILE A 160 18.70 -37.59 -44.66
C ILE A 160 17.65 -37.50 -45.77
N PRO A 161 18.02 -37.10 -46.99
CA PRO A 161 17.01 -36.98 -48.06
C PRO A 161 16.32 -38.28 -48.40
N GLU A 162 17.02 -39.41 -48.31
CA GLU A 162 16.47 -40.70 -48.69
C GLU A 162 15.82 -41.45 -47.54
N PHE A 163 15.82 -40.89 -46.33
CA PHE A 163 15.24 -41.56 -45.18
C PHE A 163 16.20 -42.57 -44.58
N ASN A 174 8.63 -41.59 -39.52
CA ASN A 174 9.33 -40.43 -38.99
C ASN A 174 10.83 -40.66 -38.96
N PHE A 175 11.38 -41.09 -40.10
CA PHE A 175 12.82 -41.32 -40.19
C PHE A 175 13.64 -40.06 -39.96
N PRO A 176 13.37 -38.93 -40.64
CA PRO A 176 14.09 -37.69 -40.29
C PRO A 176 13.87 -37.27 -38.85
N ARG A 177 12.66 -37.47 -38.32
CA ARG A 177 12.41 -37.14 -36.92
C ARG A 177 13.24 -38.03 -35.99
N LEU A 178 13.33 -39.33 -36.31
CA LEU A 178 14.17 -40.23 -35.51
C LEU A 178 15.64 -39.83 -35.58
N ILE A 179 16.10 -39.44 -36.77
CA ILE A 179 17.50 -39.02 -36.91
C ILE A 179 17.76 -37.75 -36.10
N VAL A 180 16.82 -36.80 -36.13
CA VAL A 180 16.97 -35.58 -35.35
C VAL A 180 16.98 -35.89 -33.86
N ASN A 181 16.11 -36.79 -33.41
CA ASN A 181 16.09 -37.16 -32.00
C ASN A 181 17.39 -37.83 -31.60
N GLN A 182 17.93 -38.70 -32.46
CA GLN A 182 19.22 -39.32 -32.17
C GLN A 182 20.33 -38.28 -32.09
N PHE A 183 20.33 -37.32 -33.01
CA PHE A 183 21.30 -36.22 -32.94
C PHE A 183 21.08 -35.34 -31.73
N LYS A 184 19.85 -35.29 -31.20
CA LYS A 184 19.59 -34.49 -30.01
C LYS A 184 20.35 -35.07 -28.82
N TRP A 185 20.95 -34.17 -28.03
CA TRP A 185 21.79 -34.55 -26.90
C TRP A 185 23.03 -35.33 -27.31
N LEU A 186 23.48 -35.15 -28.56
CA LEU A 186 24.62 -35.88 -29.05
C LEU A 186 25.92 -35.36 -28.43
N ASP A 187 27.00 -36.06 -28.69
CA ASP A 187 28.32 -35.72 -28.17
C ASP A 187 29.10 -34.92 -29.22
N GLY A 188 30.37 -34.65 -28.92
CA GLY A 188 31.19 -33.87 -29.83
C GLY A 188 31.48 -34.63 -31.12
N LEU A 189 31.20 -34.00 -32.25
CA LEU A 189 31.46 -34.59 -33.55
C LEU A 189 32.85 -34.17 -34.03
N LEU A 190 33.16 -34.48 -35.29
CA LEU A 190 34.45 -34.13 -35.86
C LEU A 190 34.52 -32.70 -36.38
N ASP A 191 33.38 -32.02 -36.50
CA ASP A 191 33.34 -30.66 -37.02
C ASP A 191 32.51 -29.80 -36.07
N SER A 192 33.05 -28.63 -35.71
CA SER A 192 32.37 -27.71 -34.83
C SER A 192 31.64 -26.59 -35.57
N GLN A 193 31.86 -26.45 -36.89
CA GLN A 193 31.21 -25.39 -37.65
C GLN A 193 30.74 -25.84 -39.02
N ASP A 194 30.72 -27.14 -39.30
CA ASP A 194 30.32 -27.67 -40.60
C ASP A 194 28.98 -28.38 -40.58
N LEU A 195 28.72 -29.21 -39.56
CA LEU A 195 27.45 -29.90 -39.48
C LEU A 195 26.28 -28.93 -39.30
N VAL A 196 26.51 -27.81 -38.62
CA VAL A 196 25.48 -26.79 -38.51
C VAL A 196 25.14 -26.22 -39.88
N LYS A 197 26.17 -25.96 -40.70
CA LYS A 197 25.93 -25.48 -42.06
C LYS A 197 25.19 -26.52 -42.89
N LYS A 198 25.55 -27.80 -42.73
CA LYS A 198 24.85 -28.86 -43.45
C LYS A 198 23.37 -28.92 -43.04
N LEU A 199 23.10 -28.79 -41.74
CA LEU A 199 21.73 -28.80 -41.26
C LEU A 199 20.96 -27.60 -41.78
N MET A 200 21.60 -26.43 -41.82
CA MET A 200 20.95 -25.24 -42.35
C MET A 200 20.61 -25.42 -43.84
N GLN A 201 21.55 -25.98 -44.61
CA GLN A 201 21.28 -26.24 -46.02
C GLN A 201 20.14 -27.23 -46.19
N MET A 202 20.12 -28.29 -45.37
CA MET A 202 19.03 -29.27 -45.45
C MET A 202 17.70 -28.63 -45.12
N LEU A 203 17.67 -27.77 -44.09
CA LEU A 203 16.42 -27.08 -43.74
C LEU A 203 15.98 -26.17 -44.87
N SER A 204 16.93 -25.50 -45.54
CA SER A 204 16.58 -24.68 -46.69
C SER A 204 16.00 -25.52 -47.82
N VAL A 205 16.53 -26.73 -48.01
CA VAL A 205 16.03 -27.60 -49.07
C VAL A 205 14.87 -28.46 -48.60
N SER A 206 14.90 -28.91 -47.35
CA SER A 206 13.89 -29.84 -46.85
C SER A 206 12.54 -29.16 -46.72
N PRO A 207 11.45 -29.94 -46.66
CA PRO A 207 10.11 -29.36 -46.56
C PRO A 207 9.84 -28.71 -45.22
N VAL A 208 8.62 -28.23 -45.03
CA VAL A 208 8.20 -27.48 -43.84
C VAL A 208 8.49 -28.25 -42.55
N PRO A 209 7.84 -29.40 -42.32
CA PRO A 209 8.08 -30.13 -41.07
C PRO A 209 9.54 -30.54 -40.86
N ILE A 210 10.21 -30.97 -41.94
CA ILE A 210 11.61 -31.38 -41.81
C ILE A 210 12.49 -30.19 -41.44
N GLN A 211 12.28 -29.06 -42.11
CA GLN A 211 13.06 -27.85 -41.79
C GLN A 211 12.79 -27.39 -40.37
N HIS A 212 11.53 -27.43 -39.93
CA HIS A 212 11.20 -27.03 -38.57
C HIS A 212 11.87 -27.96 -37.55
N ASP A 213 11.85 -29.26 -37.81
CA ASP A 213 12.49 -30.22 -36.91
C ASP A 213 13.99 -29.98 -36.85
N ILE A 214 14.62 -29.71 -38.00
CA ILE A 214 16.06 -29.45 -38.02
C ILE A 214 16.40 -28.18 -37.24
N ILE A 215 15.61 -27.13 -37.46
CA ILE A 215 15.90 -25.84 -36.81
C ILE A 215 15.68 -25.94 -35.31
N THR A 216 14.64 -26.66 -34.87
CA THR A 216 14.39 -26.80 -33.44
C THR A 216 15.51 -27.54 -32.73
N SER A 217 16.35 -28.28 -33.45
CA SER A 217 17.50 -28.95 -32.87
C SER A 217 18.71 -28.05 -32.73
N LEU A 218 18.63 -26.80 -33.18
CA LEU A 218 19.75 -25.88 -33.07
C LEU A 218 20.27 -25.71 -31.64
N PRO A 219 19.45 -25.57 -30.60
CA PRO A 219 20.01 -25.51 -29.25
C PRO A 219 20.88 -26.71 -28.91
N GLU A 220 20.49 -27.89 -29.38
CA GLU A 220 21.38 -29.06 -29.27
C GLU A 220 22.55 -28.95 -30.23
N ILE A 221 22.32 -28.42 -31.43
CA ILE A 221 23.38 -28.30 -32.42
C ILE A 221 24.30 -27.11 -32.13
N LEU A 222 23.86 -26.17 -31.29
CA LEU A 222 24.66 -24.99 -30.98
C LEU A 222 25.70 -25.37 -29.92
N GLU A 223 26.78 -25.99 -30.39
CA GLU A 223 27.87 -26.43 -29.53
C GLU A 223 28.79 -25.29 -29.11
N ASP A 224 28.40 -24.04 -29.37
CA ASP A 224 29.22 -22.88 -29.03
C ASP A 224 30.34 -22.69 -30.05
N SER A 225 30.47 -23.62 -31.00
CA SER A 225 31.47 -23.48 -32.04
C SER A 225 31.11 -22.36 -33.01
N GLN A 226 29.84 -22.24 -33.37
CA GLN A 226 29.37 -21.21 -34.29
C GLN A 226 28.09 -20.58 -33.76
N GLN A 227 28.09 -20.22 -32.48
CA GLN A 227 26.88 -19.69 -31.84
C GLN A 227 26.42 -18.39 -32.49
N ASN A 228 27.25 -17.34 -32.42
CA ASN A 228 26.83 -16.02 -32.86
C ASN A 228 26.55 -15.97 -34.36
N GLU A 229 27.43 -16.57 -35.16
CA GLU A 229 27.27 -16.50 -36.62
C GLU A 229 26.00 -17.22 -37.07
N VAL A 230 25.77 -18.42 -36.52
CA VAL A 230 24.54 -19.14 -36.84
C VAL A 230 23.33 -18.37 -36.34
N ALA A 231 23.46 -17.68 -35.20
CA ALA A 231 22.36 -16.87 -34.70
C ALA A 231 22.00 -15.76 -35.68
N ARG A 232 23.01 -15.06 -36.20
CA ARG A 232 22.74 -14.00 -37.17
C ARG A 232 22.15 -14.57 -38.45
N GLU A 233 22.69 -15.68 -38.95
CA GLU A 233 22.17 -16.29 -40.16
C GLU A 233 20.73 -16.74 -39.97
N LEU A 234 20.41 -17.29 -38.80
CA LEU A 234 19.06 -17.71 -38.50
C LEU A 234 18.12 -16.52 -38.37
N SER A 235 18.60 -15.40 -37.82
CA SER A 235 17.77 -14.19 -37.78
C SER A 235 17.47 -13.70 -39.19
N CYS A 236 18.46 -13.72 -40.07
CA CYS A 236 18.22 -13.34 -41.46
C CYS A 236 17.21 -14.28 -42.13
N LEU A 237 17.37 -15.59 -41.89
CA LEU A 237 16.42 -16.55 -42.45
C LEU A 237 15.01 -16.30 -41.91
N LEU A 238 14.90 -15.98 -40.63
CA LEU A 238 13.60 -15.64 -40.04
C LEU A 238 13.01 -14.41 -40.72
N LYS A 239 13.85 -13.41 -41.00
CA LYS A 239 13.39 -12.25 -41.75
C LYS A 239 12.87 -12.67 -43.12
N GLN A 240 13.52 -13.64 -43.75
CA GLN A 240 13.05 -14.20 -45.02
C GLN A 240 12.17 -15.43 -44.84
N GLY A 241 11.87 -15.83 -43.61
CA GLY A 241 11.14 -17.06 -43.35
C GLY A 241 9.81 -16.88 -42.66
N ARG A 242 9.01 -15.90 -43.11
CA ARG A 242 7.74 -15.60 -42.46
C ARG A 242 6.82 -16.80 -42.39
N ARG A 243 6.97 -17.77 -43.29
CA ARG A 243 6.14 -18.97 -43.24
C ARG A 243 6.60 -19.98 -42.19
N LEU A 244 7.81 -19.83 -41.65
CA LEU A 244 8.33 -20.75 -40.65
C LEU A 244 9.04 -20.00 -39.53
N THR A 245 8.42 -18.92 -39.05
CA THR A 245 9.04 -18.11 -38.00
C THR A 245 8.93 -18.76 -36.62
N VAL A 246 7.90 -19.56 -36.39
CA VAL A 246 7.68 -20.10 -35.04
C VAL A 246 8.81 -21.02 -34.58
N PRO A 247 9.24 -22.03 -35.34
CA PRO A 247 10.30 -22.92 -34.82
C PRO A 247 11.62 -22.20 -34.64
N ILE A 248 12.01 -21.33 -35.57
CA ILE A 248 13.27 -20.64 -35.45
C ILE A 248 13.23 -19.66 -34.29
N LEU A 249 12.09 -18.98 -34.10
CA LEU A 249 11.96 -18.09 -32.96
C LEU A 249 12.08 -18.85 -31.65
N ASP A 250 11.43 -20.01 -31.55
CA ASP A 250 11.54 -20.82 -30.34
C ASP A 250 12.98 -21.27 -30.11
N ALA A 251 13.66 -21.68 -31.18
CA ALA A 251 15.05 -22.13 -31.05
C ALA A 251 15.95 -21.00 -30.57
N LEU A 252 15.85 -19.82 -31.18
CA LEU A 252 16.72 -18.73 -30.77
C LEU A 252 16.39 -18.24 -29.37
N SER A 253 15.11 -18.24 -28.98
CA SER A 253 14.77 -17.88 -27.61
C SER A 253 15.28 -18.92 -26.63
N ARG A 254 15.38 -20.18 -27.04
CA ARG A 254 15.97 -21.21 -26.19
C ARG A 254 17.46 -20.97 -25.92
N LEU A 255 18.12 -20.20 -26.77
CA LEU A 255 19.54 -19.89 -26.62
C LEU A 255 19.71 -18.41 -26.26
N ASP A 256 20.96 -18.01 -26.04
CA ASP A 256 21.31 -16.64 -25.73
C ASP A 256 22.30 -16.15 -26.78
N LEU A 257 21.91 -15.11 -27.51
CA LEU A 257 22.73 -14.54 -28.57
C LEU A 257 23.45 -13.29 -28.08
N ASP A 258 24.11 -12.58 -28.99
CA ASP A 258 24.82 -11.37 -28.64
C ASP A 258 23.85 -10.28 -28.21
N ALA A 259 24.31 -9.43 -27.29
CA ALA A 259 23.44 -8.40 -26.73
C ALA A 259 22.97 -7.42 -27.80
N GLU A 260 23.86 -7.01 -28.70
CA GLU A 260 23.48 -6.06 -29.74
C GLU A 260 22.43 -6.66 -30.67
N LEU A 261 22.58 -7.93 -31.04
CA LEU A 261 21.62 -8.59 -31.91
C LEU A 261 20.28 -8.87 -31.23
N LEU A 262 20.21 -8.73 -29.91
CA LEU A 262 18.94 -8.99 -29.22
C LEU A 262 17.89 -7.96 -29.59
N ALA A 263 18.28 -6.69 -29.72
CA ALA A 263 17.31 -5.64 -30.00
C ALA A 263 16.67 -5.82 -31.38
N LYS A 264 17.48 -6.12 -32.40
CA LYS A 264 16.93 -6.25 -33.74
C LYS A 264 15.99 -7.44 -33.86
N VAL A 265 16.37 -8.59 -33.27
CA VAL A 265 15.50 -9.75 -33.33
C VAL A 265 14.24 -9.52 -32.49
N ARG A 266 14.35 -8.80 -31.38
CA ARG A 266 13.17 -8.43 -30.61
C ARG A 266 12.22 -7.58 -31.46
N GLN A 267 12.76 -6.57 -32.15
CA GLN A 267 11.94 -5.73 -32.99
C GLN A 267 11.26 -6.54 -34.09
N SER A 268 12.00 -7.45 -34.71
CA SER A 268 11.39 -8.39 -35.65
C SER A 268 10.28 -9.17 -34.97
N ALA A 269 10.45 -9.50 -33.69
CA ALA A 269 9.42 -10.25 -32.96
C ALA A 269 8.13 -9.45 -32.84
N MET A 270 8.20 -8.19 -32.38
CA MET A 270 6.94 -7.46 -32.29
C MET A 270 6.37 -7.12 -33.67
N THR A 271 7.22 -7.02 -34.69
CA THR A 271 6.66 -6.81 -36.04
C THR A 271 5.89 -8.05 -36.49
N ILE A 272 6.40 -9.25 -36.18
CA ILE A 272 5.72 -10.47 -36.58
C ILE A 272 4.58 -10.84 -35.64
N VAL A 273 4.48 -10.19 -34.48
CA VAL A 273 3.41 -10.51 -33.51
C VAL A 273 2.01 -10.40 -34.14
N PRO A 274 1.64 -9.32 -34.83
CA PRO A 274 0.29 -9.28 -35.41
C PRO A 274 0.03 -10.38 -36.42
N SER A 275 1.04 -10.81 -37.17
CA SER A 275 0.84 -11.84 -38.18
C SER A 275 0.67 -13.23 -37.57
N VAL A 276 1.03 -13.41 -36.30
CA VAL A 276 0.90 -14.71 -35.67
C VAL A 276 -0.57 -15.11 -35.60
N LYS A 277 -0.86 -16.35 -35.97
CA LYS A 277 -2.23 -16.85 -35.96
C LYS A 277 -2.69 -17.14 -34.53
N LEU A 278 -3.92 -17.62 -34.40
CA LEU A 278 -4.51 -17.85 -33.08
C LEU A 278 -3.70 -18.89 -32.30
N GLU A 279 -3.27 -19.96 -32.97
CA GLU A 279 -2.43 -20.98 -32.33
C GLU A 279 -0.95 -20.70 -32.46
N ASP A 280 -0.55 -19.69 -33.22
CA ASP A 280 0.86 -19.37 -33.47
C ASP A 280 1.34 -18.13 -32.75
N LEU A 281 0.51 -17.08 -32.68
CA LEU A 281 0.90 -15.87 -31.96
C LEU A 281 1.25 -16.11 -30.50
N PRO A 282 0.51 -16.91 -29.72
CA PRO A 282 0.93 -17.15 -28.33
C PRO A 282 2.31 -17.77 -28.21
N VAL A 283 2.71 -18.60 -29.18
CA VAL A 283 4.03 -19.25 -29.10
C VAL A 283 5.13 -18.20 -29.10
N VAL A 284 5.11 -17.29 -30.08
CA VAL A 284 6.11 -16.24 -30.12
C VAL A 284 5.93 -15.29 -28.95
N ILE A 285 4.68 -15.06 -28.51
CA ILE A 285 4.46 -14.16 -27.38
C ILE A 285 5.19 -14.66 -26.14
N LYS A 286 5.02 -15.94 -25.79
CA LYS A 286 5.72 -16.48 -24.64
C LYS A 286 7.22 -16.57 -24.89
N PHE A 287 7.62 -16.94 -26.11
CA PHE A 287 9.05 -17.06 -26.41
C PHE A 287 9.77 -15.74 -26.19
N ILE A 288 9.14 -14.63 -26.58
CA ILE A 288 9.80 -13.33 -26.41
C ILE A 288 9.59 -12.78 -25.00
N LEU A 289 8.45 -13.08 -24.36
CA LEU A 289 8.24 -12.61 -23.00
C LEU A 289 9.24 -13.23 -22.05
N HIS A 290 9.52 -14.53 -22.19
CA HIS A 290 10.55 -15.15 -21.38
C HIS A 290 11.92 -14.55 -21.68
N ASN A 291 12.20 -14.29 -22.96
CA ASN A 291 13.52 -13.76 -23.33
C ASN A 291 13.69 -12.32 -22.90
N VAL A 292 12.66 -11.49 -23.05
CA VAL A 292 12.79 -10.07 -22.75
C VAL A 292 12.89 -9.88 -21.25
N LYS A 293 14.00 -9.27 -20.80
CA LYS A 293 14.21 -8.96 -19.40
C LYS A 293 14.86 -7.60 -19.22
N ALA A 294 14.58 -6.66 -20.12
CA ALA A 294 15.22 -5.35 -20.12
C ALA A 294 14.27 -4.28 -19.58
N ALA A 295 14.79 -3.42 -18.70
CA ALA A 295 14.00 -2.32 -18.17
C ALA A 295 13.59 -1.35 -19.27
N ASP A 296 14.44 -1.16 -20.28
CA ASP A 296 14.08 -0.33 -21.42
C ASP A 296 12.97 -0.93 -22.25
N ALA A 297 12.63 -2.20 -22.02
CA ALA A 297 11.55 -2.92 -22.70
C ALA A 297 10.17 -2.45 -22.27
N VAL A 298 10.03 -1.38 -21.49
CA VAL A 298 8.71 -0.87 -21.15
C VAL A 298 7.97 -0.41 -22.40
N GLU A 299 8.66 0.29 -23.30
CA GLU A 299 8.05 0.67 -24.57
C GLU A 299 7.74 -0.55 -25.42
N VAL A 300 8.59 -1.57 -25.35
CA VAL A 300 8.32 -2.81 -26.07
C VAL A 300 7.05 -3.47 -25.56
N ILE A 301 6.86 -3.49 -24.24
CA ILE A 301 5.66 -4.06 -23.65
C ILE A 301 4.43 -3.26 -24.05
N SER A 302 4.55 -1.92 -24.06
CA SER A 302 3.43 -1.08 -24.49
C SER A 302 3.06 -1.37 -25.94
N ASP A 303 4.07 -1.49 -26.81
CA ASP A 303 3.80 -1.78 -28.22
C ASP A 303 3.18 -3.16 -28.39
N LEU A 304 3.65 -4.14 -27.61
CA LEU A 304 3.06 -5.48 -27.68
C LEU A 304 1.61 -5.47 -27.22
N ARG A 305 1.31 -4.70 -26.16
CA ARG A 305 -0.07 -4.57 -25.72
C ARG A 305 -0.94 -3.93 -26.79
N LYS A 306 -0.40 -2.90 -27.46
CA LYS A 306 -1.14 -2.27 -28.54
C LYS A 306 -1.38 -3.24 -29.69
N SER A 307 -0.38 -4.07 -30.01
CA SER A 307 -0.49 -4.97 -31.15
C SER A 307 -1.44 -6.13 -30.87
N LEU A 308 -1.42 -6.66 -29.64
CA LEU A 308 -2.21 -7.82 -29.29
C LEU A 308 -3.60 -7.48 -28.76
N ASP A 309 -3.96 -6.20 -28.72
CA ASP A 309 -5.27 -5.81 -28.23
C ASP A 309 -6.39 -6.34 -29.12
N LEU A 310 -6.20 -6.28 -30.44
CA LEU A 310 -7.24 -6.72 -31.36
C LEU A 310 -7.52 -8.22 -31.21
N SER A 311 -6.47 -9.03 -31.13
CA SER A 311 -6.66 -10.46 -30.95
C SER A 311 -7.03 -10.81 -29.52
N SER A 312 -6.59 -10.01 -28.55
CA SER A 312 -6.88 -10.28 -27.14
C SER A 312 -5.99 -11.39 -26.60
N LEU A 349 -6.05 -23.09 -25.50
CA LEU A 349 -5.96 -22.65 -24.11
C LEU A 349 -5.92 -21.13 -24.02
N PHE A 350 -4.89 -20.54 -24.63
CA PHE A 350 -4.65 -19.10 -24.70
C PHE A 350 -4.36 -18.49 -23.34
N ASP A 351 -4.33 -19.27 -22.27
CA ASP A 351 -3.82 -18.84 -20.98
C ASP A 351 -2.33 -19.08 -20.84
N VAL A 352 -1.68 -19.57 -21.90
CA VAL A 352 -0.24 -19.85 -21.86
C VAL A 352 0.55 -18.57 -21.67
N ILE A 353 0.06 -17.45 -22.18
CA ILE A 353 0.72 -16.17 -21.95
C ILE A 353 0.74 -15.86 -20.46
N LYS A 354 -0.34 -16.19 -19.76
CA LYS A 354 -0.37 -16.00 -18.31
C LYS A 354 0.70 -16.85 -17.63
N LEU A 355 0.88 -18.08 -18.08
CA LEU A 355 1.95 -18.92 -17.52
C LEU A 355 3.31 -18.33 -17.81
N ALA A 356 3.53 -17.80 -19.01
CA ALA A 356 4.81 -17.20 -19.36
C ALA A 356 5.11 -16.00 -18.47
N VAL A 357 4.10 -15.15 -18.23
CA VAL A 357 4.31 -14.02 -17.34
C VAL A 357 4.54 -14.49 -15.91
N ARG A 358 3.83 -15.54 -15.50
CA ARG A 358 4.03 -16.11 -14.17
C ARG A 358 5.45 -16.63 -13.98
N PHE A 359 6.05 -17.17 -15.04
CA PHE A 359 7.42 -17.69 -14.95
C PHE A 359 8.37 -16.66 -14.37
N GLN A 360 8.23 -15.40 -14.77
CA GLN A 360 8.93 -14.30 -14.13
C GLN A 360 8.15 -13.92 -12.87
N LYS A 361 8.82 -14.04 -11.71
CA LYS A 361 8.15 -13.77 -10.45
C LYS A 361 7.86 -12.28 -10.28
N ASP A 362 8.80 -11.42 -10.66
CA ASP A 362 8.74 -9.99 -10.40
C ASP A 362 8.68 -9.19 -11.69
N VAL A 363 7.87 -9.64 -12.66
CA VAL A 363 7.73 -8.92 -13.93
C VAL A 363 6.72 -7.79 -13.86
N SER A 364 6.27 -7.41 -12.65
CA SER A 364 5.17 -6.46 -12.52
C SER A 364 5.57 -5.07 -13.01
N GLU A 365 6.73 -4.57 -12.54
CA GLU A 365 7.04 -3.15 -12.65
C GLU A 365 6.96 -2.63 -14.07
N ALA A 366 7.63 -3.32 -15.01
CA ALA A 366 7.65 -2.84 -16.39
C ALA A 366 6.26 -2.81 -16.97
N TRP A 367 5.48 -3.87 -16.75
CA TRP A 367 4.14 -3.94 -17.32
C TRP A 367 3.22 -2.86 -16.74
N ILE A 368 3.28 -2.66 -15.42
CA ILE A 368 2.37 -1.69 -14.79
C ILE A 368 2.75 -0.28 -15.22
N LYS A 369 4.05 0.03 -15.30
CA LYS A 369 4.44 1.35 -15.78
C LYS A 369 4.04 1.56 -17.23
N ALA A 370 4.23 0.55 -18.08
CA ALA A 370 3.84 0.66 -19.49
C ALA A 370 2.35 0.89 -19.64
N ILE A 371 1.54 0.15 -18.88
CA ILE A 371 0.10 0.28 -19.03
C ILE A 371 -0.38 1.61 -18.42
N GLU A 372 0.25 2.07 -17.34
CA GLU A 372 -0.11 3.37 -16.78
C GLU A 372 0.19 4.49 -17.76
N ASN A 373 1.35 4.41 -18.43
CA ASN A 373 1.65 5.40 -19.47
C ASN A 373 0.67 5.29 -20.64
N SER A 374 0.31 4.06 -21.02
CA SER A 374 -0.54 3.86 -22.18
C SER A 374 -1.99 4.24 -21.92
N THR A 375 -2.61 3.62 -20.91
CA THR A 375 -4.04 3.84 -20.66
C THR A 375 -4.34 5.27 -20.23
N SER A 376 -3.33 6.05 -19.81
CA SER A 376 -3.56 7.46 -19.53
C SER A 376 -3.98 8.22 -20.79
N VAL A 377 -3.60 7.72 -21.96
CA VAL A 377 -3.97 8.32 -23.23
C VAL A 377 -4.91 7.41 -24.02
N SER A 378 -4.57 6.13 -24.12
CA SER A 378 -5.43 5.18 -24.84
C SER A 378 -6.76 5.02 -24.13
N ASP A 379 -7.82 4.79 -24.92
CA ASP A 379 -9.16 4.70 -24.35
C ASP A 379 -9.28 3.50 -23.41
N HIS A 380 -8.92 2.31 -23.89
CA HIS A 380 -9.04 1.07 -23.11
C HIS A 380 -8.43 -0.07 -23.92
N LYS A 381 -8.34 -1.23 -23.27
CA LYS A 381 -7.85 -2.45 -23.92
C LYS A 381 -8.22 -3.67 -23.08
N VAL A 382 -8.76 -4.70 -23.74
CA VAL A 382 -9.17 -5.91 -23.03
C VAL A 382 -7.95 -6.62 -22.44
N LEU A 383 -6.89 -6.78 -23.24
CA LEU A 383 -5.70 -7.45 -22.74
C LEU A 383 -5.05 -6.64 -21.63
N ASP A 384 -5.24 -5.31 -21.63
CA ASP A 384 -4.75 -4.49 -20.53
C ASP A 384 -5.37 -4.92 -19.21
N LEU A 385 -6.70 -5.03 -19.18
CA LEU A 385 -7.39 -5.46 -17.96
C LEU A 385 -6.99 -6.89 -17.59
N ILE A 386 -6.87 -7.77 -18.59
CA ILE A 386 -6.53 -9.16 -18.29
C ILE A 386 -5.15 -9.26 -17.65
N VAL A 387 -4.16 -8.55 -18.22
CA VAL A 387 -2.81 -8.61 -17.66
C VAL A 387 -2.74 -7.87 -16.33
N LEU A 388 -3.56 -6.83 -16.14
CA LEU A 388 -3.61 -6.18 -14.82
C LEU A 388 -4.09 -7.17 -13.76
N LEU A 389 -5.14 -7.93 -14.07
CA LEU A 389 -5.61 -8.96 -13.15
C LEU A 389 -4.55 -10.02 -12.92
N LEU A 390 -3.86 -10.42 -13.99
CA LEU A 390 -2.82 -11.44 -13.86
C LEU A 390 -1.69 -10.96 -12.94
N ILE A 391 -1.29 -9.70 -13.08
CA ILE A 391 -0.26 -9.14 -12.20
C ILE A 391 -0.78 -9.08 -10.77
N HIS A 392 -2.04 -8.72 -10.57
CA HIS A 392 -2.47 -8.67 -9.16
C HIS A 392 -2.15 -10.00 -8.50
N SER A 393 -2.59 -11.10 -9.11
CA SER A 393 -2.39 -12.45 -8.51
C SER A 393 -1.07 -13.05 -8.99
N THR A 394 -0.20 -12.26 -9.63
CA THR A 394 1.06 -12.80 -10.20
C THR A 394 0.86 -14.25 -10.64
N ARG A 399 1.89 -9.77 -8.50
CA ARG A 399 2.34 -8.37 -8.30
C ARG A 399 1.77 -7.92 -6.97
N LYS A 400 0.59 -8.42 -6.64
CA LYS A 400 -0.04 -8.07 -5.34
C LYS A 400 -0.11 -6.54 -5.24
N GLN A 401 0.22 -5.86 -6.35
CA GLN A 401 0.09 -4.40 -6.38
C GLN A 401 -0.21 -3.99 -7.81
N THR A 402 -1.49 -3.99 -8.15
CA THR A 402 -1.94 -3.59 -9.48
C THR A 402 -3.18 -2.71 -9.43
N GLU A 403 -3.95 -2.75 -8.35
CA GLU A 403 -5.18 -1.96 -8.25
C GLU A 403 -4.91 -0.46 -8.27
N LYS A 404 -3.68 -0.03 -8.01
CA LYS A 404 -3.38 1.40 -7.90
C LYS A 404 -3.73 2.14 -9.17
N VAL A 405 -3.32 1.60 -10.33
CA VAL A 405 -3.78 2.17 -11.59
C VAL A 405 -5.26 1.90 -11.80
N LEU A 406 -5.72 0.72 -11.38
CA LEU A 406 -7.13 0.36 -11.52
C LEU A 406 -8.02 1.34 -10.76
N ARG A 407 -7.72 1.57 -9.48
CA ARG A 407 -8.50 2.52 -8.71
C ARG A 407 -8.36 3.94 -9.25
N SER A 408 -7.26 4.24 -9.94
CA SER A 408 -7.02 5.58 -10.47
C SER A 408 -7.76 5.80 -11.79
N LYS A 409 -7.52 4.95 -12.78
CA LYS A 409 -8.11 5.15 -14.10
C LYS A 409 -9.63 5.01 -14.05
N ILE A 410 -10.13 4.06 -13.26
CA ILE A 410 -11.58 3.89 -13.14
C ILE A 410 -12.22 5.11 -12.49
N ARG A 411 -11.61 5.59 -11.40
CA ARG A 411 -12.14 6.77 -10.73
C ARG A 411 -11.97 8.04 -11.54
N LEU A 412 -11.06 8.04 -12.52
CA LEU A 412 -10.85 9.19 -13.39
C LEU A 412 -11.20 8.80 -14.83
N GLY A 413 -12.49 8.88 -15.15
CA GLY A 413 -13.00 8.78 -16.51
C GLY A 413 -12.34 7.79 -17.44
N CYS A 414 -12.22 6.52 -17.03
CA CYS A 414 -11.61 5.52 -17.89
C CYS A 414 -12.10 4.14 -17.47
N MET A 415 -11.87 3.17 -18.33
CA MET A 415 -12.28 1.79 -18.10
C MET A 415 -13.79 1.69 -17.96
N PRO A 416 -14.56 1.89 -19.03
CA PRO A 416 -16.02 1.77 -18.93
C PRO A 416 -16.44 0.36 -18.54
N GLU A 417 -17.55 0.27 -17.81
CA GLU A 417 -18.07 -1.03 -17.40
C GLU A 417 -18.49 -1.89 -18.58
N GLN A 418 -18.85 -1.26 -19.70
CA GLN A 418 -19.21 -2.03 -20.89
C GLN A 418 -18.01 -2.83 -21.40
N LEU A 419 -16.83 -2.23 -21.38
CA LEU A 419 -15.63 -2.96 -21.81
C LEU A 419 -15.37 -4.16 -20.92
N MET A 420 -15.49 -4.00 -19.60
CA MET A 420 -15.27 -5.12 -18.69
C MET A 420 -16.32 -6.21 -18.89
N GLN A 421 -17.59 -5.81 -19.08
CA GLN A 421 -18.64 -6.80 -19.31
C GLN A 421 -18.39 -7.57 -20.61
N ASN A 422 -17.98 -6.87 -21.67
CA ASN A 422 -17.68 -7.55 -22.93
C ASN A 422 -16.48 -8.47 -22.77
N ALA A 423 -15.48 -8.05 -21.99
CA ALA A 423 -14.32 -8.90 -21.72
C ALA A 423 -14.74 -10.18 -21.01
N PHE A 424 -15.59 -10.05 -19.99
CA PHE A 424 -16.05 -11.22 -19.26
C PHE A 424 -16.90 -12.13 -20.14
N GLN A 425 -17.74 -11.55 -20.99
CA GLN A 425 -18.58 -12.35 -21.88
C GLN A 425 -17.74 -13.10 -22.92
N ASN A 426 -16.73 -12.43 -23.48
CA ASN A 426 -15.94 -13.02 -24.55
C ASN A 426 -14.74 -13.79 -24.01
N HIS A 427 -13.86 -13.13 -23.26
CA HIS A 427 -12.66 -13.76 -22.72
C HIS A 427 -13.05 -14.57 -21.49
N SER A 428 -13.52 -15.80 -21.75
CA SER A 428 -13.90 -16.69 -20.66
C SER A 428 -12.70 -17.16 -19.84
N MET A 429 -11.49 -17.02 -20.39
CA MET A 429 -10.29 -17.44 -19.66
C MET A 429 -10.01 -16.57 -18.44
N VAL A 430 -10.61 -15.37 -18.37
CA VAL A 430 -10.39 -14.50 -17.22
C VAL A 430 -10.89 -15.17 -15.95
N ILE A 431 -12.13 -15.68 -15.98
CA ILE A 431 -12.64 -16.46 -14.87
C ILE A 431 -11.88 -17.78 -14.75
N LYS A 432 -11.55 -18.40 -15.89
CA LYS A 432 -10.76 -19.62 -15.88
C LYS A 432 -9.35 -19.40 -15.38
N ASP A 433 -8.87 -18.15 -15.36
CA ASP A 433 -7.54 -17.86 -14.82
C ASP A 433 -7.47 -18.21 -13.34
N PHE A 434 -8.40 -17.67 -12.55
CA PHE A 434 -8.51 -17.98 -11.13
C PHE A 434 -9.77 -17.34 -10.59
N PHE A 435 -10.31 -17.94 -9.53
CA PHE A 435 -11.59 -17.54 -8.93
C PHE A 435 -11.48 -16.34 -8.00
N PRO A 436 -10.46 -16.25 -7.11
CA PRO A 436 -10.42 -15.09 -6.18
C PRO A 436 -10.24 -13.75 -6.86
N SER A 437 -10.25 -13.72 -8.20
CA SER A 437 -10.24 -12.45 -8.91
C SER A 437 -11.40 -11.57 -8.47
N ILE A 438 -12.60 -12.14 -8.41
CA ILE A 438 -13.76 -11.38 -7.97
C ILE A 438 -13.60 -10.97 -6.51
N LEU A 439 -13.13 -11.89 -5.66
CA LEU A 439 -12.89 -11.55 -4.26
C LEU A 439 -11.74 -10.55 -4.11
N SER A 440 -10.79 -10.56 -5.04
CA SER A 440 -9.67 -9.62 -4.99
C SER A 440 -10.05 -8.22 -5.45
N LEU A 441 -11.00 -8.10 -6.38
CA LEU A 441 -11.32 -6.81 -7.00
C LEU A 441 -12.68 -6.27 -6.61
N ALA A 442 -13.76 -7.02 -6.82
CA ALA A 442 -15.10 -6.49 -6.60
C ALA A 442 -15.35 -6.20 -5.14
N GLN A 443 -14.83 -7.05 -4.24
CA GLN A 443 -15.04 -6.84 -2.81
C GLN A 443 -14.44 -5.51 -2.36
N THR A 444 -13.23 -5.19 -2.84
CA THR A 444 -12.64 -3.90 -2.53
C THR A 444 -13.33 -2.76 -3.28
N PHE A 445 -13.91 -3.06 -4.45
CA PHE A 445 -14.59 -2.03 -5.22
C PHE A 445 -15.87 -1.56 -4.56
N LEU A 446 -16.51 -2.44 -3.78
CA LEU A 446 -17.74 -2.05 -3.09
C LEU A 446 -17.48 -0.95 -2.06
N HIS A 447 -16.35 -1.03 -1.36
CA HIS A 447 -16.01 -0.05 -0.34
C HIS A 447 -15.51 1.27 -0.92
N SER A 448 -15.29 1.35 -2.23
CA SER A 448 -14.77 2.57 -2.83
C SER A 448 -15.78 3.71 -2.70
N ALA A 449 -15.26 4.92 -2.46
CA ALA A 449 -16.13 6.08 -2.32
C ALA A 449 -16.64 6.59 -3.66
N HIS A 450 -15.85 6.46 -4.72
CA HIS A 450 -16.24 6.99 -6.02
C HIS A 450 -17.45 6.21 -6.56
N PRO A 451 -18.47 6.90 -7.08
CA PRO A 451 -19.59 6.16 -7.69
C PRO A 451 -19.18 5.29 -8.85
N ALA A 452 -18.19 5.72 -9.64
CA ALA A 452 -17.69 4.88 -10.71
C ALA A 452 -17.07 3.60 -10.18
N VAL A 453 -16.38 3.70 -9.03
CA VAL A 453 -15.74 2.53 -8.44
C VAL A 453 -16.77 1.49 -8.04
N VAL A 454 -17.83 1.92 -7.33
CA VAL A 454 -18.84 0.97 -6.90
C VAL A 454 -19.65 0.45 -8.09
N SER A 455 -19.87 1.29 -9.11
CA SER A 455 -20.52 0.80 -10.32
C SER A 455 -19.71 -0.28 -11.00
N PHE A 456 -18.39 -0.07 -11.09
CA PHE A 456 -17.51 -1.09 -11.66
C PHE A 456 -17.53 -2.36 -10.82
N GLY A 457 -17.50 -2.22 -9.50
CA GLY A 457 -17.55 -3.40 -8.65
C GLY A 457 -18.83 -4.18 -8.81
N SER A 458 -19.97 -3.48 -8.88
CA SER A 458 -21.25 -4.15 -9.10
C SER A 458 -21.29 -4.85 -10.44
N CYS A 459 -20.76 -4.20 -11.49
CA CYS A 459 -20.71 -4.82 -12.80
C CYS A 459 -19.84 -6.07 -12.78
N MET A 460 -18.70 -6.01 -12.09
CA MET A 460 -17.82 -7.17 -12.00
C MET A 460 -18.49 -8.31 -11.24
N TYR A 461 -19.21 -7.99 -10.15
CA TYR A 461 -19.92 -9.04 -9.42
C TYR A 461 -21.02 -9.66 -10.29
N LYS A 462 -21.75 -8.82 -11.04
CA LYS A 462 -22.80 -9.34 -11.91
C LYS A 462 -22.21 -10.25 -12.99
N GLN A 463 -21.08 -9.85 -13.57
CA GLN A 463 -20.43 -10.68 -14.58
C GLN A 463 -19.93 -11.99 -13.96
N ALA A 464 -19.37 -11.93 -12.75
CA ALA A 464 -18.89 -13.13 -12.09
C ALA A 464 -20.03 -14.08 -11.75
N PHE A 465 -21.22 -13.56 -11.47
CA PHE A 465 -22.37 -14.42 -11.27
C PHE A 465 -22.73 -15.18 -12.54
N ALA A 466 -22.38 -14.64 -13.70
CA ALA A 466 -22.70 -15.27 -14.97
C ALA A 466 -21.80 -16.47 -15.31
N VAL A 467 -20.74 -16.70 -14.55
CA VAL A 467 -19.83 -17.80 -14.85
C VAL A 467 -20.53 -19.13 -14.60
N PHE A 468 -20.05 -20.17 -15.26
CA PHE A 468 -20.63 -21.51 -15.15
C PHE A 468 -20.06 -22.31 -14.01
N ASP A 469 -19.01 -21.83 -13.33
CA ASP A 469 -18.40 -22.57 -12.24
C ASP A 469 -19.36 -22.64 -11.07
N SER A 470 -19.93 -23.82 -10.83
CA SER A 470 -20.92 -23.98 -9.77
C SER A 470 -20.32 -23.67 -8.40
N TYR A 471 -19.12 -24.20 -8.13
CA TYR A 471 -18.45 -23.88 -6.88
C TYR A 471 -18.08 -22.41 -6.82
N CYS A 472 -17.56 -21.86 -7.91
CA CYS A 472 -17.23 -20.43 -7.95
C CYS A 472 -18.47 -19.57 -7.79
N GLN A 473 -19.56 -19.93 -8.47
CA GLN A 473 -20.80 -19.17 -8.34
C GLN A 473 -21.33 -19.22 -6.91
N GLN A 474 -21.28 -20.40 -6.29
CA GLN A 474 -21.75 -20.53 -4.91
C GLN A 474 -20.89 -19.70 -3.97
N GLU A 475 -19.57 -19.72 -4.15
CA GLU A 475 -18.69 -18.91 -3.32
C GLU A 475 -18.97 -17.42 -3.50
N VAL A 476 -19.18 -16.99 -4.74
CA VAL A 476 -19.47 -15.59 -5.01
C VAL A 476 -20.79 -15.18 -4.37
N VAL A 477 -21.81 -16.03 -4.48
CA VAL A 477 -23.11 -15.71 -3.90
C VAL A 477 -23.02 -15.68 -2.37
N CYS A 478 -22.25 -16.59 -1.79
CA CYS A 478 -22.06 -16.58 -0.34
C CYS A 478 -21.34 -15.30 0.10
N ALA A 479 -20.32 -14.87 -0.64
CA ALA A 479 -19.66 -13.62 -0.34
C ALA A 479 -20.63 -12.44 -0.49
N LEU A 480 -21.49 -12.49 -1.50
CA LEU A 480 -22.46 -11.42 -1.71
C LEU A 480 -23.46 -11.33 -0.56
N VAL A 481 -23.95 -12.48 -0.07
CA VAL A 481 -24.88 -12.44 1.04
C VAL A 481 -24.16 -12.08 2.34
N THR A 482 -22.86 -12.40 2.44
CA THR A 482 -22.08 -11.93 3.57
C THR A 482 -21.97 -10.40 3.56
N HIS A 483 -21.73 -9.83 2.38
CA HIS A 483 -21.65 -8.37 2.26
C HIS A 483 -23.01 -7.74 2.53
N VAL A 484 -24.09 -8.39 2.10
CA VAL A 484 -25.44 -7.88 2.35
C VAL A 484 -25.76 -7.91 3.84
N CYS A 485 -25.39 -8.99 4.52
CA CYS A 485 -25.65 -9.10 5.95
C CYS A 485 -24.74 -8.18 6.75
N SER A 486 -23.46 -8.16 6.44
CA SER A 486 -22.49 -7.33 7.15
C SER A 486 -21.75 -6.45 6.16
N GLY A 487 -21.75 -5.15 6.42
CA GLY A 487 -21.07 -4.20 5.57
C GLY A 487 -21.74 -2.85 5.66
N ASN A 488 -21.24 -1.92 4.84
CA ASN A 488 -21.81 -0.59 4.78
C ASN A 488 -23.23 -0.65 4.21
N GLU A 489 -24.09 0.25 4.71
CA GLU A 489 -25.50 0.23 4.30
C GLU A 489 -25.64 0.38 2.79
N THR A 490 -24.82 1.23 2.18
CA THR A 490 -24.82 1.34 0.73
C THR A 490 -24.41 0.02 0.08
N GLU A 491 -23.41 -0.66 0.68
CA GLU A 491 -23.02 -1.97 0.17
C GLU A 491 -24.17 -2.96 0.27
N LEU A 492 -24.90 -2.96 1.38
CA LEU A 492 -26.04 -3.85 1.53
C LEU A 492 -27.08 -3.56 0.44
N ASP A 493 -27.40 -2.28 0.25
CA ASP A 493 -28.42 -1.91 -0.73
C ASP A 493 -28.01 -2.33 -2.14
N ILE A 494 -26.74 -2.10 -2.49
CA ILE A 494 -26.28 -2.48 -3.83
C ILE A 494 -26.28 -4.00 -3.98
N SER A 495 -25.94 -4.72 -2.91
CA SER A 495 -25.96 -6.18 -2.97
C SER A 495 -27.38 -6.68 -3.24
N LEU A 496 -28.37 -6.15 -2.54
CA LEU A 496 -29.75 -6.57 -2.79
C LEU A 496 -30.19 -6.16 -4.20
N ASP A 497 -29.82 -4.96 -4.64
CA ASP A 497 -30.22 -4.50 -5.96
C ASP A 497 -29.67 -5.41 -7.04
N VAL A 498 -28.40 -5.81 -6.92
CA VAL A 498 -27.83 -6.73 -7.90
C VAL A 498 -28.43 -8.12 -7.76
N LEU A 499 -28.78 -8.53 -6.54
CA LEU A 499 -29.46 -9.81 -6.34
C LEU A 499 -30.78 -9.87 -7.08
N THR A 500 -31.47 -8.72 -7.17
CA THR A 500 -32.70 -8.68 -7.97
C THR A 500 -32.43 -9.12 -9.41
N ASP A 501 -31.40 -8.54 -10.03
CA ASP A 501 -31.07 -8.92 -11.40
C ASP A 501 -30.60 -10.37 -11.48
N LEU A 502 -29.84 -10.82 -10.48
CA LEU A 502 -29.34 -12.19 -10.50
C LEU A 502 -30.46 -13.20 -10.43
N VAL A 503 -31.46 -12.96 -9.57
CA VAL A 503 -32.59 -13.88 -9.49
C VAL A 503 -33.49 -13.75 -10.72
N ILE A 504 -33.58 -12.55 -11.30
CA ILE A 504 -34.38 -12.39 -12.52
C ILE A 504 -33.78 -13.18 -13.67
N LEU A 505 -32.46 -13.11 -13.83
CA LEU A 505 -31.81 -13.79 -14.95
C LEU A 505 -31.90 -15.31 -14.82
N HIS A 506 -31.54 -15.84 -13.65
CA HIS A 506 -31.54 -17.29 -13.43
C HIS A 506 -32.09 -17.56 -12.05
N PRO A 507 -33.41 -17.71 -11.91
CA PRO A 507 -33.98 -17.98 -10.59
C PRO A 507 -33.45 -19.25 -9.95
N SER A 508 -33.25 -20.31 -10.74
CA SER A 508 -32.70 -21.55 -10.19
C SER A 508 -31.27 -21.35 -9.71
N LEU A 509 -30.46 -20.61 -10.47
CA LEU A 509 -29.08 -20.38 -10.10
C LEU A 509 -28.99 -19.67 -8.75
N LEU A 510 -29.86 -18.68 -8.52
CA LEU A 510 -29.86 -17.99 -7.23
C LEU A 510 -30.43 -18.88 -6.13
N LEU A 511 -31.53 -19.56 -6.38
CA LEU A 511 -32.13 -20.37 -5.32
C LEU A 511 -31.27 -21.58 -4.97
N ARG A 512 -30.25 -21.90 -5.77
CA ARG A 512 -29.29 -22.92 -5.39
C ARG A 512 -28.66 -22.60 -4.02
N TYR A 513 -28.17 -21.37 -3.86
CA TYR A 513 -27.69 -20.89 -2.57
C TYR A 513 -28.76 -20.09 -1.82
N ALA A 514 -29.96 -20.00 -2.38
CA ALA A 514 -31.03 -19.23 -1.75
C ALA A 514 -31.38 -19.75 -0.37
N THR A 515 -31.18 -21.05 -0.13
CA THR A 515 -31.42 -21.57 1.22
C THR A 515 -30.54 -20.87 2.24
N PHE A 516 -29.22 -20.85 1.99
CA PHE A 516 -28.30 -20.17 2.88
C PHE A 516 -28.56 -18.67 2.92
N VAL A 517 -28.89 -18.08 1.76
CA VAL A 517 -29.13 -16.63 1.70
C VAL A 517 -30.32 -16.25 2.58
N LYS A 518 -31.42 -17.00 2.45
CA LYS A 518 -32.62 -16.71 3.25
C LYS A 518 -32.39 -17.02 4.72
N THR A 519 -31.62 -18.08 5.01
CA THR A 519 -31.30 -18.36 6.41
C THR A 519 -30.51 -17.23 7.04
N ILE A 520 -29.54 -16.69 6.31
CA ILE A 520 -28.77 -15.56 6.82
C ILE A 520 -29.65 -14.32 6.97
N LEU A 521 -30.52 -14.07 5.99
CA LEU A 521 -31.37 -12.89 6.05
C LEU A 521 -32.32 -12.95 7.24
N ASP A 522 -32.95 -14.12 7.46
CA ASP A 522 -33.83 -14.28 8.61
C ASP A 522 -33.06 -14.20 9.92
N SER A 523 -31.88 -14.83 9.96
CA SER A 523 -31.08 -14.81 11.19
C SER A 523 -30.60 -13.40 11.51
N MET A 524 -30.23 -12.62 10.50
CA MET A 524 -29.74 -11.27 10.71
C MET A 524 -30.88 -10.39 11.18
N GLN A 525 -30.92 -10.11 12.49
CA GLN A 525 -31.96 -9.25 13.04
C GLN A 525 -31.82 -7.80 12.58
N LYS A 526 -30.63 -7.39 12.15
CA LYS A 526 -30.39 -6.04 11.69
C LYS A 526 -30.70 -5.96 10.20
N LEU A 527 -31.72 -5.20 9.85
CA LEU A 527 -32.12 -5.04 8.44
C LEU A 527 -32.98 -3.79 8.29
N ASN A 528 -32.57 -2.86 7.44
CA ASN A 528 -33.32 -1.64 7.23
C ASN A 528 -34.68 -1.97 6.61
N PRO A 529 -35.71 -1.20 6.95
CA PRO A 529 -37.04 -1.47 6.39
C PRO A 529 -37.06 -1.54 4.87
N CYS A 530 -36.31 -0.68 4.20
CA CYS A 530 -36.19 -0.79 2.74
C CYS A 530 -35.51 -2.10 2.36
N GLN A 531 -34.46 -2.48 3.09
CA GLN A 531 -33.83 -3.77 2.86
C GLN A 531 -34.77 -4.92 3.20
N ILE A 532 -35.62 -4.73 4.21
CA ILE A 532 -36.63 -5.73 4.53
C ILE A 532 -37.55 -5.95 3.35
N ARG A 533 -38.05 -4.85 2.77
CA ARG A 533 -38.90 -4.98 1.58
C ARG A 533 -38.14 -5.66 0.44
N LYS A 534 -36.90 -5.24 0.20
CA LYS A 534 -36.14 -5.77 -0.92
C LYS A 534 -35.95 -7.27 -0.80
N LEU A 535 -35.52 -7.74 0.39
CA LEU A 535 -35.33 -9.17 0.59
C LEU A 535 -36.65 -9.92 0.51
N PHE A 536 -37.65 -9.50 1.28
CA PHE A 536 -38.89 -10.24 1.35
C PHE A 536 -39.60 -10.30 0.01
N TYR A 537 -39.36 -9.31 -0.86
CA TYR A 537 -40.02 -9.24 -2.16
C TYR A 537 -39.89 -10.55 -2.93
N ILE A 538 -38.73 -11.20 -2.86
CA ILE A 538 -38.56 -12.48 -3.53
C ILE A 538 -38.56 -13.60 -2.50
N LEU A 539 -38.14 -13.29 -1.27
CA LEU A 539 -38.09 -14.33 -0.23
C LEU A 539 -39.46 -14.93 0.05
N SER A 540 -40.54 -14.17 -0.17
CA SER A 540 -41.87 -14.66 0.09
C SER A 540 -42.59 -15.19 -1.14
N THR A 541 -42.12 -14.86 -2.34
CA THR A 541 -42.83 -15.22 -3.56
C THR A 541 -42.03 -16.14 -4.48
N LEU A 542 -40.84 -16.60 -4.07
CA LEU A 542 -40.08 -17.51 -4.90
C LEU A 542 -40.85 -18.81 -5.14
N ALA A 543 -41.52 -19.33 -4.10
CA ALA A 543 -42.27 -20.56 -4.25
C ALA A 543 -43.43 -20.38 -5.23
N PHE A 544 -44.16 -19.27 -5.12
CA PHE A 544 -45.26 -19.03 -6.04
C PHE A 544 -44.76 -18.84 -7.47
N SER A 545 -43.62 -18.16 -7.64
CA SER A 545 -43.03 -18.04 -8.96
C SER A 545 -42.41 -19.35 -9.41
N GLN A 546 -41.42 -19.85 -8.66
CA GLN A 546 -40.79 -21.14 -8.95
C GLN A 546 -41.56 -22.23 -8.20
N ARG A 547 -42.68 -22.64 -8.79
CA ARG A 547 -43.56 -23.61 -8.16
C ARG A 547 -42.99 -25.02 -8.12
N GLN A 548 -41.90 -25.27 -8.84
CA GLN A 548 -41.36 -26.63 -8.91
C GLN A 548 -40.84 -27.10 -7.56
N GLU A 549 -39.94 -26.32 -6.95
CA GLU A 549 -39.32 -26.74 -5.70
C GLU A 549 -39.12 -25.61 -4.69
N GLY A 550 -39.75 -24.47 -4.86
CA GLY A 550 -39.54 -23.36 -3.96
C GLY A 550 -40.32 -23.40 -2.67
N SER A 551 -41.13 -24.45 -2.45
CA SER A 551 -42.03 -24.48 -1.30
C SER A 551 -41.30 -24.47 0.04
N TYR A 552 -40.02 -24.88 0.07
CA TYR A 552 -39.30 -24.92 1.34
C TYR A 552 -39.12 -23.52 1.91
N ILE A 553 -38.70 -22.57 1.07
CA ILE A 553 -38.49 -21.20 1.55
C ILE A 553 -39.82 -20.58 1.99
N GLN A 554 -40.89 -20.80 1.23
CA GLN A 554 -42.19 -20.28 1.60
C GLN A 554 -42.66 -20.86 2.92
N ASP A 555 -42.46 -22.16 3.12
CA ASP A 555 -42.85 -22.79 4.37
C ASP A 555 -42.06 -22.21 5.53
N ASP A 556 -40.75 -22.03 5.36
CA ASP A 556 -39.93 -21.46 6.42
C ASP A 556 -40.39 -20.04 6.77
N MET A 557 -40.64 -19.22 5.74
CA MET A 557 -41.08 -17.85 5.99
C MET A 557 -42.45 -17.82 6.67
N HIS A 558 -43.38 -18.66 6.22
CA HIS A 558 -44.70 -18.69 6.85
C HIS A 558 -44.60 -19.16 8.29
N MET A 559 -43.79 -20.18 8.56
CA MET A 559 -43.62 -20.63 9.94
C MET A 559 -43.02 -19.54 10.81
N VAL A 560 -42.00 -18.84 10.31
CA VAL A 560 -41.34 -17.83 11.13
C VAL A 560 -42.27 -16.64 11.38
N ILE A 561 -43.07 -16.26 10.38
CA ILE A 561 -43.99 -15.15 10.62
C ILE A 561 -45.11 -15.57 11.56
N ARG A 562 -45.64 -16.79 11.40
CA ARG A 562 -46.65 -17.28 12.32
C ARG A 562 -46.13 -17.31 13.74
N LYS A 563 -44.87 -17.67 13.93
CA LYS A 563 -44.25 -17.60 15.24
C LYS A 563 -43.89 -16.17 15.65
N TRP A 564 -43.93 -15.21 14.73
CA TRP A 564 -43.55 -13.84 15.05
C TRP A 564 -44.64 -12.81 14.78
N LEU A 565 -45.71 -13.15 14.07
CA LEU A 565 -46.82 -12.21 13.96
C LEU A 565 -47.47 -11.98 15.31
N SER A 566 -47.58 -13.04 16.12
CA SER A 566 -47.99 -12.92 17.51
C SER A 566 -46.79 -12.92 18.46
N SER A 567 -45.57 -12.86 17.92
CA SER A 567 -44.37 -12.87 18.74
C SER A 567 -44.27 -11.58 19.55
N SER A 568 -43.47 -11.66 20.61
CA SER A 568 -43.30 -10.54 21.54
C SER A 568 -42.21 -9.56 21.12
N VAL A 569 -41.90 -9.48 19.83
CA VAL A 569 -40.86 -8.59 19.33
C VAL A 569 -41.45 -7.71 18.23
N PRO A 570 -42.22 -6.67 18.58
CA PRO A 570 -42.84 -5.82 17.54
C PRO A 570 -41.82 -5.14 16.64
N ASN A 571 -40.63 -4.83 17.15
CA ASN A 571 -39.57 -4.27 16.32
C ASN A 571 -39.21 -5.25 15.21
N HIS A 572 -39.48 -4.89 13.97
CA HIS A 572 -39.30 -5.72 12.77
C HIS A 572 -40.40 -6.76 12.61
N LYS A 573 -41.35 -6.86 13.54
CA LYS A 573 -42.46 -7.79 13.35
C LYS A 573 -43.30 -7.41 12.14
N GLN A 574 -43.45 -6.12 11.88
CA GLN A 574 -44.14 -5.68 10.67
C GLN A 574 -43.40 -6.05 9.40
N MET A 575 -42.14 -6.50 9.51
CA MET A 575 -41.46 -7.04 8.33
C MET A 575 -42.20 -8.22 7.75
N GLY A 576 -42.90 -9.00 8.59
CA GLY A 576 -43.68 -10.10 8.08
C GLY A 576 -44.82 -9.67 7.20
N ILE A 577 -45.62 -8.70 7.67
CA ILE A 577 -46.70 -8.20 6.81
C ILE A 577 -46.11 -7.47 5.62
N ILE A 578 -44.92 -6.87 5.75
CA ILE A 578 -44.26 -6.26 4.60
C ILE A 578 -43.97 -7.31 3.54
N GLY A 579 -43.45 -8.47 3.96
CA GLY A 579 -43.25 -9.56 3.03
C GLY A 579 -44.55 -10.07 2.44
N ALA A 580 -45.63 -10.03 3.22
CA ALA A 580 -46.94 -10.37 2.68
C ALA A 580 -47.31 -9.41 1.54
N VAL A 581 -47.14 -8.11 1.77
CA VAL A 581 -47.40 -7.12 0.72
C VAL A 581 -46.52 -7.40 -0.50
N THR A 582 -45.27 -7.78 -0.27
CA THR A 582 -44.41 -8.14 -1.39
C THR A 582 -44.96 -9.34 -2.15
N MET A 583 -45.50 -10.32 -1.43
CA MET A 583 -46.07 -11.51 -2.06
C MET A 583 -47.26 -11.15 -2.94
N MET A 584 -48.19 -10.34 -2.42
CA MET A 584 -49.30 -9.90 -3.26
C MET A 584 -48.83 -9.04 -4.43
N GLY A 585 -47.84 -8.19 -4.22
CA GLY A 585 -47.31 -7.41 -5.32
C GLY A 585 -46.75 -8.28 -6.43
N SER A 586 -46.01 -9.32 -6.06
CA SER A 586 -45.53 -10.28 -7.06
C SER A 586 -46.71 -10.96 -7.74
N VAL A 587 -47.71 -11.38 -6.96
CA VAL A 587 -48.94 -11.91 -7.55
C VAL A 587 -49.73 -10.82 -8.26
N ALA A 588 -49.46 -9.55 -7.94
CA ALA A 588 -50.14 -8.42 -8.55
C ALA A 588 -49.44 -7.88 -9.79
N LEU A 589 -48.69 -8.72 -10.50
CA LEU A 589 -48.01 -8.31 -11.71
C LEU A 589 -48.99 -8.12 -12.86
N GLU A 607 -55.15 -21.09 -6.93
CA GLU A 607 -53.87 -20.57 -7.35
C GLU A 607 -53.07 -20.03 -6.17
N CYS A 608 -52.40 -18.89 -6.38
CA CYS A 608 -51.61 -18.27 -5.32
C CYS A 608 -52.46 -17.64 -4.23
N ASP A 609 -53.78 -17.55 -4.43
CA ASP A 609 -54.65 -16.93 -3.43
C ASP A 609 -54.66 -17.68 -2.12
N GLY A 610 -54.34 -18.99 -2.12
CA GLY A 610 -54.37 -19.75 -0.90
C GLY A 610 -53.32 -19.29 0.10
N GLN A 611 -52.09 -19.07 -0.37
CA GLN A 611 -51.03 -18.62 0.52
C GLN A 611 -51.32 -17.23 1.08
N LEU A 612 -51.84 -16.34 0.23
CA LEU A 612 -52.20 -15.00 0.70
C LEU A 612 -53.32 -15.07 1.72
N SER A 613 -54.32 -15.93 1.49
CA SER A 613 -55.41 -16.08 2.44
C SER A 613 -54.90 -16.63 3.78
N THR A 614 -53.99 -17.60 3.74
CA THR A 614 -53.43 -18.14 4.97
C THR A 614 -52.64 -17.09 5.73
N LEU A 615 -51.83 -16.29 5.01
CA LEU A 615 -51.07 -15.23 5.66
C LEU A 615 -51.99 -14.19 6.27
N LEU A 616 -53.06 -13.82 5.55
CA LEU A 616 -54.00 -12.84 6.08
C LEU A 616 -54.73 -13.38 7.31
N ASP A 617 -55.10 -14.66 7.29
CA ASP A 617 -55.74 -15.26 8.45
C ASP A 617 -54.81 -15.27 9.65
N LEU A 618 -53.53 -15.61 9.43
CA LEU A 618 -52.56 -15.59 10.52
C LEU A 618 -52.40 -14.17 11.08
N VAL A 619 -52.32 -13.18 10.20
CA VAL A 619 -52.17 -11.79 10.64
C VAL A 619 -53.39 -11.35 11.44
N GLY A 620 -54.58 -11.68 10.96
CA GLY A 620 -55.79 -11.31 11.69
C GLY A 620 -55.88 -11.99 13.03
N PHE A 621 -55.48 -13.26 13.10
CA PHE A 621 -55.46 -13.95 14.39
C PHE A 621 -54.47 -13.31 15.35
N CYS A 622 -53.30 -12.91 14.85
CA CYS A 622 -52.28 -12.30 15.69
C CYS A 622 -52.56 -10.83 16.01
N CYS A 623 -53.51 -10.21 15.32
CA CYS A 623 -53.84 -8.81 15.53
C CYS A 623 -55.32 -8.63 15.90
N GLU A 624 -55.83 -9.51 16.76
CA GLU A 624 -57.21 -9.42 17.19
C GLU A 624 -57.46 -8.15 17.99
N GLN A 625 -56.53 -7.78 18.86
CA GLN A 625 -56.68 -6.61 19.71
C GLN A 625 -55.51 -5.63 19.61
N THR A 626 -54.64 -5.79 18.62
CA THR A 626 -53.52 -4.88 18.46
C THR A 626 -54.02 -3.57 17.85
N PRO A 627 -53.79 -2.42 18.50
CA PRO A 627 -54.22 -1.14 17.92
C PRO A 627 -53.50 -0.83 16.63
N GLU A 628 -52.16 -0.86 16.66
CA GLU A 628 -51.37 -0.61 15.47
C GLU A 628 -51.21 -1.89 14.64
N VAL A 629 -52.32 -2.57 14.37
CA VAL A 629 -52.34 -3.75 13.52
C VAL A 629 -53.08 -3.47 12.22
N LEU A 630 -54.36 -3.08 12.31
CA LEU A 630 -55.09 -2.68 11.12
C LEU A 630 -54.51 -1.39 10.54
N ALA A 631 -53.93 -0.54 11.39
CA ALA A 631 -53.27 0.68 10.90
C ALA A 631 -52.16 0.35 9.92
N LEU A 632 -51.13 -0.37 10.40
CA LEU A 632 -49.98 -0.66 9.54
C LEU A 632 -50.35 -1.63 8.42
N TYR A 633 -51.28 -2.55 8.65
CA TYR A 633 -51.71 -3.47 7.59
C TYR A 633 -52.39 -2.71 6.46
N TYR A 634 -53.28 -1.77 6.81
CA TYR A 634 -53.91 -0.94 5.79
C TYR A 634 -52.91 0.00 5.13
N ASP A 635 -51.93 0.49 5.89
CA ASP A 635 -50.87 1.29 5.28
C ASP A 635 -50.10 0.48 4.25
N GLU A 636 -49.81 -0.77 4.57
CA GLU A 636 -49.11 -1.66 3.64
C GLU A 636 -49.93 -1.90 2.38
N LEU A 637 -51.24 -2.14 2.54
CA LEU A 637 -52.09 -2.31 1.36
C LEU A 637 -52.14 -1.05 0.52
N ALA A 638 -52.23 0.11 1.17
CA ALA A 638 -52.22 1.37 0.44
C ALA A 638 -50.94 1.51 -0.36
N ASN A 639 -49.80 1.22 0.26
CA ASN A 639 -48.53 1.26 -0.45
C ASN A 639 -48.52 0.26 -1.61
N LEU A 640 -49.09 -0.92 -1.39
CA LEU A 640 -49.18 -1.93 -2.45
C LEU A 640 -49.85 -1.38 -3.69
N ILE A 641 -51.12 -0.99 -3.56
CA ILE A 641 -51.84 -0.54 -4.75
C ILE A 641 -51.24 0.76 -5.29
N GLU A 642 -50.71 1.62 -4.42
CA GLU A 642 -50.09 2.85 -4.90
C GLU A 642 -48.87 2.58 -5.77
N LYS A 643 -48.03 1.62 -5.36
CA LYS A 643 -46.74 1.41 -6.04
C LYS A 643 -46.82 0.34 -7.13
N GLN A 644 -47.19 -0.89 -6.76
CA GLN A 644 -47.15 -2.01 -7.69
C GLN A 644 -48.42 -2.86 -7.64
N LYS A 645 -49.58 -2.22 -7.42
CA LYS A 645 -50.86 -2.90 -7.39
C LYS A 645 -51.60 -2.80 -8.71
N GLY A 646 -50.98 -2.24 -9.75
CA GLY A 646 -51.68 -2.02 -11.00
C GLY A 646 -52.12 -3.31 -11.68
N ASN A 647 -51.26 -4.32 -11.67
CA ASN A 647 -51.54 -5.58 -12.34
C ASN A 647 -52.29 -6.57 -11.47
N LEU A 648 -52.65 -6.18 -10.24
CA LEU A 648 -53.37 -7.08 -9.35
C LEU A 648 -54.76 -7.39 -9.90
N ASP A 649 -55.13 -8.66 -9.83
CA ASP A 649 -56.45 -9.08 -10.29
C ASP A 649 -57.53 -8.50 -9.38
N LEU A 650 -58.71 -8.29 -9.95
CA LEU A 650 -59.82 -7.73 -9.18
C LEU A 650 -60.21 -8.66 -8.04
N GLN A 651 -60.26 -9.97 -8.31
CA GLN A 651 -60.61 -10.92 -7.27
C GLN A 651 -59.56 -10.95 -6.16
N LEU A 652 -58.28 -10.91 -6.53
CA LEU A 652 -57.21 -10.91 -5.53
C LEU A 652 -57.27 -9.66 -4.66
N LEU A 653 -57.45 -8.49 -5.30
CA LEU A 653 -57.55 -7.25 -4.55
C LEU A 653 -58.77 -7.25 -3.64
N ASP A 654 -59.90 -7.80 -4.12
CA ASP A 654 -61.08 -7.91 -3.28
C ASP A 654 -60.82 -8.78 -2.07
N LYS A 655 -60.29 -9.98 -2.28
CA LYS A 655 -60.00 -10.87 -1.16
C LYS A 655 -59.00 -10.25 -0.19
N PHE A 656 -58.09 -9.43 -0.68
CA PHE A 656 -57.12 -8.80 0.20
C PHE A 656 -57.75 -7.68 1.03
N GLY A 657 -58.57 -6.83 0.40
CA GLY A 657 -58.99 -5.61 1.07
C GLY A 657 -60.45 -5.21 0.96
N LYS A 658 -61.37 -6.17 0.89
CA LYS A 658 -62.79 -5.86 0.83
C LYS A 658 -63.42 -5.70 2.20
N SER A 659 -62.63 -5.77 3.27
CA SER A 659 -63.13 -5.56 4.63
C SER A 659 -63.62 -4.15 4.88
N LEU A 660 -63.56 -3.26 3.88
CA LEU A 660 -64.09 -1.91 4.05
C LEU A 660 -65.60 -1.94 4.30
N VAL A 661 -66.33 -2.77 3.57
CA VAL A 661 -67.78 -2.84 3.71
C VAL A 661 -68.19 -3.33 5.08
N GLU A 662 -67.31 -4.01 5.81
CA GLU A 662 -67.60 -4.46 7.15
C GLU A 662 -67.10 -3.49 8.21
N ASP A 663 -65.96 -2.84 7.96
CA ASP A 663 -65.36 -1.94 8.94
C ASP A 663 -65.98 -0.55 8.89
N PHE A 664 -65.89 0.10 7.72
CA PHE A 664 -66.25 1.52 7.62
C PHE A 664 -67.70 1.81 7.99
N PRO A 665 -68.72 1.22 7.34
CA PRO A 665 -70.09 1.61 7.68
C PRO A 665 -70.58 1.04 8.99
N ASN A 666 -69.93 -0.01 9.51
CA ASN A 666 -70.37 -0.59 10.77
C ASN A 666 -70.11 0.34 11.95
N ASP A 667 -68.89 0.89 12.05
CA ASP A 667 -68.54 1.68 13.22
C ASP A 667 -67.69 2.91 12.94
N PHE A 668 -67.38 3.21 11.67
CA PHE A 668 -66.59 4.40 11.33
C PHE A 668 -67.35 5.37 10.44
N VAL A 669 -68.44 4.97 9.81
CA VAL A 669 -69.26 5.86 9.01
C VAL A 669 -70.28 6.51 9.93
N VAL A 670 -70.09 7.78 10.22
CA VAL A 670 -70.94 8.51 11.16
C VAL A 670 -72.32 8.74 10.55
N ASP A 671 -73.27 9.15 11.38
CA ASP A 671 -74.62 9.46 10.95
C ASP A 671 -74.81 10.97 10.86
N LEU A 672 -75.59 11.40 9.87
CA LEU A 672 -75.81 12.82 9.62
C LEU A 672 -76.92 13.41 10.47
N SER A 673 -77.55 12.61 11.33
CA SER A 673 -78.63 13.12 12.16
C SER A 673 -78.09 14.16 13.13
N PRO A 674 -78.86 15.19 13.45
CA PRO A 674 -78.36 16.23 14.37
C PRO A 674 -78.52 15.85 15.83
N THR A 675 -78.77 14.57 16.09
CA THR A 675 -79.00 14.06 17.44
C THR A 675 -77.73 13.54 18.10
N VAL A 676 -76.58 14.12 17.77
CA VAL A 676 -75.31 13.68 18.34
C VAL A 676 -75.21 14.19 19.76
N ASP A 677 -75.10 13.27 20.72
CA ASP A 677 -74.95 13.64 22.12
C ASP A 677 -74.30 12.47 22.85
N GLY A 678 -73.65 12.78 23.96
CA GLY A 678 -72.98 11.76 24.74
C GLY A 678 -72.05 12.39 25.77
N SER A 679 -71.13 11.57 26.26
CA SER A 679 -70.15 12.02 27.26
C SER A 679 -68.88 12.53 26.58
N PHE A 680 -69.09 13.47 25.66
CA PHE A 680 -67.98 14.11 24.96
C PHE A 680 -67.53 15.34 25.73
N LEU A 681 -66.24 15.68 25.57
CA LEU A 681 -65.69 16.85 26.25
C LEU A 681 -66.31 18.13 25.72
N PHE A 682 -66.78 18.13 24.49
CA PHE A 682 -67.42 19.28 23.88
C PHE A 682 -68.56 18.80 22.98
N PRO A 683 -69.54 19.65 22.71
CA PRO A 683 -70.64 19.24 21.83
C PRO A 683 -70.19 19.09 20.40
N VAL A 684 -71.00 18.36 19.64
CA VAL A 684 -70.70 18.06 18.23
C VAL A 684 -71.34 19.13 17.36
N LYS A 685 -70.51 19.82 16.57
CA LYS A 685 -70.98 20.81 15.62
C LYS A 685 -70.41 20.46 14.25
N SER A 686 -71.28 20.45 13.24
CA SER A 686 -70.89 20.07 11.88
C SER A 686 -70.14 21.23 11.21
N LEU A 687 -68.91 21.44 11.66
CA LEU A 687 -68.05 22.44 11.04
C LEU A 687 -67.87 22.11 9.57
N TYR A 688 -67.94 23.14 8.73
CA TYR A 688 -67.87 22.98 7.27
C TYR A 688 -68.95 21.99 6.81
N ASN A 689 -70.19 22.39 7.00
CA ASN A 689 -71.34 21.56 6.67
C ASN A 689 -71.34 21.22 5.18
N LEU A 690 -72.13 20.20 4.83
CA LEU A 690 -72.19 19.76 3.45
C LEU A 690 -72.78 20.84 2.57
N ASP A 691 -72.21 20.99 1.37
CA ASP A 691 -72.70 22.00 0.43
C ASP A 691 -74.11 21.67 -0.04
N GLU A 692 -74.39 20.40 -0.30
CA GLU A 692 -75.70 19.96 -0.78
C GLU A 692 -76.55 19.57 0.42
N ASP A 693 -77.26 20.55 0.98
CA ASP A 693 -78.13 20.31 2.11
C ASP A 693 -79.40 19.61 1.65
N GLU A 694 -79.81 18.57 2.38
CA GLU A 694 -80.99 17.75 2.15
C GLU A 694 -80.85 16.80 0.98
N THR A 695 -79.75 16.86 0.21
CA THR A 695 -79.55 15.88 -0.86
C THR A 695 -79.16 14.52 -0.29
N GLN A 696 -78.25 14.51 0.68
CA GLN A 696 -77.84 13.27 1.35
C GLN A 696 -77.55 13.64 2.82
N GLY A 697 -78.56 13.47 3.66
CA GLY A 697 -78.40 13.82 5.06
C GLY A 697 -77.43 12.93 5.80
N ALA A 698 -77.43 11.64 5.47
CA ALA A 698 -76.64 10.65 6.20
C ALA A 698 -75.14 10.80 6.00
N ILE A 699 -74.70 11.66 5.08
CA ILE A 699 -73.28 11.80 4.78
C ILE A 699 -72.60 12.65 5.84
N ALA A 700 -72.07 12.01 6.87
CA ALA A 700 -71.31 12.69 7.92
C ALA A 700 -70.42 11.67 8.60
N ILE A 701 -69.42 12.18 9.33
CA ILE A 701 -68.47 11.35 10.06
C ILE A 701 -68.52 11.75 11.52
N ASN A 702 -68.77 10.76 12.40
CA ASN A 702 -68.92 11.01 13.82
C ASN A 702 -67.55 10.87 14.49
N LEU A 703 -66.76 11.95 14.39
CA LEU A 703 -65.39 11.92 14.88
C LEU A 703 -65.34 11.73 16.40
N LEU A 704 -66.11 12.53 17.14
CA LEU A 704 -66.11 12.41 18.59
C LEU A 704 -66.53 11.03 19.06
N PRO A 705 -67.58 10.39 18.52
CA PRO A 705 -67.82 8.99 18.86
C PRO A 705 -66.66 8.07 18.48
N LEU A 706 -65.92 8.41 17.43
CA LEU A 706 -64.80 7.56 17.04
C LEU A 706 -63.61 7.72 17.98
N VAL A 707 -63.53 8.84 18.71
CA VAL A 707 -62.46 9.05 19.68
C VAL A 707 -62.97 8.98 21.12
N SER A 708 -64.08 9.66 21.40
CA SER A 708 -64.64 9.67 22.76
C SER A 708 -64.45 11.04 23.41
N VAL A 727 -62.96 1.08 16.34
CA VAL A 727 -63.16 2.45 16.80
C VAL A 727 -61.83 3.05 17.25
N SER A 728 -60.85 3.03 16.36
CA SER A 728 -59.53 3.59 16.65
C SER A 728 -59.34 4.88 15.87
N PRO A 729 -59.21 6.02 16.54
CA PRO A 729 -58.98 7.27 15.79
C PRO A 729 -57.68 7.27 15.01
N ILE A 730 -56.64 6.61 15.53
CA ILE A 730 -55.37 6.52 14.81
C ILE A 730 -55.55 5.75 13.51
N CYS A 731 -56.36 4.70 13.54
CA CYS A 731 -56.49 3.78 12.42
C CYS A 731 -57.25 4.36 11.24
N LEU A 732 -58.13 5.34 11.49
CA LEU A 732 -59.01 5.82 10.42
C LEU A 732 -58.29 6.69 9.41
N SER A 733 -57.27 7.45 9.83
CA SER A 733 -56.61 8.38 8.91
C SER A 733 -56.01 7.69 7.69
N PRO A 734 -55.29 6.54 7.79
CA PRO A 734 -54.80 5.86 6.58
C PRO A 734 -55.80 4.86 6.02
N CYS A 735 -57.03 5.30 5.82
CA CYS A 735 -58.07 4.46 5.23
C CYS A 735 -58.64 5.03 3.94
N PHE A 736 -58.93 6.34 3.91
CA PHE A 736 -59.52 6.94 2.72
C PHE A 736 -58.66 6.70 1.49
N ARG A 737 -57.34 6.69 1.69
CA ARG A 737 -56.44 6.24 0.63
C ARG A 737 -56.84 4.87 0.11
N LEU A 738 -57.20 3.95 1.02
CA LEU A 738 -57.49 2.59 0.59
C LEU A 738 -58.78 2.50 -0.20
N LEU A 739 -59.82 3.24 0.19
CA LEU A 739 -61.03 3.23 -0.64
C LEU A 739 -60.80 3.93 -1.97
N ARG A 740 -59.96 4.97 -2.00
CA ARG A 740 -59.54 5.52 -3.28
C ARG A 740 -58.88 4.44 -4.15
N LEU A 741 -58.04 3.62 -3.53
CA LEU A 741 -57.35 2.56 -4.27
C LEU A 741 -58.33 1.50 -4.76
N TYR A 742 -59.31 1.13 -3.93
CA TYR A 742 -60.32 0.18 -4.37
C TYR A 742 -61.12 0.71 -5.55
N THR A 743 -61.59 1.96 -5.46
CA THR A 743 -62.40 2.52 -6.53
C THR A 743 -61.58 2.85 -7.76
N GLY A 744 -60.26 2.95 -7.64
CA GLY A 744 -59.42 3.12 -8.81
C GLY A 744 -59.33 1.88 -9.67
N GLU A 745 -59.59 0.70 -9.10
CA GLU A 745 -59.56 -0.56 -9.83
C GLU A 745 -60.96 -1.09 -10.14
N GLN A 746 -61.92 -0.88 -9.25
CA GLN A 746 -63.30 -1.28 -9.50
C GLN A 746 -64.05 -0.27 -10.35
N ASN A 747 -63.45 0.87 -10.65
CA ASN A 747 -64.05 1.90 -11.49
C ASN A 747 -62.95 2.87 -11.89
N ASN A 748 -63.33 3.86 -12.71
CA ASN A 748 -62.38 4.90 -13.09
C ASN A 748 -62.20 5.94 -11.98
N GLY A 749 -63.29 6.28 -11.29
CA GLY A 749 -63.25 7.33 -10.30
C GLY A 749 -63.90 6.89 -8.99
N SER A 750 -63.83 7.80 -8.01
CA SER A 750 -64.35 7.56 -6.67
C SER A 750 -65.77 8.10 -6.47
N LEU A 751 -66.38 8.66 -7.52
CA LEU A 751 -67.68 9.31 -7.36
C LEU A 751 -68.76 8.31 -6.95
N GLU A 752 -68.75 7.12 -7.55
CA GLU A 752 -69.82 6.16 -7.30
C GLU A 752 -69.86 5.72 -5.83
N GLU A 753 -68.69 5.46 -5.24
CA GLU A 753 -68.65 4.96 -3.88
C GLU A 753 -68.89 6.06 -2.85
N ILE A 754 -68.37 7.26 -3.09
CA ILE A 754 -68.39 8.32 -2.09
C ILE A 754 -69.17 9.53 -2.57
N ASP A 755 -70.22 9.31 -3.35
CA ASP A 755 -71.03 10.42 -3.86
C ASP A 755 -71.66 11.21 -2.71
N ALA A 756 -72.18 10.52 -1.71
CA ALA A 756 -72.79 11.20 -0.57
C ALA A 756 -71.79 11.51 0.53
N LEU A 757 -70.54 11.07 0.40
CA LEU A 757 -69.55 11.23 1.45
C LEU A 757 -68.45 12.22 1.10
N LEU A 758 -68.36 12.66 -0.16
CA LEU A 758 -67.32 13.61 -0.53
C LEU A 758 -67.51 14.96 0.15
N GLY A 759 -68.75 15.35 0.42
CA GLY A 759 -69.04 16.64 1.03
C GLY A 759 -69.31 16.58 2.51
N CYS A 760 -68.79 15.54 3.18
CA CYS A 760 -69.08 15.35 4.59
C CYS A 760 -68.54 16.50 5.44
N PRO A 761 -69.27 16.90 6.48
CA PRO A 761 -68.69 17.80 7.48
C PRO A 761 -67.93 17.01 8.54
N LEU A 762 -67.43 17.68 9.57
CA LEU A 762 -66.72 17.01 10.66
C LEU A 762 -67.47 17.21 11.96
N TYR A 763 -67.69 16.12 12.69
CA TYR A 763 -68.33 16.17 14.00
C TYR A 763 -67.28 16.59 15.02
N LEU A 764 -67.22 17.89 15.31
CA LEU A 764 -66.28 18.42 16.29
C LEU A 764 -66.92 19.61 16.99
N THR A 765 -66.19 20.17 17.94
CA THR A 765 -66.65 21.34 18.65
C THR A 765 -66.68 22.55 17.71
N ASP A 766 -67.19 23.67 18.22
CA ASP A 766 -67.24 24.90 17.44
C ASP A 766 -65.84 25.37 17.10
N LEU A 767 -65.69 25.92 15.89
CA LEU A 767 -64.38 26.42 15.47
C LEU A 767 -63.90 27.53 16.38
N GLU A 768 -64.80 28.45 16.74
CA GLU A 768 -64.46 29.50 17.70
C GLU A 768 -64.22 28.96 19.11
N VAL A 769 -64.60 27.70 19.38
CA VAL A 769 -64.36 27.12 20.69
C VAL A 769 -62.88 27.04 21.00
N GLU A 770 -62.04 26.95 19.96
CA GLU A 770 -60.59 26.96 20.16
C GLU A 770 -60.11 28.29 20.74
N GLY A 771 -60.91 29.35 20.63
CA GLY A 771 -60.53 30.63 21.21
C GLY A 771 -60.36 30.55 22.72
N LYS A 772 -61.18 29.74 23.39
CA LYS A 772 -61.03 29.54 24.83
C LYS A 772 -59.96 28.49 25.11
N LEU A 773 -58.75 28.71 24.57
CA LEU A 773 -57.65 27.79 24.84
C LEU A 773 -57.28 27.79 26.32
N ASP A 774 -57.27 28.96 26.94
CA ASP A 774 -57.05 29.02 28.38
C ASP A 774 -58.17 28.33 29.14
N SER A 775 -59.41 28.46 28.66
CA SER A 775 -60.53 27.78 29.29
C SER A 775 -60.42 26.27 29.16
N LEU A 776 -59.62 25.76 28.23
CA LEU A 776 -59.42 24.32 28.13
C LEU A 776 -58.76 23.76 29.39
N SER A 777 -57.53 24.19 29.66
CA SER A 777 -56.79 23.76 30.85
C SER A 777 -56.67 22.24 30.92
N LYS A 778 -56.55 21.61 29.76
CA LYS A 778 -56.39 20.15 29.60
C LYS A 778 -57.68 19.44 30.00
N GLN A 779 -58.69 20.19 30.46
CA GLN A 779 -60.00 19.60 30.69
C GLN A 779 -60.57 19.07 29.38
N GLU A 780 -60.38 19.81 28.29
CA GLU A 780 -60.67 19.32 26.96
C GLU A 780 -59.56 19.66 25.96
N ARG A 781 -58.50 20.34 26.39
CA ARG A 781 -57.50 20.84 25.46
C ARG A 781 -56.82 19.72 24.70
N GLU A 782 -56.41 18.66 25.41
CA GLU A 782 -55.78 17.53 24.74
C GLU A 782 -56.76 16.82 23.81
N PHE A 783 -58.00 16.64 24.27
CA PHE A 783 -58.99 15.95 23.44
C PHE A 783 -59.31 16.76 22.19
N LEU A 784 -59.49 18.07 22.32
CA LEU A 784 -59.75 18.90 21.15
C LEU A 784 -58.53 18.98 20.24
N CYS A 785 -57.32 18.96 20.81
CA CYS A 785 -56.11 18.93 19.99
C CYS A 785 -56.06 17.66 19.15
N SER A 786 -56.38 16.52 19.76
CA SER A 786 -56.43 15.27 19.00
C SER A 786 -57.54 15.32 17.96
N LEU A 787 -58.70 15.87 18.32
CA LEU A 787 -59.78 16.10 17.37
C LEU A 787 -59.27 16.80 16.12
N LEU A 788 -58.63 17.95 16.33
CA LEU A 788 -58.16 18.75 15.20
C LEU A 788 -57.07 18.01 14.43
N PHE A 789 -56.20 17.30 15.14
CA PHE A 789 -55.10 16.59 14.50
C PHE A 789 -55.61 15.50 13.57
N TYR A 790 -56.64 14.78 13.99
CA TYR A 790 -57.26 13.82 13.08
C TYR A 790 -58.04 14.53 11.99
N ALA A 791 -58.58 15.71 12.29
CA ALA A 791 -59.41 16.42 11.33
C ALA A 791 -58.63 16.86 10.10
N LEU A 792 -57.48 17.52 10.29
CA LEU A 792 -56.80 18.04 9.10
C LEU A 792 -56.20 16.90 8.29
N ASN A 793 -55.75 15.85 8.96
CA ASN A 793 -55.26 14.67 8.26
C ASN A 793 -56.39 14.01 7.48
N TRP A 794 -57.60 13.99 8.03
CA TRP A 794 -58.75 13.48 7.27
C TRP A 794 -59.03 14.35 6.06
N PHE A 795 -58.88 15.67 6.21
CA PHE A 795 -59.04 16.56 5.06
C PHE A 795 -58.01 16.26 3.97
N ARG A 796 -56.77 16.01 4.39
CA ARG A 796 -55.75 15.59 3.42
C ARG A 796 -56.13 14.28 2.76
N GLU A 797 -56.70 13.34 3.53
CA GLU A 797 -57.09 12.05 2.96
C GLU A 797 -58.20 12.22 1.92
N VAL A 798 -59.20 13.06 2.20
CA VAL A 798 -60.29 13.22 1.25
C VAL A 798 -59.81 13.98 0.01
N VAL A 799 -58.96 14.99 0.20
CA VAL A 799 -58.42 15.68 -0.97
C VAL A 799 -57.53 14.74 -1.77
N ASN A 800 -56.95 13.72 -1.13
CA ASN A 800 -56.23 12.69 -1.86
C ASN A 800 -57.19 11.84 -2.69
N ALA A 801 -58.26 11.36 -2.05
CA ALA A 801 -59.10 10.33 -2.67
C ALA A 801 -60.04 10.88 -3.73
N PHE A 802 -60.47 12.13 -3.62
CA PHE A 802 -61.55 12.65 -4.47
C PHE A 802 -61.13 13.93 -5.19
N CYS A 803 -59.95 13.93 -5.80
CA CYS A 803 -59.42 15.11 -6.47
C CYS A 803 -59.34 14.98 -7.98
N GLN A 804 -58.69 13.94 -8.49
CA GLN A 804 -58.39 13.87 -9.92
C GLN A 804 -59.66 13.79 -10.76
N GLN A 805 -60.64 13.01 -10.32
CA GLN A 805 -61.85 12.78 -11.11
C GLN A 805 -62.64 14.08 -11.25
N GLN A 806 -63.26 14.25 -12.41
CA GLN A 806 -64.11 15.40 -12.70
C GLN A 806 -65.56 14.93 -12.67
N ASP A 807 -66.36 15.56 -11.83
CA ASP A 807 -67.76 15.17 -11.65
C ASP A 807 -68.57 16.42 -11.32
N ALA A 808 -69.77 16.23 -10.79
CA ALA A 808 -70.65 17.35 -10.45
C ALA A 808 -70.05 18.08 -9.25
N GLU A 809 -69.42 19.22 -9.51
CA GLU A 809 -68.81 20.06 -8.47
C GLU A 809 -67.69 19.36 -7.71
N MET A 810 -67.07 18.34 -8.32
CA MET A 810 -66.00 17.63 -7.63
C MET A 810 -64.77 18.52 -7.44
N LYS A 811 -64.32 19.17 -8.51
CA LYS A 811 -63.15 20.04 -8.40
C LYS A 811 -63.46 21.29 -7.57
N GLY A 812 -64.68 21.82 -7.73
CA GLY A 812 -65.08 22.94 -6.88
C GLY A 812 -65.08 22.57 -5.41
N LYS A 813 -65.68 21.43 -5.08
CA LYS A 813 -65.66 20.96 -3.70
C LYS A 813 -64.24 20.69 -3.22
N VAL A 814 -63.36 20.27 -4.12
CA VAL A 814 -61.95 20.10 -3.76
C VAL A 814 -61.34 21.45 -3.37
N LEU A 815 -61.65 22.49 -4.14
CA LEU A 815 -61.15 23.82 -3.79
C LEU A 815 -61.69 24.29 -2.45
N THR A 816 -62.98 24.04 -2.19
CA THR A 816 -63.54 24.37 -0.87
C THR A 816 -62.85 23.59 0.24
N ARG A 817 -62.55 22.32 0.00
CA ARG A 817 -61.82 21.53 1.00
C ARG A 817 -60.42 22.09 1.22
N LEU A 818 -59.78 22.57 0.16
CA LEU A 818 -58.47 23.20 0.30
C LEU A 818 -58.57 24.45 1.18
N GLN A 819 -59.57 25.29 0.93
CA GLN A 819 -59.76 26.46 1.77
C GLN A 819 -60.04 26.04 3.21
N ASN A 820 -60.84 24.98 3.39
CA ASN A 820 -61.17 24.51 4.73
C ASN A 820 -59.94 24.04 5.47
N ILE A 821 -59.06 23.28 4.81
CA ILE A 821 -57.88 22.77 5.50
C ILE A 821 -56.91 23.91 5.82
N THR A 822 -56.79 24.88 4.92
CA THR A 822 -55.97 26.06 5.23
C THR A 822 -56.50 26.76 6.48
N GLU A 823 -57.80 27.05 6.51
CA GLU A 823 -58.38 27.73 7.67
C GLU A 823 -58.24 26.87 8.93
N LEU A 824 -58.39 25.55 8.79
CA LEU A 824 -58.30 24.67 9.93
C LEU A 824 -56.89 24.64 10.50
N GLN A 825 -55.88 24.61 9.63
CA GLN A 825 -54.50 24.65 10.11
C GLN A 825 -54.19 26.00 10.76
N ASN A 826 -54.71 27.08 10.19
CA ASN A 826 -54.54 28.39 10.81
C ASN A 826 -55.15 28.41 12.20
N VAL A 827 -56.35 27.83 12.36
CA VAL A 827 -56.97 27.74 13.67
C VAL A 827 -56.17 26.82 14.59
N LEU A 828 -55.60 25.75 14.04
CA LEU A 828 -54.82 24.81 14.83
C LEU A 828 -53.62 25.50 15.45
N GLY A 829 -52.90 26.29 14.66
CA GLY A 829 -51.72 26.98 15.13
C GLY A 829 -51.85 27.58 16.52
N LYS A 830 -53.01 28.19 16.79
CA LYS A 830 -53.22 28.82 18.10
C LYS A 830 -53.16 27.79 19.22
N CYS A 831 -53.90 26.69 19.11
CA CYS A 831 -53.91 25.71 20.20
C CYS A 831 -52.62 24.89 20.22
N LEU A 832 -51.99 24.70 19.05
CA LEU A 832 -50.69 24.03 19.01
C LEU A 832 -49.66 24.84 19.80
N ALA A 833 -49.68 26.17 19.65
CA ALA A 833 -48.87 27.01 20.52
C ALA A 833 -49.33 26.90 21.97
N ALA A 834 -50.66 26.86 22.19
CA ALA A 834 -51.19 26.73 23.54
C ALA A 834 -50.82 25.38 24.15
N THR A 835 -50.90 24.32 23.36
CA THR A 835 -50.49 22.99 23.84
C THR A 835 -48.99 22.99 24.02
N PRO A 836 -48.46 22.70 25.21
CA PRO A 836 -47.02 22.79 25.43
C PRO A 836 -46.26 21.63 24.79
N GLY A 837 -46.83 20.43 24.88
CA GLY A 837 -46.21 19.26 24.30
C GLY A 837 -47.26 18.32 23.75
N TYR A 838 -46.83 17.46 22.85
CA TYR A 838 -47.74 16.51 22.22
C TYR A 838 -46.97 15.34 21.66
N VAL A 839 -47.64 14.20 21.57
CA VAL A 839 -47.11 13.03 20.88
C VAL A 839 -48.21 12.53 19.95
N PRO A 840 -48.57 13.27 18.90
CA PRO A 840 -49.67 12.86 18.04
C PRO A 840 -49.30 11.62 17.26
N PRO A 841 -50.27 10.78 16.92
CA PRO A 841 -49.98 9.56 16.16
C PRO A 841 -50.01 9.83 14.67
N PRO A 842 -48.97 9.42 13.94
CA PRO A 842 -48.93 9.67 12.49
C PRO A 842 -49.77 8.69 11.70
N ALA A 843 -50.59 7.90 12.39
CA ALA A 843 -51.46 6.93 11.74
C ALA A 843 -50.97 5.52 11.97
N LEU A 917 -47.74 24.47 11.81
CA LEU A 917 -46.38 24.99 11.73
C LEU A 917 -45.49 24.08 10.88
N GLN A 918 -44.31 23.77 11.39
CA GLN A 918 -43.37 22.90 10.68
C GLN A 918 -42.89 21.77 11.58
N SER A 919 -42.94 21.98 12.90
CA SER A 919 -42.53 20.95 13.84
C SER A 919 -43.42 19.72 13.73
N TYR A 920 -44.73 19.93 13.59
CA TYR A 920 -45.67 18.83 13.42
C TYR A 920 -45.62 18.21 12.02
N ARG A 921 -44.73 18.69 11.16
CA ARG A 921 -44.63 18.19 9.79
C ARG A 921 -44.47 16.67 9.70
N PRO A 922 -43.61 16.01 10.48
CA PRO A 922 -43.57 14.54 10.42
C PRO A 922 -44.90 13.87 10.73
N TYR A 923 -45.67 14.42 11.65
CA TYR A 923 -46.95 13.80 12.00
C TYR A 923 -48.09 14.29 11.12
N PHE A 924 -47.88 14.29 9.81
CA PHE A 924 -48.86 14.82 8.88
C PHE A 924 -48.94 13.91 7.66
N ARG A 925 -50.08 13.98 6.98
CA ARG A 925 -50.28 13.24 5.73
C ARG A 925 -49.43 13.91 4.66
N GLU A 926 -48.29 13.30 4.34
CA GLU A 926 -47.37 13.85 3.34
C GLU A 926 -47.99 13.63 1.96
N LEU A 927 -48.93 14.51 1.63
CA LEU A 927 -49.69 14.38 0.40
C LEU A 927 -48.80 14.69 -0.81
N ASP A 928 -48.83 13.82 -1.81
CA ASP A 928 -48.00 13.96 -2.99
C ASP A 928 -48.60 14.98 -3.94
N LEU A 929 -48.06 15.06 -5.15
CA LEU A 929 -48.52 16.01 -6.16
C LEU A 929 -49.65 15.46 -7.02
N GLU A 930 -50.10 14.24 -6.79
CA GLU A 930 -51.22 13.69 -7.54
C GLU A 930 -52.51 14.47 -7.31
N VAL A 931 -52.60 15.21 -6.21
CA VAL A 931 -53.78 16.03 -5.92
C VAL A 931 -53.86 17.27 -6.79
N PHE A 932 -52.83 17.56 -7.58
CA PHE A 932 -52.69 18.83 -8.27
C PHE A 932 -53.46 18.89 -9.59
N SER A 933 -54.49 18.05 -9.76
CA SER A 933 -55.26 18.04 -11.00
C SER A 933 -56.01 19.35 -11.22
N VAL A 934 -56.17 20.17 -10.20
CA VAL A 934 -56.89 21.44 -10.33
C VAL A 934 -55.93 22.57 -10.03
N LEU A 935 -54.66 22.39 -10.40
CA LEU A 935 -53.65 23.41 -10.10
C LEU A 935 -53.92 24.70 -10.87
N HIS A 936 -54.52 24.60 -12.06
CA HIS A 936 -54.84 25.79 -12.85
C HIS A 936 -56.29 26.20 -12.65
N LEU A 959 -58.71 32.40 -6.05
CA LEU A 959 -57.44 31.72 -5.79
C LEU A 959 -56.83 32.21 -4.49
N GLY A 960 -57.01 31.44 -3.42
CA GLY A 960 -56.53 31.79 -2.11
C GLY A 960 -55.01 31.86 -2.05
N PRO A 961 -54.48 33.06 -1.84
CA PRO A 961 -53.01 33.20 -1.73
C PRO A 961 -52.42 32.41 -0.58
N ALA A 962 -53.12 32.32 0.55
CA ALA A 962 -52.66 31.45 1.63
C ALA A 962 -52.67 30.00 1.18
N GLU A 963 -53.69 29.61 0.42
CA GLU A 963 -53.74 28.25 -0.11
C GLU A 963 -52.57 28.00 -1.06
N LEU A 964 -52.22 28.99 -1.89
CA LEU A 964 -51.06 28.84 -2.76
C LEU A 964 -49.80 28.68 -1.93
N CYS A 965 -49.63 29.52 -0.90
CA CYS A 965 -48.46 29.42 -0.05
C CYS A 965 -48.35 28.03 0.56
N PHE A 966 -49.46 27.49 1.05
CA PHE A 966 -49.43 26.19 1.69
C PHE A 966 -49.15 25.07 0.68
N LEU A 967 -49.77 25.13 -0.50
CA LEU A 967 -49.55 24.10 -1.51
C LEU A 967 -48.08 24.06 -1.96
N LEU A 968 -47.54 25.22 -2.34
CA LEU A 968 -46.16 25.23 -2.77
C LEU A 968 -45.19 25.06 -1.59
N ASP A 969 -45.63 25.28 -0.35
CA ASP A 969 -44.81 24.88 0.79
C ASP A 969 -44.76 23.37 0.93
N ASP A 970 -45.88 22.70 0.64
CA ASP A 970 -45.88 21.25 0.63
C ASP A 970 -44.94 20.71 -0.45
N MET A 971 -44.96 21.33 -1.62
CA MET A 971 -44.08 20.84 -2.69
C MET A 971 -42.63 21.27 -2.54
N CYS A 972 -42.35 22.36 -1.81
CA CYS A 972 -40.99 22.86 -1.70
C CYS A 972 -40.09 21.90 -0.95
N TRP A 973 -40.57 21.32 0.14
CA TRP A 973 -39.76 20.38 0.90
C TRP A 973 -39.44 19.14 0.08
N LYS A 974 -40.43 18.64 -0.67
CA LYS A 974 -40.17 17.50 -1.54
C LYS A 974 -39.16 17.84 -2.62
N LEU A 975 -39.27 19.05 -3.20
CA LEU A 975 -38.27 19.47 -4.18
C LEU A 975 -36.88 19.54 -3.57
N GLU A 976 -36.79 20.07 -2.35
CA GLU A 976 -35.49 20.19 -1.71
C GLU A 976 -34.91 18.83 -1.33
N HIS A 977 -35.75 17.82 -1.12
CA HIS A 977 -35.23 16.52 -0.73
C HIS A 977 -34.89 15.65 -1.93
N VAL A 978 -35.82 15.47 -2.86
CA VAL A 978 -35.57 14.59 -4.00
C VAL A 978 -34.57 15.23 -4.95
N LEU A 979 -34.56 16.55 -5.04
CA LEU A 979 -33.68 17.30 -5.93
C LEU A 979 -32.78 18.17 -5.05
N THR A 980 -31.60 17.64 -4.71
CA THR A 980 -30.66 18.35 -3.86
C THR A 980 -29.22 18.00 -4.22
N PHE A 1000 -42.18 9.21 4.63
CA PHE A 1000 -41.40 9.82 3.55
C PHE A 1000 -41.29 8.86 2.38
N SER A 1001 -42.15 7.84 2.36
CA SER A 1001 -42.05 6.81 1.34
C SER A 1001 -42.63 7.26 0.00
N HIS A 1002 -43.67 8.09 0.02
CA HIS A 1002 -44.40 8.39 -1.20
C HIS A 1002 -43.55 9.20 -2.19
N LEU A 1003 -42.89 10.25 -1.73
CA LEU A 1003 -42.06 11.04 -2.62
C LEU A 1003 -40.83 10.27 -3.07
N CYS A 1004 -40.29 9.41 -2.20
CA CYS A 1004 -39.14 8.58 -2.54
C CYS A 1004 -39.48 7.47 -3.52
N GLN A 1005 -40.77 7.24 -3.80
CA GLN A 1005 -41.16 6.11 -4.63
C GLN A 1005 -40.84 6.33 -6.10
N ARG A 1006 -40.56 7.56 -6.51
CA ARG A 1006 -40.29 7.88 -7.90
C ARG A 1006 -38.89 8.46 -8.06
N SER A 1007 -38.27 8.14 -9.20
CA SER A 1007 -36.97 8.69 -9.54
C SER A 1007 -37.10 10.15 -9.96
N PRO A 1008 -35.99 10.91 -9.95
CA PRO A 1008 -36.06 12.30 -10.41
C PRO A 1008 -36.52 12.43 -11.85
N LYS A 1009 -36.39 11.39 -12.66
CA LYS A 1009 -36.95 11.42 -14.01
C LYS A 1009 -38.46 11.60 -13.96
N GLU A 1010 -39.13 10.91 -13.04
CA GLU A 1010 -40.54 11.14 -12.79
C GLU A 1010 -40.82 12.47 -12.11
N VAL A 1011 -39.88 12.97 -11.30
CA VAL A 1011 -40.04 14.28 -10.68
C VAL A 1011 -40.13 15.35 -11.76
N ALA A 1012 -39.29 15.25 -12.79
CA ALA A 1012 -39.32 16.23 -13.87
C ALA A 1012 -40.67 16.24 -14.57
N VAL A 1013 -41.22 15.08 -14.88
CA VAL A 1013 -42.51 15.05 -15.58
C VAL A 1013 -43.62 15.53 -14.66
N CYS A 1014 -43.54 15.19 -13.37
CA CYS A 1014 -44.56 15.65 -12.43
C CYS A 1014 -44.55 17.17 -12.31
N VAL A 1015 -43.37 17.78 -12.25
CA VAL A 1015 -43.31 19.23 -12.11
C VAL A 1015 -43.69 19.92 -13.41
N VAL A 1016 -43.33 19.34 -14.56
CA VAL A 1016 -43.69 19.98 -15.83
C VAL A 1016 -45.10 19.68 -16.27
N LYS A 1017 -45.82 18.81 -15.55
CA LYS A 1017 -47.21 18.53 -15.91
C LYS A 1017 -48.05 19.80 -15.95
N LEU A 1018 -47.88 20.69 -14.98
CA LEU A 1018 -48.71 21.88 -14.88
C LEU A 1018 -47.86 23.11 -14.58
N LEU A 1019 -46.79 23.31 -15.35
CA LEU A 1019 -46.02 24.54 -15.24
C LEU A 1019 -46.81 25.77 -15.68
N LYS A 1020 -47.84 25.59 -16.51
CA LYS A 1020 -48.64 26.73 -16.97
C LYS A 1020 -49.32 27.48 -15.84
N PRO A 1021 -50.08 26.85 -14.94
CA PRO A 1021 -50.62 27.59 -13.79
C PRO A 1021 -49.54 28.21 -12.93
N LEU A 1022 -48.36 27.58 -12.86
CA LEU A 1022 -47.26 28.17 -12.10
C LEU A 1022 -46.90 29.54 -12.63
N CYS A 1023 -46.65 29.64 -13.94
CA CYS A 1023 -46.33 30.93 -14.54
C CYS A 1023 -47.51 31.89 -14.48
N ASN A 1024 -48.74 31.36 -14.59
CA ASN A 1024 -49.92 32.22 -14.51
C ASN A 1024 -50.00 32.91 -13.16
N HIS A 1025 -49.92 32.13 -12.09
CA HIS A 1025 -49.91 32.71 -10.74
C HIS A 1025 -48.71 33.61 -10.53
N MET A 1026 -47.57 33.25 -11.15
CA MET A 1026 -46.38 34.07 -10.99
C MET A 1026 -46.58 35.46 -11.56
N GLU A 1027 -47.14 35.54 -12.78
CA GLU A 1027 -47.45 36.83 -13.36
C GLU A 1027 -48.57 37.54 -12.62
N ASN A 1028 -49.49 36.80 -12.00
CA ASN A 1028 -50.50 37.44 -11.15
C ASN A 1028 -49.83 38.16 -9.98
N MET A 1029 -48.88 37.50 -9.33
CA MET A 1029 -48.19 38.13 -8.20
C MET A 1029 -47.37 39.32 -8.69
N HIS A 1030 -46.74 39.17 -9.87
CA HIS A 1030 -46.01 40.29 -10.46
C HIS A 1030 -46.91 41.49 -10.70
N ASN A 1031 -48.12 41.24 -11.25
CA ASN A 1031 -49.06 42.33 -11.46
C ASN A 1031 -49.48 42.96 -10.14
N TYR A 1032 -49.70 42.14 -9.10
CA TYR A 1032 -50.04 42.69 -7.80
C TYR A 1032 -48.95 43.60 -7.29
N PHE A 1033 -47.69 43.16 -7.41
CA PHE A 1033 -46.58 43.99 -6.95
C PHE A 1033 -46.44 45.26 -7.78
N GLN A 1034 -46.81 45.21 -9.06
CA GLN A 1034 -46.92 46.43 -9.83
C GLN A 1034 -47.98 47.35 -9.25
N THR A 1035 -49.10 46.78 -8.80
CA THR A 1035 -50.14 47.57 -8.16
C THR A 1035 -49.64 48.18 -6.86
N VAL A 1036 -48.87 47.42 -6.08
CA VAL A 1036 -48.36 47.91 -4.80
C VAL A 1036 -47.27 48.96 -5.00
N ASN A 1049 -52.10 46.06 2.39
CA ASN A 1049 -52.24 45.41 3.68
C ASN A 1049 -51.03 44.53 3.97
N ILE A 1050 -50.43 44.72 5.14
CA ILE A 1050 -49.24 43.94 5.52
C ILE A 1050 -49.58 42.46 5.62
N GLN A 1051 -50.73 42.14 6.23
CA GLN A 1051 -51.14 40.75 6.40
C GLN A 1051 -51.29 40.02 5.08
N GLU A 1052 -51.49 40.75 3.98
CA GLU A 1052 -51.51 40.17 2.65
C GLU A 1052 -50.21 40.37 1.91
N TYR A 1053 -49.57 41.53 2.09
CA TYR A 1053 -48.31 41.80 1.40
C TYR A 1053 -47.24 40.78 1.79
N GLN A 1054 -47.14 40.46 3.08
CA GLN A 1054 -46.18 39.45 3.51
C GLN A 1054 -46.52 38.09 2.92
N LEU A 1055 -47.82 37.80 2.76
CA LEU A 1055 -48.23 36.53 2.16
C LEU A 1055 -47.74 36.41 0.72
N MET A 1056 -47.97 37.46 -0.09
CA MET A 1056 -47.46 37.45 -1.46
C MET A 1056 -45.94 37.40 -1.50
N SER A 1057 -45.27 38.12 -0.59
CA SER A 1057 -43.81 38.09 -0.57
C SER A 1057 -43.29 36.68 -0.30
N SER A 1058 -43.87 36.01 0.68
CA SER A 1058 -43.45 34.65 1.00
C SER A 1058 -43.75 33.70 -0.15
N CYS A 1059 -44.93 33.84 -0.78
CA CYS A 1059 -45.24 32.98 -1.92
C CYS A 1059 -44.27 33.21 -3.06
N TYR A 1060 -43.91 34.47 -3.31
CA TYR A 1060 -42.87 34.79 -4.29
C TYR A 1060 -41.58 34.06 -3.97
N HIS A 1061 -41.09 34.24 -2.74
CA HIS A 1061 -39.82 33.63 -2.35
C HIS A 1061 -39.86 32.11 -2.50
N GLN A 1062 -40.97 31.51 -2.11
CA GLN A 1062 -41.10 30.06 -2.15
C GLN A 1062 -41.15 29.55 -3.58
N LEU A 1063 -41.82 30.30 -4.47
CA LEU A 1063 -41.81 29.90 -5.87
C LEU A 1063 -40.41 30.00 -6.47
N LEU A 1064 -39.67 31.08 -6.17
CA LEU A 1064 -38.31 31.13 -6.70
C LEU A 1064 -37.44 30.02 -6.13
N LEU A 1065 -37.61 29.71 -4.84
CA LEU A 1065 -36.98 28.53 -4.27
C LEU A 1065 -37.27 27.30 -5.12
N ALA A 1066 -38.54 27.15 -5.53
CA ALA A 1066 -38.92 26.01 -6.36
C ALA A 1066 -38.12 25.98 -7.66
N PHE A 1067 -38.11 27.09 -8.42
CA PHE A 1067 -37.42 27.02 -9.70
C PHE A 1067 -35.91 26.89 -9.53
N ARG A 1068 -35.33 27.49 -8.49
CA ARG A 1068 -33.89 27.40 -8.31
C ARG A 1068 -33.47 25.98 -7.96
N LEU A 1069 -34.15 25.37 -6.98
CA LEU A 1069 -33.83 23.99 -6.66
C LEU A 1069 -34.27 23.03 -7.76
N LEU A 1070 -35.10 23.50 -8.70
CA LEU A 1070 -35.39 22.72 -9.90
C LEU A 1070 -34.23 22.74 -10.88
N PHE A 1071 -33.80 23.93 -11.29
CA PHE A 1071 -32.89 24.09 -12.41
C PHE A 1071 -31.42 24.08 -12.01
N ALA A 1072 -31.11 24.25 -10.73
CA ALA A 1072 -29.76 24.07 -10.22
C ALA A 1072 -29.45 22.61 -9.93
N TRP A 1073 -30.30 21.70 -10.40
CA TRP A 1073 -30.12 20.28 -10.15
C TRP A 1073 -28.85 19.79 -10.82
N SER A 1074 -27.99 19.13 -10.04
CA SER A 1074 -26.77 18.55 -10.59
C SER A 1074 -27.03 17.41 -11.56
N GLY A 1075 -28.26 16.89 -11.60
CA GLY A 1075 -28.60 15.86 -12.56
C GLY A 1075 -28.59 16.32 -13.99
N PHE A 1076 -28.72 17.64 -14.23
CA PHE A 1076 -28.62 18.16 -15.58
C PHE A 1076 -27.21 18.05 -16.15
N SER A 1077 -26.21 17.84 -15.29
CA SER A 1077 -24.87 17.55 -15.80
C SER A 1077 -24.88 16.26 -16.61
N GLN A 1078 -25.58 15.25 -16.14
CA GLN A 1078 -25.80 14.04 -16.94
C GLN A 1078 -26.73 14.38 -18.11
N HIS A 1079 -26.35 13.93 -19.30
CA HIS A 1079 -27.08 14.22 -20.52
C HIS A 1079 -28.02 13.09 -20.93
N GLU A 1080 -28.37 12.20 -19.99
CA GLU A 1080 -29.24 11.08 -20.32
C GLU A 1080 -30.65 11.52 -20.70
N ASN A 1081 -31.06 12.72 -20.30
CA ASN A 1081 -32.39 13.24 -20.62
C ASN A 1081 -32.31 14.69 -21.06
N SER A 1082 -31.33 15.02 -21.91
CA SER A 1082 -31.23 16.37 -22.44
C SER A 1082 -32.47 16.75 -23.24
N ASN A 1083 -33.07 15.78 -23.93
CA ASN A 1083 -34.32 16.05 -24.64
C ASN A 1083 -35.43 16.43 -23.68
N LEU A 1084 -35.49 15.78 -22.51
CA LEU A 1084 -36.47 16.15 -21.50
C LEU A 1084 -36.23 17.56 -21.00
N LEU A 1085 -34.97 17.93 -20.79
CA LEU A 1085 -34.66 19.30 -20.38
C LEU A 1085 -35.09 20.31 -21.44
N ARG A 1086 -34.84 19.99 -22.71
CA ARG A 1086 -35.24 20.88 -23.79
C ARG A 1086 -36.75 21.02 -23.85
N SER A 1087 -37.48 19.91 -23.68
CA SER A 1087 -38.94 19.98 -23.68
C SER A 1087 -39.46 20.79 -22.50
N ALA A 1088 -38.83 20.63 -21.33
CA ALA A 1088 -39.25 21.39 -20.16
C ALA A 1088 -38.98 22.89 -20.35
N LEU A 1089 -37.87 23.24 -20.99
CA LEU A 1089 -37.55 24.64 -21.24
C LEU A 1089 -38.37 25.21 -22.40
N GLN A 1090 -38.96 24.34 -23.23
CA GLN A 1090 -39.72 24.81 -24.39
C GLN A 1090 -40.93 25.64 -23.97
N VAL A 1091 -41.61 25.24 -22.90
CA VAL A 1091 -42.79 25.99 -22.46
C VAL A 1091 -42.39 27.37 -22.00
N LEU A 1092 -41.28 27.49 -21.26
CA LEU A 1092 -40.80 28.80 -20.84
C LEU A 1092 -40.41 29.65 -22.05
N ALA A 1093 -39.71 29.05 -23.01
CA ALA A 1093 -39.30 29.81 -24.19
C ALA A 1093 -40.51 30.30 -24.97
N ASP A 1094 -41.55 29.47 -25.09
CA ASP A 1094 -42.77 29.90 -25.77
C ASP A 1094 -43.54 30.91 -24.94
N ARG A 1095 -43.38 30.89 -23.62
CA ARG A 1095 -44.02 31.91 -22.78
C ARG A 1095 -43.38 33.26 -22.98
N LEU A 1096 -42.04 33.31 -23.09
CA LEU A 1096 -41.38 34.58 -23.34
C LEU A 1096 -41.80 35.15 -24.70
N LYS A 1097 -41.49 34.42 -25.77
CA LYS A 1097 -41.84 34.82 -27.12
C LYS A 1097 -43.34 34.64 -27.33
N PRO A 1098 -43.85 34.93 -28.53
CA PRO A 1098 -45.27 34.65 -28.80
C PRO A 1098 -45.63 33.18 -28.65
N GLY A 1099 -44.68 32.28 -28.85
CA GLY A 1099 -44.89 30.86 -28.72
C GLY A 1099 -44.27 30.14 -29.91
N GLU A 1100 -44.62 28.86 -30.03
CA GLU A 1100 -44.19 28.04 -31.17
C GLU A 1100 -42.67 27.96 -31.26
N THR A 1101 -42.08 27.36 -30.22
CA THR A 1101 -40.63 27.18 -30.20
C THR A 1101 -40.16 26.35 -31.40
N GLU A 1102 -40.87 25.28 -31.71
CA GLU A 1102 -40.62 24.46 -32.90
C GLU A 1102 -39.17 23.96 -32.95
N PHE A 1103 -38.83 23.15 -31.95
CA PHE A 1103 -37.48 22.61 -31.78
C PHE A 1103 -36.45 23.74 -31.77
N LEU A 1104 -36.63 24.66 -30.84
CA LEU A 1104 -35.79 25.84 -30.78
C LEU A 1104 -34.34 25.45 -30.48
N PRO A 1105 -33.38 26.24 -30.94
CA PRO A 1105 -31.98 25.93 -30.66
C PRO A 1105 -31.67 26.04 -29.18
N LEU A 1106 -30.67 25.27 -28.74
CA LEU A 1106 -30.31 25.25 -27.33
C LEU A 1106 -29.84 26.63 -26.87
N GLU A 1107 -29.00 27.29 -27.67
CA GLU A 1107 -28.57 28.65 -27.33
C GLU A 1107 -29.74 29.62 -27.35
N GLU A 1108 -30.64 29.46 -28.32
CA GLU A 1108 -31.83 30.31 -28.37
C GLU A 1108 -32.70 30.10 -27.14
N LEU A 1109 -32.89 28.84 -26.73
CA LEU A 1109 -33.66 28.56 -25.52
C LEU A 1109 -32.98 29.17 -24.29
N ILE A 1110 -31.64 29.07 -24.23
CA ILE A 1110 -30.91 29.63 -23.10
C ILE A 1110 -31.14 31.14 -23.02
N SER A 1111 -30.96 31.83 -24.14
CA SER A 1111 -31.13 33.28 -24.14
C SER A 1111 -32.58 33.67 -23.81
N GLU A 1112 -33.54 32.94 -24.37
CA GLU A 1112 -34.94 33.26 -24.13
C GLU A 1112 -35.32 33.08 -22.67
N SER A 1113 -34.93 31.95 -22.08
CA SER A 1113 -35.23 31.71 -20.67
C SER A 1113 -34.50 32.71 -19.79
N PHE A 1114 -33.26 33.05 -20.14
CA PHE A 1114 -32.51 34.05 -19.39
C PHE A 1114 -33.25 35.37 -19.35
N GLN A 1115 -33.68 35.86 -20.51
CA GLN A 1115 -34.38 37.15 -20.56
C GLN A 1115 -35.74 37.06 -19.86
N TYR A 1116 -36.45 35.94 -20.04
CA TYR A 1116 -37.77 35.81 -19.45
C TYR A 1116 -37.69 35.84 -17.93
N LEU A 1117 -36.73 35.11 -17.35
CA LEU A 1117 -36.59 35.15 -15.89
C LEU A 1117 -35.96 36.45 -15.43
N LEU A 1118 -35.19 37.11 -16.29
CA LEU A 1118 -34.65 38.43 -15.97
C LEU A 1118 -35.73 39.48 -15.92
N ASN A 1119 -36.86 39.26 -16.61
CA ASN A 1119 -37.97 40.20 -16.55
C ASN A 1119 -38.39 40.46 -15.11
N PHE A 1120 -38.32 39.45 -14.25
CA PHE A 1120 -38.67 39.61 -12.84
C PHE A 1120 -37.67 40.45 -12.06
N GLN A 1121 -36.52 40.77 -12.64
CA GLN A 1121 -35.46 41.47 -11.90
C GLN A 1121 -35.87 42.88 -11.49
N ALA A 1122 -36.94 43.43 -12.07
CA ALA A 1122 -37.31 44.80 -11.78
C ALA A 1122 -37.91 44.94 -10.38
N SER A 1123 -39.01 44.24 -10.12
CA SER A 1123 -39.75 44.36 -8.86
C SER A 1123 -39.46 43.14 -8.00
N ILE A 1124 -38.93 43.37 -6.81
CA ILE A 1124 -38.59 42.30 -5.87
C ILE A 1124 -38.95 42.75 -4.46
N PRO A 1125 -39.72 41.97 -3.71
CA PRO A 1125 -40.18 42.43 -2.39
C PRO A 1125 -39.13 42.30 -1.30
N SER A 1126 -38.34 41.23 -1.32
CA SER A 1126 -37.36 40.97 -0.27
C SER A 1126 -36.04 40.55 -0.87
N PHE A 1127 -34.96 40.79 -0.14
CA PHE A 1127 -33.62 40.51 -0.65
C PHE A 1127 -33.43 39.02 -0.86
N GLN A 1128 -33.98 38.20 0.02
CA GLN A 1128 -33.92 36.75 -0.15
C GLN A 1128 -34.49 36.34 -1.50
N CYS A 1129 -35.56 37.03 -1.94
CA CYS A 1129 -36.09 36.80 -3.28
C CYS A 1129 -35.09 37.20 -4.36
N ALA A 1130 -34.34 38.28 -4.14
CA ALA A 1130 -33.31 38.67 -5.11
C ALA A 1130 -32.21 37.62 -5.20
N PHE A 1131 -31.78 37.10 -4.04
CA PHE A 1131 -30.82 36.00 -4.00
C PHE A 1131 -31.32 34.85 -4.85
N ILE A 1132 -32.54 34.39 -4.57
CA ILE A 1132 -33.00 33.18 -5.22
C ILE A 1132 -33.27 33.43 -6.70
N LEU A 1133 -33.65 34.65 -7.07
CA LEU A 1133 -33.81 35.01 -8.47
C LEU A 1133 -32.48 34.95 -9.22
N THR A 1134 -31.45 35.61 -8.70
CA THR A 1134 -30.17 35.55 -9.38
C THR A 1134 -29.59 34.14 -9.39
N GLN A 1135 -29.85 33.34 -8.36
CA GLN A 1135 -29.32 31.98 -8.38
C GLN A 1135 -30.07 31.07 -9.35
N VAL A 1136 -31.39 31.22 -9.49
CA VAL A 1136 -32.08 30.44 -10.51
C VAL A 1136 -31.69 30.92 -11.90
N LEU A 1137 -31.37 32.20 -12.04
CA LEU A 1137 -30.84 32.72 -13.30
C LEU A 1137 -29.48 32.11 -13.63
N MET A 1138 -28.62 31.89 -12.63
CA MET A 1138 -27.44 31.06 -12.85
C MET A 1138 -27.84 29.63 -13.21
N ALA A 1139 -28.86 29.10 -12.55
CA ALA A 1139 -29.20 27.68 -12.68
C ALA A 1139 -29.65 27.34 -14.10
N ILE A 1140 -30.50 28.18 -14.71
CA ILE A 1140 -30.95 27.88 -16.06
C ILE A 1140 -29.80 28.02 -17.05
N SER A 1141 -29.01 29.08 -16.93
CA SER A 1141 -27.90 29.32 -17.84
C SER A 1141 -26.79 28.30 -17.60
N GLU A 1142 -25.73 28.42 -18.40
CA GLU A 1142 -24.60 27.52 -18.27
C GLU A 1142 -23.86 27.76 -16.96
N LYS A 1143 -23.09 26.74 -16.54
CA LYS A 1143 -22.30 26.85 -15.32
C LYS A 1143 -21.33 28.02 -15.45
N PRO A 1144 -20.38 27.94 -16.39
CA PRO A 1144 -19.55 29.12 -16.71
C PRO A 1144 -20.31 30.04 -17.66
N MET A 1145 -20.68 31.22 -17.16
CA MET A 1145 -21.40 32.18 -17.98
C MET A 1145 -20.53 32.67 -19.13
N THR A 1146 -21.19 33.03 -20.23
CA THR A 1146 -20.51 33.68 -21.34
C THR A 1146 -20.29 35.15 -21.02
N GLY A 1147 -19.68 35.88 -21.95
CA GLY A 1147 -19.35 37.28 -21.70
C GLY A 1147 -20.60 38.14 -21.51
N TRP A 1148 -21.59 37.97 -22.39
CA TRP A 1148 -22.82 38.73 -22.30
C TRP A 1148 -23.56 38.41 -21.01
N LYS A 1149 -23.67 37.12 -20.68
CA LYS A 1149 -24.34 36.73 -19.44
C LYS A 1149 -23.54 37.16 -18.22
N ARG A 1150 -22.20 37.18 -18.31
CA ARG A 1150 -21.41 37.64 -17.18
C ARG A 1150 -21.57 39.14 -16.96
N GLU A 1151 -21.66 39.91 -18.04
CA GLU A 1151 -21.95 41.34 -17.91
C GLU A 1151 -23.33 41.56 -17.30
N LYS A 1152 -24.32 40.77 -17.75
CA LYS A 1152 -25.66 40.87 -17.18
C LYS A 1152 -25.66 40.51 -15.70
N MET A 1153 -24.93 39.46 -15.32
CA MET A 1153 -24.79 39.10 -13.92
C MET A 1153 -24.20 40.24 -13.12
N ALA A 1154 -23.11 40.83 -13.61
CA ALA A 1154 -22.48 41.93 -12.90
C ALA A 1154 -23.46 43.09 -12.71
N SER A 1155 -24.18 43.45 -13.78
CA SER A 1155 -25.12 44.57 -13.70
C SER A 1155 -26.22 44.30 -12.70
N LEU A 1156 -26.88 43.14 -12.80
CA LEU A 1156 -27.98 42.83 -11.90
C LEU A 1156 -27.52 42.73 -10.46
N ALA A 1157 -26.39 42.07 -10.22
CA ALA A 1157 -25.90 41.92 -8.85
C ALA A 1157 -25.50 43.26 -8.25
N LYS A 1158 -24.85 44.13 -9.05
CA LYS A 1158 -24.52 45.45 -8.54
C LYS A 1158 -25.78 46.27 -8.28
N GLN A 1159 -26.81 46.12 -9.11
CA GLN A 1159 -28.07 46.82 -8.87
C GLN A 1159 -28.70 46.34 -7.56
N PHE A 1160 -28.70 45.02 -7.32
CA PHE A 1160 -29.24 44.49 -6.08
C PHE A 1160 -28.41 44.96 -4.88
N LEU A 1161 -27.10 45.06 -5.05
CA LEU A 1161 -26.24 45.61 -4.00
C LEU A 1161 -26.60 47.06 -3.71
N CYS A 1162 -26.90 47.82 -4.76
CA CYS A 1162 -27.30 49.22 -4.61
C CYS A 1162 -28.76 49.38 -4.22
N GLN A 1163 -29.54 48.31 -4.25
CA GLN A 1163 -30.92 48.39 -3.81
C GLN A 1163 -31.00 48.49 -2.30
N SER A 1164 -32.10 49.02 -1.80
CA SER A 1164 -32.37 49.12 -0.38
C SER A 1164 -33.49 48.16 -0.01
N TRP A 1165 -33.29 47.40 1.05
CA TRP A 1165 -34.23 46.37 1.47
C TRP A 1165 -34.71 46.65 2.88
N MET A 1166 -36.03 46.60 3.06
CA MET A 1166 -36.64 46.77 4.38
C MET A 1166 -37.96 46.02 4.41
N LYS A 1167 -38.31 45.53 5.58
CA LYS A 1167 -39.58 44.85 5.77
C LYS A 1167 -40.72 45.85 5.62
N PRO A 1168 -41.96 45.38 5.38
CA PRO A 1168 -43.08 46.31 5.23
C PRO A 1168 -43.22 47.29 6.39
N GLY A 1169 -42.97 46.85 7.62
CA GLY A 1169 -42.98 47.76 8.75
C GLY A 1169 -41.61 48.29 9.10
N GLY A 1170 -40.95 48.94 8.15
CA GLY A 1170 -39.57 49.35 8.37
C GLY A 1170 -38.71 48.12 8.61
N ASP A 1171 -37.86 48.19 9.63
CA ASP A 1171 -37.18 47.02 10.19
C ASP A 1171 -36.39 46.27 9.10
N ARG A 1172 -35.32 46.93 8.65
CA ARG A 1172 -34.40 46.36 7.66
C ARG A 1172 -34.16 44.88 7.92
N GLU A 1173 -34.13 44.10 6.83
CA GLU A 1173 -34.28 42.65 6.88
C GLU A 1173 -33.03 41.94 7.38
N LYS A 1174 -32.10 42.68 7.98
CA LYS A 1174 -30.88 42.09 8.52
C LYS A 1174 -31.21 40.97 9.50
N GLY A 1175 -30.82 39.75 9.14
CA GLY A 1175 -31.09 38.59 9.96
C GLY A 1175 -29.96 37.57 9.96
N SER A 1176 -30.29 36.30 9.76
CA SER A 1176 -29.29 35.23 9.70
C SER A 1176 -29.20 34.59 8.32
N HIS A 1177 -30.33 34.14 7.77
CA HIS A 1177 -30.33 33.68 6.38
C HIS A 1177 -29.95 34.81 5.43
N PHE A 1178 -30.29 36.05 5.81
CA PHE A 1178 -29.85 37.22 5.07
C PHE A 1178 -28.33 37.24 4.90
N ASN A 1179 -27.60 36.84 5.94
CA ASN A 1179 -26.13 36.86 5.87
C ASN A 1179 -25.62 35.90 4.80
N SER A 1180 -26.11 34.66 4.80
CA SER A 1180 -25.68 33.70 3.79
C SER A 1180 -26.12 34.12 2.39
N ALA A 1181 -27.32 34.70 2.29
CA ALA A 1181 -27.78 35.18 0.99
C ALA A 1181 -26.84 36.25 0.45
N LEU A 1182 -26.46 37.21 1.29
CA LEU A 1182 -25.55 38.25 0.84
C LEU A 1182 -24.18 37.68 0.54
N HIS A 1183 -23.75 36.67 1.30
CA HIS A 1183 -22.49 36.00 1.00
C HIS A 1183 -22.49 35.45 -0.42
N THR A 1184 -23.54 34.72 -0.77
CA THR A 1184 -23.63 34.14 -2.11
C THR A 1184 -23.71 35.23 -3.17
N LEU A 1185 -24.49 36.28 -2.92
CA LEU A 1185 -24.58 37.40 -3.86
C LEU A 1185 -23.21 38.00 -4.13
N LEU A 1186 -22.47 38.30 -3.06
CA LEU A 1186 -21.15 38.91 -3.22
C LEU A 1186 -20.21 37.97 -3.94
N CYS A 1187 -20.24 36.69 -3.60
CA CYS A 1187 -19.37 35.72 -4.27
C CYS A 1187 -19.64 35.72 -5.77
N VAL A 1188 -20.90 35.57 -6.16
CA VAL A 1188 -21.20 35.44 -7.59
C VAL A 1188 -20.93 36.76 -8.32
N TYR A 1189 -21.25 37.89 -7.68
CA TYR A 1189 -21.00 39.19 -8.32
C TYR A 1189 -19.52 39.41 -8.56
N LEU A 1190 -18.70 39.25 -7.51
CA LEU A 1190 -17.27 39.46 -7.67
C LEU A 1190 -16.66 38.46 -8.63
N GLU A 1191 -17.16 37.22 -8.64
CA GLU A 1191 -16.67 36.25 -9.62
C GLU A 1191 -16.99 36.67 -11.05
N HIS A 1192 -18.19 37.21 -11.27
CA HIS A 1192 -18.65 37.53 -12.62
C HIS A 1192 -18.44 38.99 -13.00
N THR A 1193 -17.71 39.76 -12.19
CA THR A 1193 -17.37 41.11 -12.58
C THR A 1193 -16.35 41.10 -13.72
N ASP A 1194 -16.19 42.26 -14.36
CA ASP A 1194 -15.22 42.42 -15.44
C ASP A 1194 -13.83 42.69 -14.88
N ASN A 1195 -13.68 43.76 -14.10
CA ASN A 1195 -12.41 44.11 -13.45
C ASN A 1195 -12.58 43.78 -11.96
N ILE A 1196 -12.20 42.56 -11.60
CA ILE A 1196 -12.42 42.09 -10.22
C ILE A 1196 -11.66 42.98 -9.25
N LEU A 1197 -10.37 43.23 -9.53
CA LEU A 1197 -9.60 44.12 -8.67
C LEU A 1197 -10.20 45.52 -8.66
N LYS A 1198 -10.62 46.00 -9.83
CA LYS A 1198 -11.26 47.32 -9.89
C LYS A 1198 -12.54 47.34 -9.08
N ALA A 1199 -13.33 46.28 -9.15
CA ALA A 1199 -14.59 46.24 -8.41
C ALA A 1199 -14.37 46.23 -6.91
N ILE A 1200 -13.44 45.40 -6.43
CA ILE A 1200 -13.19 45.35 -4.99
C ILE A 1200 -12.57 46.65 -4.52
N GLU A 1201 -11.70 47.26 -5.34
CA GLU A 1201 -11.14 48.55 -4.98
C GLU A 1201 -12.22 49.61 -4.87
N GLU A 1202 -13.16 49.65 -5.82
CA GLU A 1202 -14.24 50.62 -5.77
C GLU A 1202 -15.09 50.42 -4.53
N ILE A 1203 -15.44 49.16 -4.24
CA ILE A 1203 -16.24 48.86 -3.04
C ILE A 1203 -15.51 49.36 -1.79
N SER A 1204 -14.31 48.84 -1.56
CA SER A 1204 -13.57 49.17 -0.35
C SER A 1204 -13.14 50.63 -0.29
N SER A 1205 -13.24 51.37 -1.39
CA SER A 1205 -12.80 52.75 -1.39
C SER A 1205 -13.94 53.76 -1.38
N VAL A 1206 -15.18 53.35 -1.68
CA VAL A 1206 -16.32 54.26 -1.62
C VAL A 1206 -17.37 53.81 -0.61
N GLY A 1207 -17.69 52.52 -0.56
CA GLY A 1207 -18.78 52.07 0.29
C GLY A 1207 -18.42 52.02 1.77
N VAL A 1208 -17.30 51.40 2.08
CA VAL A 1208 -16.86 51.32 3.48
C VAL A 1208 -16.59 52.70 4.08
N PRO A 1209 -15.83 53.60 3.44
CA PRO A 1209 -15.60 54.91 4.07
C PRO A 1209 -16.86 55.69 4.35
N GLU A 1210 -17.84 55.64 3.46
CA GLU A 1210 -19.10 56.34 3.72
C GLU A 1210 -19.83 55.74 4.91
N LEU A 1211 -19.75 54.41 5.07
CA LEU A 1211 -20.37 53.79 6.24
C LEU A 1211 -19.67 54.21 7.52
N ILE A 1212 -18.33 54.20 7.53
CA ILE A 1212 -17.61 54.54 8.75
C ILE A 1212 -17.75 56.02 9.08
N ASN A 1213 -17.93 56.87 8.08
CA ASN A 1213 -17.99 58.31 8.32
C ASN A 1213 -19.40 58.80 8.63
N SER A 1214 -20.39 58.39 7.84
CA SER A 1214 -21.74 58.94 7.93
C SER A 1214 -22.68 58.04 8.73
N ALA A 1215 -22.77 56.77 8.35
CA ALA A 1215 -23.73 55.87 8.98
C ALA A 1215 -23.41 55.71 10.47
N LYS A 1216 -24.46 55.78 11.29
CA LYS A 1216 -24.37 55.56 12.72
C LYS A 1216 -24.93 54.21 13.13
N ASP A 1217 -26.19 53.92 12.75
CA ASP A 1217 -26.78 52.61 12.96
C ASP A 1217 -27.43 52.09 11.68
N GLY A 1218 -27.13 52.69 10.52
CA GLY A 1218 -27.76 52.30 9.28
C GLY A 1218 -26.79 51.78 8.24
N CYS A 1219 -27.28 51.65 7.00
CA CYS A 1219 -26.48 51.10 5.91
C CYS A 1219 -25.62 52.18 5.29
N SER A 1220 -24.91 51.81 4.22
CA SER A 1220 -24.10 52.73 3.45
C SER A 1220 -24.92 53.32 2.30
N SER A 1221 -24.54 54.54 1.89
CA SER A 1221 -25.35 55.26 0.90
C SER A 1221 -25.30 54.57 -0.46
N THR A 1222 -24.11 54.26 -0.96
CA THR A 1222 -24.02 53.63 -2.28
C THR A 1222 -24.35 52.15 -2.24
N TYR A 1223 -24.17 51.50 -1.09
CA TYR A 1223 -24.49 50.08 -0.92
C TYR A 1223 -25.44 49.95 0.27
N PRO A 1224 -26.74 50.11 0.07
CA PRO A 1224 -27.69 49.92 1.18
C PRO A 1224 -27.73 48.50 1.71
N THR A 1225 -27.25 47.52 0.93
CA THR A 1225 -27.17 46.16 1.44
C THR A 1225 -26.13 46.03 2.54
N LEU A 1226 -25.00 46.73 2.41
CA LEU A 1226 -23.96 46.67 3.42
C LEU A 1226 -24.44 47.31 4.71
N SER A 1227 -24.21 46.63 5.83
CA SER A 1227 -24.58 47.13 7.15
C SER A 1227 -23.42 46.90 8.10
N ARG A 1228 -23.40 47.69 9.18
CA ARG A 1228 -22.36 47.53 10.19
C ARG A 1228 -22.36 46.12 10.75
N GLN A 1229 -23.55 45.58 11.05
CA GLN A 1229 -23.65 44.20 11.52
C GLN A 1229 -23.24 43.22 10.41
N THR A 1230 -23.45 43.60 9.16
CA THR A 1230 -23.27 42.70 8.02
C THR A 1230 -21.89 42.88 7.39
N PHE A 1231 -21.04 43.72 7.97
CA PHE A 1231 -19.71 43.94 7.41
C PHE A 1231 -18.85 42.67 7.32
N PRO A 1232 -18.81 41.78 8.32
CA PRO A 1232 -17.86 40.65 8.25
C PRO A 1232 -18.01 39.76 7.02
N VAL A 1233 -19.25 39.49 6.58
CA VAL A 1233 -19.41 38.63 5.40
C VAL A 1233 -18.91 39.34 4.15
N PHE A 1234 -19.20 40.64 4.04
CA PHE A 1234 -18.60 41.45 2.98
C PHE A 1234 -17.09 41.29 2.97
N PHE A 1235 -16.48 41.39 4.15
CA PHE A 1235 -15.03 41.38 4.26
C PHE A 1235 -14.46 40.01 3.90
N ARG A 1236 -15.12 38.95 4.37
CA ARG A 1236 -14.66 37.59 4.09
C ARG A 1236 -14.71 37.30 2.59
N VAL A 1237 -15.83 37.60 1.96
CA VAL A 1237 -15.93 37.33 0.52
C VAL A 1237 -14.98 38.20 -0.27
N MET A 1238 -14.75 39.44 0.19
CA MET A 1238 -13.82 40.31 -0.52
C MET A 1238 -12.41 39.73 -0.49
N MET A 1239 -11.94 39.30 0.68
CA MET A 1239 -10.61 38.67 0.69
C MET A 1239 -10.59 37.37 -0.09
N ALA A 1240 -11.66 36.58 -0.04
CA ALA A 1240 -11.69 35.34 -0.81
C ALA A 1240 -11.49 35.61 -2.29
N GLN A 1241 -12.25 36.56 -2.83
CA GLN A 1241 -12.14 36.85 -4.26
C GLN A 1241 -10.80 37.48 -4.60
N LEU A 1242 -10.28 38.34 -3.71
CA LEU A 1242 -8.97 38.94 -3.98
C LEU A 1242 -7.89 37.87 -4.03
N GLU A 1243 -7.91 36.92 -3.08
CA GLU A 1243 -6.92 35.85 -3.11
C GLU A 1243 -7.09 34.97 -4.34
N SER A 1244 -8.33 34.67 -4.72
CA SER A 1244 -8.55 33.84 -5.90
C SER A 1244 -8.03 34.52 -7.16
N SER A 1245 -8.27 35.83 -7.29
CA SER A 1245 -7.72 36.56 -8.43
C SER A 1245 -6.20 36.58 -8.40
N VAL A 1246 -5.61 36.77 -7.22
CA VAL A 1246 -4.16 36.80 -7.11
C VAL A 1246 -3.56 35.46 -7.52
N LYS A 1247 -4.15 34.37 -7.04
CA LYS A 1247 -3.69 33.03 -7.42
C LYS A 1247 -3.91 32.77 -8.91
N SER A 1248 -4.92 33.41 -9.50
CA SER A 1248 -5.20 33.22 -10.93
C SER A 1248 -4.13 33.82 -11.83
N ILE A 1249 -3.20 34.59 -11.29
CA ILE A 1249 -2.13 35.22 -12.06
C ILE A 1249 -1.25 34.12 -12.63
N PRO A 1250 -0.60 34.33 -13.79
CA PRO A 1250 0.39 33.37 -14.26
C PRO A 1250 1.61 33.35 -13.36
N ALA A 1251 2.32 32.21 -13.41
CA ALA A 1251 3.48 31.99 -12.57
C ALA A 1251 4.69 32.73 -13.14
N GLY A 1252 5.88 32.45 -12.60
CA GLY A 1252 7.08 33.14 -13.02
C GLY A 1252 7.93 32.35 -13.99
N LYS A 1253 7.86 32.71 -15.27
CA LYS A 1253 8.69 32.08 -16.27
C LYS A 1253 10.16 32.51 -16.10
N PRO A 1254 11.11 31.64 -16.43
CA PRO A 1254 12.52 32.01 -16.26
C PRO A 1254 13.00 32.99 -17.32
N SER A 1255 12.53 34.24 -17.23
CA SER A 1255 12.84 35.28 -18.21
C SER A 1255 12.42 34.86 -19.62
N ASP A 1256 11.26 34.21 -19.71
CA ASP A 1256 10.70 33.77 -20.99
C ASP A 1256 9.82 34.83 -21.64
N SER A 1257 9.99 36.10 -21.28
CA SER A 1257 9.15 37.16 -21.83
C SER A 1257 9.87 38.49 -21.71
N GLY A 1258 9.75 39.32 -22.74
CA GLY A 1258 10.33 40.64 -22.73
C GLY A 1258 9.27 41.72 -22.84
N GLU A 1259 9.09 42.50 -21.77
CA GLU A 1259 8.07 43.52 -21.60
C GLU A 1259 6.69 42.94 -21.31
N VAL A 1260 6.50 41.62 -21.42
CA VAL A 1260 5.29 41.00 -20.91
C VAL A 1260 5.30 41.03 -19.38
N GLN A 1261 6.47 40.84 -18.79
CA GLN A 1261 6.62 41.01 -17.35
C GLN A 1261 6.16 42.39 -16.91
N LEU A 1262 6.41 43.40 -17.74
CA LEU A 1262 5.90 44.74 -17.46
C LEU A 1262 4.38 44.75 -17.41
N GLU A 1263 3.74 44.05 -18.35
CA GLU A 1263 2.29 43.91 -18.33
C GLU A 1263 1.81 42.96 -17.23
N LYS A 1264 2.73 42.23 -16.59
CA LYS A 1264 2.38 41.31 -15.51
C LYS A 1264 3.06 41.71 -14.21
N LEU A 1265 3.32 43.01 -14.04
CA LEU A 1265 3.96 43.53 -12.84
C LEU A 1265 3.07 44.51 -12.08
N LEU A 1266 2.47 45.47 -12.78
CA LEU A 1266 1.57 46.42 -12.14
C LEU A 1266 0.31 45.75 -11.59
N LYS A 1267 -0.05 44.58 -12.12
CA LYS A 1267 -1.17 43.84 -11.56
C LYS A 1267 -0.91 43.48 -10.10
N TRP A 1268 0.32 43.04 -9.79
CA TRP A 1268 0.67 42.80 -8.40
C TRP A 1268 0.68 44.10 -7.60
N ASN A 1269 1.05 45.22 -8.22
CA ASN A 1269 1.02 46.49 -7.52
C ASN A 1269 -0.40 46.83 -7.06
N ILE A 1270 -1.36 46.75 -7.97
CA ILE A 1270 -2.73 47.09 -7.60
C ILE A 1270 -3.32 46.04 -6.65
N ALA A 1271 -2.92 44.77 -6.79
CA ALA A 1271 -3.38 43.75 -5.86
C ALA A 1271 -2.87 44.02 -4.44
N VAL A 1272 -1.60 44.39 -4.32
CA VAL A 1272 -1.05 44.72 -3.00
C VAL A 1272 -1.70 45.98 -2.45
N ARG A 1273 -2.02 46.95 -3.31
CA ARG A 1273 -2.74 48.13 -2.85
C ARG A 1273 -4.11 47.76 -2.31
N ASN A 1274 -4.83 46.88 -3.00
CA ASN A 1274 -6.12 46.42 -2.51
C ASN A 1274 -5.99 45.70 -1.17
N PHE A 1275 -4.98 44.84 -1.05
CA PHE A 1275 -4.76 44.14 0.21
C PHE A 1275 -4.45 45.12 1.33
N HIS A 1276 -3.67 46.15 1.03
CA HIS A 1276 -3.38 47.19 2.02
C HIS A 1276 -4.66 47.89 2.45
N ILE A 1277 -5.54 48.20 1.49
CA ILE A 1277 -6.79 48.88 1.82
C ILE A 1277 -7.65 48.00 2.73
N LEU A 1278 -7.72 46.70 2.42
CA LEU A 1278 -8.52 45.79 3.25
C LEU A 1278 -7.94 45.68 4.66
N ILE A 1279 -6.64 45.48 4.78
CA ILE A 1279 -6.06 45.34 6.11
C ILE A 1279 -6.17 46.64 6.89
N ASN A 1280 -6.19 47.78 6.21
CA ASN A 1280 -6.53 49.04 6.89
C ASN A 1280 -7.97 49.02 7.36
N LEU A 1281 -8.88 48.49 6.54
CA LEU A 1281 -10.28 48.35 6.95
C LEU A 1281 -10.41 47.50 8.20
N VAL A 1282 -9.47 46.56 8.41
CA VAL A 1282 -9.47 45.78 9.64
C VAL A 1282 -9.34 46.69 10.85
N LYS A 1283 -8.53 47.74 10.75
CA LYS A 1283 -8.19 48.56 11.92
C LYS A 1283 -9.42 49.16 12.58
N VAL A 1284 -10.48 49.38 11.82
CA VAL A 1284 -11.68 50.02 12.38
C VAL A 1284 -12.59 49.00 13.06
N PHE A 1285 -12.73 47.82 12.48
CA PHE A 1285 -13.69 46.81 12.94
C PHE A 1285 -12.92 45.68 13.63
N ASP A 1286 -12.92 45.70 14.96
CA ASP A 1286 -12.24 44.71 15.78
C ASP A 1286 -13.08 43.45 16.01
N SER A 1287 -14.09 43.21 15.18
CA SER A 1287 -14.95 42.05 15.35
C SER A 1287 -14.13 40.76 15.26
N ARG A 1288 -14.46 39.82 16.15
CA ARG A 1288 -13.73 38.54 16.17
C ARG A 1288 -13.78 37.80 14.84
N PRO A 1289 -14.95 37.62 14.18
CA PRO A 1289 -14.93 36.96 12.87
C PRO A 1289 -14.08 37.69 11.85
N VAL A 1290 -14.07 39.03 11.90
CA VAL A 1290 -13.24 39.81 10.98
C VAL A 1290 -11.76 39.48 11.20
N LEU A 1291 -11.33 39.44 12.46
CA LEU A 1291 -9.95 39.10 12.76
C LEU A 1291 -9.62 37.69 12.27
N SER A 1292 -10.54 36.74 12.48
CA SER A 1292 -10.29 35.36 12.07
C SER A 1292 -10.12 35.26 10.56
N ILE A 1293 -11.05 35.84 9.80
CA ILE A 1293 -10.98 35.74 8.34
C ILE A 1293 -9.74 36.47 7.84
N CYS A 1294 -9.39 37.59 8.46
CA CYS A 1294 -8.19 38.31 8.04
C CYS A 1294 -6.94 37.47 8.30
N LEU A 1295 -6.85 36.83 9.46
CA LEU A 1295 -5.72 35.94 9.71
C LEU A 1295 -5.62 34.88 8.62
N LYS A 1296 -6.72 34.16 8.40
CA LYS A 1296 -6.69 33.04 7.46
C LYS A 1296 -6.30 33.50 6.06
N TYR A 1297 -6.93 34.56 5.57
CA TYR A 1297 -6.76 34.92 4.17
C TYR A 1297 -5.53 35.78 3.94
N GLY A 1298 -5.03 36.50 4.94
CA GLY A 1298 -3.70 37.08 4.83
C GLY A 1298 -2.64 36.02 4.74
N ARG A 1299 -2.75 34.96 5.55
CA ARG A 1299 -1.82 33.84 5.41
C ARG A 1299 -1.90 33.24 4.02
N LEU A 1300 -3.12 33.01 3.53
CA LEU A 1300 -3.29 32.43 2.20
C LEU A 1300 -2.69 33.33 1.12
N PHE A 1301 -2.91 34.63 1.23
CA PHE A 1301 -2.42 35.57 0.22
C PHE A 1301 -0.90 35.63 0.22
N VAL A 1302 -0.27 35.68 1.39
CA VAL A 1302 1.19 35.74 1.41
C VAL A 1302 1.78 34.43 0.90
N GLU A 1303 1.12 33.30 1.19
CA GLU A 1303 1.57 32.04 0.62
C GLU A 1303 1.48 32.06 -0.90
N ALA A 1304 0.38 32.59 -1.44
CA ALA A 1304 0.23 32.69 -2.89
C ALA A 1304 1.29 33.61 -3.48
N PHE A 1305 1.58 34.73 -2.82
CA PHE A 1305 2.62 35.63 -3.28
C PHE A 1305 3.95 34.90 -3.38
N LEU A 1306 4.33 34.19 -2.31
CA LEU A 1306 5.57 33.43 -2.33
C LEU A 1306 5.58 32.41 -3.46
N LYS A 1307 4.47 31.70 -3.64
CA LYS A 1307 4.45 30.63 -4.63
C LYS A 1307 4.56 31.16 -6.05
N LEU A 1308 3.97 32.33 -6.33
CA LEU A 1308 3.82 32.78 -7.71
C LEU A 1308 4.66 34.01 -8.05
N ALA A 1309 4.50 35.11 -7.29
CA ALA A 1309 5.01 36.40 -7.74
C ALA A 1309 6.53 36.41 -7.81
N MET A 1310 7.19 36.00 -6.72
CA MET A 1310 8.63 36.17 -6.62
C MET A 1310 9.42 35.41 -7.69
N PRO A 1311 9.05 34.18 -8.07
CA PRO A 1311 9.74 33.56 -9.22
C PRO A 1311 9.67 34.41 -10.48
N LEU A 1312 8.60 35.17 -10.67
CA LEU A 1312 8.58 36.19 -11.73
C LEU A 1312 9.36 37.43 -11.32
N LEU A 1313 9.27 37.83 -10.06
CA LEU A 1313 9.84 39.10 -9.63
C LEU A 1313 11.36 39.10 -9.71
N ASP A 1314 12.00 37.95 -9.56
CA ASP A 1314 13.46 37.91 -9.59
C ASP A 1314 14.01 38.34 -10.95
N HIS A 1315 13.37 37.92 -12.04
CA HIS A 1315 13.85 38.29 -13.36
C HIS A 1315 13.51 39.73 -13.70
N SER A 1316 12.32 40.20 -13.29
CA SER A 1316 11.95 41.58 -13.54
C SER A 1316 12.85 42.55 -12.78
N PHE A 1317 13.59 42.08 -11.79
CA PHE A 1317 14.48 42.95 -11.03
C PHE A 1317 15.56 43.56 -11.90
N LYS A 1318 15.97 42.86 -12.97
CA LYS A 1318 17.02 43.35 -13.85
C LYS A 1318 16.62 44.64 -14.55
N LYS A 1319 15.59 44.58 -15.39
CA LYS A 1319 15.16 45.76 -16.11
C LYS A 1319 14.42 46.73 -15.20
N HIS A 1320 13.52 46.22 -14.36
CA HIS A 1320 12.68 47.05 -13.50
C HIS A 1320 13.23 47.01 -12.08
N ARG A 1321 13.58 48.18 -11.54
CA ARG A 1321 14.14 48.28 -10.20
C ARG A 1321 13.25 49.06 -9.26
N ASP A 1322 12.82 50.27 -9.64
CA ASP A 1322 11.98 51.07 -8.75
C ASP A 1322 10.62 50.42 -8.55
N ASP A 1323 10.05 49.82 -9.59
CA ASP A 1323 8.72 49.26 -9.50
C ASP A 1323 8.67 48.12 -8.48
N VAL A 1324 9.59 47.16 -8.59
CA VAL A 1324 9.58 46.03 -7.68
C VAL A 1324 9.92 46.46 -6.26
N GLN A 1325 10.81 47.45 -6.10
CA GLN A 1325 11.14 47.93 -4.76
C GLN A 1325 9.93 48.59 -4.11
N SER A 1326 9.20 49.41 -4.86
CA SER A 1326 7.99 50.03 -4.31
C SER A 1326 6.93 48.98 -4.00
N LEU A 1327 6.79 47.97 -4.87
CA LEU A 1327 5.84 46.90 -4.62
C LEU A 1327 6.17 46.14 -3.35
N LEU A 1328 7.45 45.84 -3.14
CA LEU A 1328 7.88 45.21 -1.91
C LEU A 1328 7.64 46.11 -0.71
N LYS A 1329 7.84 47.42 -0.87
CA LYS A 1329 7.54 48.35 0.21
C LYS A 1329 6.07 48.27 0.61
N THR A 1330 5.18 48.27 -0.39
CA THR A 1330 3.75 48.19 -0.10
C THR A 1330 3.38 46.86 0.54
N LEU A 1331 3.93 45.76 0.02
CA LEU A 1331 3.62 44.45 0.59
C LEU A 1331 4.12 44.35 2.03
N GLN A 1332 5.32 44.84 2.31
CA GLN A 1332 5.86 44.83 3.66
C GLN A 1332 5.03 45.71 4.58
N LEU A 1333 4.56 46.85 4.07
CA LEU A 1333 3.63 47.68 4.84
C LEU A 1333 2.37 46.90 5.20
N SER A 1334 1.84 46.13 4.25
CA SER A 1334 0.64 45.35 4.50
C SER A 1334 0.90 44.27 5.54
N THR A 1335 1.93 43.46 5.34
CA THR A 1335 2.18 42.31 6.21
C THR A 1335 2.68 42.71 7.60
N ARG A 1336 3.00 43.98 7.83
CA ARG A 1336 3.43 44.38 9.16
C ARG A 1336 2.34 44.18 10.20
N GLN A 1337 1.10 44.49 9.86
CA GLN A 1337 0.03 44.44 10.84
C GLN A 1337 -0.40 43.01 11.18
N LEU A 1338 -0.09 42.03 10.33
CA LEU A 1338 -0.46 40.65 10.63
C LEU A 1338 0.26 40.15 11.89
N HIS A 1339 1.52 40.52 12.05
CA HIS A 1339 2.24 40.14 13.27
C HIS A 1339 1.59 40.75 14.50
N HIS A 1340 1.23 42.04 14.41
CA HIS A 1340 0.62 42.72 15.55
C HIS A 1340 -0.69 42.05 15.96
N MET A 1341 -1.50 41.70 14.96
CA MET A 1341 -2.81 41.12 15.26
C MET A 1341 -2.71 39.66 15.66
N CYS A 1342 -1.68 38.94 15.21
CA CYS A 1342 -1.39 37.63 15.79
C CYS A 1342 -1.00 37.74 17.26
N GLY A 1343 -0.18 38.75 17.58
CA GLY A 1343 0.14 39.01 18.97
C GLY A 1343 -1.10 39.33 19.79
N HIS A 1344 -2.01 40.12 19.20
CA HIS A 1344 -3.28 40.42 19.85
C HIS A 1344 -4.10 39.16 20.09
N SER A 1345 -4.15 38.28 19.08
CA SER A 1345 -4.87 37.01 19.21
C SER A 1345 -4.33 36.19 20.37
N LYS A 1346 -3.01 36.01 20.43
CA LYS A 1346 -2.46 35.22 21.52
C LYS A 1346 -2.55 35.94 22.86
N ILE A 1347 -2.62 37.27 22.87
CA ILE A 1347 -2.80 38.01 24.10
C ILE A 1347 -4.20 37.80 24.66
N HIS A 1348 -5.20 37.74 23.79
CA HIS A 1348 -6.58 37.61 24.24
C HIS A 1348 -7.06 36.17 24.38
N GLN A 1349 -6.19 35.19 24.14
CA GLN A 1349 -6.52 33.76 24.30
C GLN A 1349 -7.70 33.35 23.43
N ASP A 1350 -7.90 34.03 22.30
CA ASP A 1350 -8.98 33.69 21.40
C ASP A 1350 -8.70 32.34 20.75
N LEU A 1351 -9.48 31.33 21.13
CA LEU A 1351 -9.26 29.98 20.62
C LEU A 1351 -9.38 29.94 19.10
N GLY A 1352 -10.46 30.51 18.56
CA GLY A 1352 -10.59 30.59 17.12
C GLY A 1352 -9.48 31.39 16.49
N LEU A 1353 -9.02 32.43 17.17
CA LEU A 1353 -7.92 33.25 16.64
C LEU A 1353 -6.58 32.55 16.78
N THR A 1354 -6.33 31.86 17.89
CA THR A 1354 -5.07 31.14 18.03
C THR A 1354 -5.04 29.88 17.17
N ASN A 1355 -6.18 29.50 16.59
CA ASN A 1355 -6.20 28.37 15.68
C ASN A 1355 -5.34 28.60 14.44
N HIS A 1356 -5.07 29.85 14.09
CA HIS A 1356 -4.43 30.17 12.81
C HIS A 1356 -3.07 30.84 12.93
N VAL A 1357 -2.59 31.15 14.14
CA VAL A 1357 -1.35 31.92 14.27
C VAL A 1357 -0.12 31.19 13.75
N PRO A 1358 0.11 29.87 14.00
CA PRO A 1358 1.42 29.29 13.69
C PRO A 1358 1.75 29.29 12.20
N LEU A 1359 0.79 28.84 11.38
CA LEU A 1359 1.02 28.80 9.95
C LEU A 1359 1.26 30.19 9.38
N LEU A 1360 0.52 31.18 9.87
CA LEU A 1360 0.72 32.55 9.40
C LEU A 1360 2.11 33.05 9.75
N LYS A 1361 2.56 32.79 10.98
CA LYS A 1361 3.89 33.23 11.37
C LYS A 1361 4.96 32.54 10.51
N LYS A 1362 4.79 31.24 10.26
CA LYS A 1362 5.74 30.52 9.43
C LYS A 1362 5.77 31.08 8.01
N SER A 1363 4.60 31.38 7.45
CA SER A 1363 4.55 31.94 6.10
C SER A 1363 5.21 33.31 6.03
N LEU A 1364 5.00 34.14 7.04
CA LEU A 1364 5.65 35.45 7.06
C LEU A 1364 7.16 35.30 7.13
N GLU A 1365 7.65 34.37 7.95
CA GLU A 1365 9.10 34.12 7.98
C GLU A 1365 9.61 33.63 6.63
N GLN A 1366 8.83 32.76 5.98
CA GLN A 1366 9.21 32.26 4.67
C GLN A 1366 9.33 33.40 3.67
N PHE A 1367 8.40 34.35 3.70
CA PHE A 1367 8.47 35.49 2.81
C PHE A 1367 9.70 36.36 3.11
N VAL A 1368 9.97 36.57 4.40
CA VAL A 1368 11.13 37.36 4.80
C VAL A 1368 12.40 36.76 4.21
N TYR A 1369 12.52 35.43 4.27
CA TYR A 1369 13.75 34.80 3.79
C TYR A 1369 13.78 34.62 2.28
N ARG A 1370 12.61 34.48 1.64
CA ARG A 1370 12.59 34.41 0.18
C ARG A 1370 13.04 35.73 -0.43
N VAL A 1371 12.73 36.85 0.22
CA VAL A 1371 13.19 38.13 -0.31
C VAL A 1371 14.72 38.18 -0.32
N LYS A 1372 15.35 37.73 0.76
CA LYS A 1372 16.80 37.64 0.79
C LYS A 1372 17.31 36.70 -0.28
N ALA A 1373 16.62 35.57 -0.48
CA ALA A 1373 17.02 34.62 -1.51
C ALA A 1373 17.07 35.30 -2.87
N MET A 1374 16.02 36.06 -3.21
CA MET A 1374 15.97 36.68 -4.53
C MET A 1374 17.03 37.77 -4.67
N LEU A 1375 17.22 38.59 -3.63
CA LEU A 1375 18.26 39.62 -3.70
C LEU A 1375 19.64 38.99 -3.87
N ALA A 1376 19.92 37.92 -3.15
CA ALA A 1376 21.21 37.24 -3.32
C ALA A 1376 21.31 36.60 -4.70
N PHE A 1377 20.20 36.11 -5.24
CA PHE A 1377 20.22 35.54 -6.59
C PHE A 1377 20.64 36.59 -7.61
N ASN A 1378 20.10 37.79 -7.50
CA ASN A 1378 20.47 38.87 -8.40
C ASN A 1378 21.70 39.64 -7.93
N HIS A 1379 22.52 39.03 -7.10
CA HIS A 1379 23.80 39.58 -6.64
C HIS A 1379 23.62 40.88 -5.85
N CYS A 1380 22.42 41.13 -5.35
CA CYS A 1380 22.16 42.26 -4.46
C CYS A 1380 22.18 41.85 -2.99
N GLN A 1381 22.90 40.77 -2.66
CA GLN A 1381 22.89 40.24 -1.29
C GLN A 1381 23.41 41.24 -0.26
N GLU A 1382 24.22 42.21 -0.67
CA GLU A 1382 24.74 43.19 0.27
C GLU A 1382 23.62 44.06 0.85
N ALA A 1383 22.64 44.43 0.01
CA ALA A 1383 21.64 45.40 0.43
C ALA A 1383 20.68 44.83 1.48
N PHE A 1384 20.33 43.55 1.37
CA PHE A 1384 19.30 42.98 2.24
C PHE A 1384 19.74 43.00 3.70
N TRP A 1385 18.76 43.19 4.59
CA TRP A 1385 19.02 43.25 6.03
C TRP A 1385 17.75 42.87 6.77
N VAL A 1386 17.88 41.96 7.75
CA VAL A 1386 16.75 41.59 8.61
C VAL A 1386 16.80 42.45 9.86
N GLY A 1387 15.64 42.62 10.47
CA GLY A 1387 15.55 43.34 11.73
C GLY A 1387 14.29 42.96 12.46
N VAL A 1388 14.38 42.93 13.79
CA VAL A 1388 13.22 42.59 14.60
C VAL A 1388 12.15 43.66 14.45
N LEU A 1389 10.90 43.23 14.39
CA LEU A 1389 9.76 44.12 14.25
C LEU A 1389 9.20 44.42 15.64
N LYS A 1390 9.04 45.70 15.96
CA LYS A 1390 8.52 46.10 17.25
C LYS A 1390 7.10 45.60 17.43
N ASN A 1391 6.90 44.68 18.36
CA ASN A 1391 5.57 44.11 18.58
C ASN A 1391 4.62 45.19 19.08
N ARG A 1392 3.43 45.25 18.46
CA ARG A 1392 2.44 46.26 18.80
C ARG A 1392 1.07 45.60 18.82
N ASP A 1393 0.13 46.26 19.48
CA ASP A 1393 -1.27 45.89 19.39
C ASP A 1393 -1.85 46.48 18.11
N LEU A 1394 -3.16 46.36 17.92
CA LEU A 1394 -3.80 46.98 16.77
C LEU A 1394 -3.79 48.49 16.93
N GLN A 1395 -3.31 49.17 15.89
CA GLN A 1395 -3.11 50.63 15.88
C GLN A 1395 -2.60 51.14 17.22
N GLY A 1396 -1.58 50.46 17.73
CA GLY A 1396 -1.00 50.81 19.01
C GLY A 1396 0.48 50.52 19.10
N GLU A 1397 1.01 50.48 20.32
CA GLU A 1397 2.41 50.17 20.55
C GLU A 1397 2.53 49.20 21.72
N GLU A 1398 3.56 48.36 21.68
CA GLU A 1398 3.81 47.36 22.72
C GLU A 1398 2.62 46.44 22.93
N GLU B 209 -21.82 -29.60 32.71
CA GLU B 209 -22.18 -28.65 33.75
C GLU B 209 -21.87 -27.22 33.30
N ILE B 210 -20.58 -26.89 33.29
CA ILE B 210 -20.16 -25.56 32.83
C ILE B 210 -20.47 -25.34 31.36
N PRO B 211 -20.21 -26.26 30.43
CA PRO B 211 -20.50 -25.99 29.01
C PRO B 211 -21.96 -25.62 28.75
N PRO B 212 -22.95 -26.40 29.24
CA PRO B 212 -24.33 -25.98 29.00
C PRO B 212 -24.69 -24.66 29.67
N LEU B 213 -24.13 -24.41 30.86
CA LEU B 213 -24.42 -23.16 31.55
C LEU B 213 -23.91 -21.97 30.77
N VAL B 214 -22.69 -22.06 30.24
CA VAL B 214 -22.14 -20.95 29.48
C VAL B 214 -22.80 -20.85 28.11
N TYR B 215 -23.30 -21.96 27.57
CA TYR B 215 -24.08 -21.90 26.34
C TYR B 215 -25.37 -21.12 26.57
N GLN B 216 -26.05 -21.39 27.70
CA GLN B 216 -27.24 -20.62 28.05
C GLN B 216 -26.89 -19.15 28.28
N LEU B 217 -25.75 -18.89 28.91
CA LEU B 217 -25.31 -17.51 29.12
C LEU B 217 -25.05 -16.80 27.80
N LEU B 218 -24.47 -17.50 26.83
CA LEU B 218 -24.25 -16.93 25.51
C LEU B 218 -25.57 -16.65 24.80
N LEU B 219 -26.55 -17.56 24.95
CA LEU B 219 -27.87 -17.29 24.40
C LEU B 219 -28.50 -16.06 25.05
N LEU B 220 -28.32 -15.91 26.36
CA LEU B 220 -28.80 -14.72 27.06
C LEU B 220 -28.12 -13.47 26.53
N SER B 221 -26.80 -13.53 26.30
CA SER B 221 -26.08 -12.40 25.73
C SER B 221 -26.61 -12.05 24.35
N ALA B 222 -26.92 -13.07 23.54
CA ALA B 222 -27.56 -12.82 22.26
C ALA B 222 -28.90 -12.12 22.45
N LYS B 223 -29.65 -12.53 23.46
CA LYS B 223 -30.89 -11.82 23.81
C LYS B 223 -30.60 -10.52 24.56
N GLY B 224 -29.53 -10.47 25.35
CA GLY B 224 -29.24 -9.31 26.15
C GLY B 224 -28.07 -8.47 25.65
N SER B 225 -26.99 -8.42 26.44
CA SER B 225 -25.84 -7.59 26.13
C SER B 225 -24.58 -8.44 26.05
N LYS B 226 -23.63 -7.98 25.26
CA LYS B 226 -22.38 -8.71 25.03
C LYS B 226 -21.13 -7.90 25.33
N LYS B 227 -21.28 -6.65 25.80
CA LYS B 227 -20.12 -5.80 26.01
C LYS B 227 -19.22 -6.36 27.11
N THR B 228 -19.81 -6.86 28.20
CA THR B 228 -19.05 -7.30 29.36
C THR B 228 -19.05 -8.80 29.59
N VAL B 229 -20.08 -9.51 29.15
CA VAL B 229 -20.16 -10.95 29.40
C VAL B 229 -19.03 -11.68 28.68
N LEU B 230 -18.71 -11.25 27.46
CA LEU B 230 -17.60 -11.87 26.73
C LEU B 230 -16.31 -11.76 27.53
N GLU B 231 -15.96 -10.54 27.94
CA GLU B 231 -14.74 -10.33 28.71
C GLU B 231 -14.77 -11.10 30.01
N GLY B 232 -15.95 -11.20 30.64
CA GLY B 232 -16.05 -11.98 31.87
C GLY B 232 -15.74 -13.45 31.66
N ILE B 233 -16.23 -14.03 30.57
CA ILE B 233 -15.95 -15.45 30.34
C ILE B 233 -14.49 -15.65 29.90
N ILE B 234 -13.91 -14.70 29.17
CA ILE B 234 -12.46 -14.76 28.91
C ILE B 234 -11.69 -14.77 30.23
N SER B 235 -12.07 -13.88 31.15
CA SER B 235 -11.37 -13.81 32.43
C SER B 235 -11.53 -15.12 33.22
N PHE B 236 -12.74 -15.69 33.20
CA PHE B 236 -12.95 -16.96 33.89
C PHE B 236 -12.04 -18.04 33.33
N PHE B 237 -11.98 -18.15 32.00
CA PHE B 237 -11.09 -19.13 31.39
C PHE B 237 -9.64 -18.83 31.74
N ASN B 238 -9.29 -17.54 31.85
CA ASN B 238 -7.91 -17.16 32.14
C ASN B 238 -7.48 -17.64 33.51
N GLN B 239 -8.28 -17.34 34.55
CA GLN B 239 -7.93 -17.83 35.88
C GLN B 239 -8.04 -19.34 35.98
N LEU B 240 -8.95 -19.97 35.25
CA LEU B 240 -8.99 -21.43 35.24
C LEU B 240 -7.68 -22.01 34.70
N ASP B 241 -7.20 -21.45 33.58
CA ASP B 241 -5.94 -21.93 33.02
C ASP B 241 -4.76 -21.63 33.94
N LYS B 242 -4.77 -20.46 34.59
CA LYS B 242 -3.69 -20.14 35.52
C LYS B 242 -3.65 -21.12 36.69
N ARG B 243 -4.82 -21.45 37.24
CA ARG B 243 -4.84 -22.35 38.38
C ARG B 243 -4.57 -23.80 37.98
N GLN B 244 -4.91 -24.17 36.74
CA GLN B 244 -4.65 -25.52 36.26
C GLN B 244 -3.25 -25.70 35.70
N LYS B 245 -2.51 -24.62 35.46
CA LYS B 245 -1.17 -24.73 34.89
C LYS B 245 -0.22 -25.42 35.87
N GLU B 246 -0.31 -25.09 37.15
CA GLU B 246 0.58 -25.66 38.15
C GLU B 246 -0.05 -26.91 38.77
N LEU B 263 -5.51 -31.92 33.78
CA LEU B 263 -6.50 -30.93 33.36
C LEU B 263 -7.06 -31.27 31.98
N ASP B 264 -6.93 -32.53 31.59
CA ASP B 264 -7.43 -32.97 30.28
C ASP B 264 -8.94 -32.88 30.20
N GLN B 265 -9.65 -33.22 31.28
CA GLN B 265 -11.10 -33.04 31.29
C GLN B 265 -11.47 -31.57 31.18
N LEU B 266 -10.75 -30.71 31.91
CA LEU B 266 -10.98 -29.27 31.80
C LEU B 266 -10.66 -28.77 30.39
N ARG B 267 -9.62 -29.33 29.77
CA ARG B 267 -9.28 -28.91 28.41
C ARG B 267 -10.35 -29.37 27.42
N HIS B 268 -10.93 -30.55 27.63
CA HIS B 268 -12.03 -31.00 26.78
C HIS B 268 -13.25 -30.10 26.97
N VAL B 269 -13.52 -29.69 28.21
CA VAL B 269 -14.61 -28.75 28.46
C VAL B 269 -14.34 -27.44 27.73
N GLU B 270 -13.09 -26.97 27.76
CA GLU B 270 -12.71 -25.76 27.05
C GLU B 270 -12.93 -25.91 25.55
N GLY B 271 -12.55 -27.06 25.00
CA GLY B 271 -12.80 -27.32 23.59
C GLY B 271 -14.28 -27.28 23.26
N THR B 272 -15.11 -27.89 24.11
CA THR B 272 -16.55 -27.89 23.87
C THR B 272 -17.11 -26.47 23.89
N VAL B 273 -16.70 -25.66 24.87
CA VAL B 273 -17.27 -24.32 24.97
C VAL B 273 -16.79 -23.44 23.82
N ILE B 274 -15.52 -23.57 23.42
CA ILE B 274 -15.06 -22.76 22.29
C ILE B 274 -15.76 -23.20 21.02
N LEU B 275 -16.03 -24.51 20.86
CA LEU B 275 -16.78 -24.97 19.69
C LEU B 275 -18.18 -24.37 19.68
N HIS B 276 -18.85 -24.37 20.84
CA HIS B 276 -20.19 -23.80 20.92
C HIS B 276 -20.17 -22.32 20.55
N ILE B 277 -19.25 -21.56 21.14
CA ILE B 277 -19.23 -20.12 20.94
C ILE B 277 -18.83 -19.78 19.51
N VAL B 278 -17.92 -20.56 18.91
CA VAL B 278 -17.51 -20.27 17.54
C VAL B 278 -18.64 -20.61 16.57
N SER B 279 -19.39 -21.69 16.84
CA SER B 279 -20.55 -21.97 16.01
C SER B 279 -21.58 -20.86 16.12
N ALA B 280 -21.83 -20.37 17.33
CA ALA B 280 -22.78 -19.27 17.51
C ALA B 280 -22.32 -18.02 16.79
N ILE B 281 -21.03 -17.70 16.87
CA ILE B 281 -20.50 -16.51 16.22
C ILE B 281 -20.56 -16.66 14.70
N ASN B 282 -20.30 -17.86 14.20
CA ASN B 282 -20.40 -18.10 12.76
C ASN B 282 -21.85 -17.94 12.29
N LEU B 283 -22.81 -18.37 13.10
CA LEU B 283 -24.21 -18.17 12.75
C LEU B 283 -24.55 -16.68 12.67
N ASP B 284 -24.07 -15.89 13.62
CA ASP B 284 -24.31 -14.45 13.65
C ASP B 284 -22.96 -13.75 13.69
N GLN B 285 -22.39 -13.49 12.50
CA GLN B 285 -21.08 -12.89 12.42
C GLN B 285 -21.07 -11.47 12.97
N ASP B 286 -22.11 -10.69 12.69
CA ASP B 286 -22.16 -9.30 13.14
C ASP B 286 -22.15 -9.18 14.65
N ILE B 287 -22.55 -10.23 15.37
CA ILE B 287 -22.49 -10.20 16.83
C ILE B 287 -21.05 -10.07 17.29
N GLY B 288 -20.13 -10.77 16.64
CA GLY B 288 -18.72 -10.73 16.97
C GLY B 288 -17.97 -9.52 16.47
N GLU B 289 -18.65 -8.61 15.76
CA GLU B 289 -17.99 -7.40 15.29
C GLU B 289 -17.53 -6.52 16.45
N GLU B 290 -18.30 -6.49 17.53
CA GLU B 290 -17.91 -5.71 18.70
C GLU B 290 -16.63 -6.22 19.34
N LEU B 291 -16.27 -7.49 19.11
CA LEU B 291 -15.04 -8.03 19.67
C LEU B 291 -13.82 -7.28 19.13
N ILE B 292 -13.83 -6.94 17.85
CA ILE B 292 -12.70 -6.23 17.25
C ILE B 292 -12.50 -4.88 17.94
N LYS B 293 -13.57 -4.10 18.07
CA LYS B 293 -13.46 -2.79 18.71
C LYS B 293 -13.07 -2.92 20.17
N HIS B 294 -13.65 -3.90 20.88
CA HIS B 294 -13.32 -4.09 22.29
C HIS B 294 -11.84 -4.42 22.46
N LEU B 295 -11.32 -5.32 21.63
CA LEU B 295 -9.92 -5.70 21.77
C LEU B 295 -8.98 -4.58 21.34
N LYS B 296 -9.35 -3.81 20.32
CA LYS B 296 -8.54 -2.66 19.95
C LYS B 296 -8.49 -1.63 21.06
N THR B 297 -9.64 -1.36 21.70
CA THR B 297 -9.66 -0.43 22.82
C THR B 297 -8.82 -0.96 23.98
N GLU B 298 -8.92 -2.25 24.28
CA GLU B 298 -8.12 -2.83 25.36
C GLU B 298 -6.64 -2.74 25.06
N GLN B 299 -6.25 -3.00 23.80
CA GLN B 299 -4.84 -2.91 23.43
C GLN B 299 -4.35 -1.47 23.51
N GLN B 300 -5.20 -0.50 23.15
CA GLN B 300 -4.84 0.90 23.32
C GLN B 300 -4.64 1.23 24.79
N LYS B 301 -5.51 0.70 25.66
CA LYS B 301 -5.36 0.93 27.10
C LYS B 301 -4.29 0.03 27.70
N ASP B 302 -4.46 -1.29 27.60
CA ASP B 302 -3.52 -2.24 28.17
C ASP B 302 -2.32 -2.37 27.24
N PRO B 303 -1.10 -2.10 27.70
CA PRO B 303 0.07 -2.20 26.82
C PRO B 303 0.48 -3.64 26.58
N GLY B 304 -0.18 -4.30 25.63
CA GLY B 304 0.10 -5.69 25.32
C GLY B 304 -0.72 -6.70 26.09
N LYS B 305 -1.54 -6.26 27.04
CA LYS B 305 -2.40 -7.16 27.79
C LYS B 305 -3.62 -7.56 26.96
N ALA B 306 -4.48 -8.36 27.56
CA ALA B 306 -5.73 -8.86 26.99
C ALA B 306 -5.52 -9.79 25.81
N LEU B 307 -4.29 -10.07 25.41
CA LEU B 307 -4.00 -11.03 24.36
C LEU B 307 -3.75 -12.42 24.93
N CYS B 308 -4.68 -12.87 25.77
CA CYS B 308 -4.57 -14.15 26.43
C CYS B 308 -4.79 -15.29 25.44
N PRO B 309 -4.41 -16.52 25.80
CA PRO B 309 -4.66 -17.65 24.89
C PRO B 309 -6.12 -17.79 24.49
N PHE B 310 -7.04 -17.52 25.41
CA PHE B 310 -8.47 -17.61 25.09
C PHE B 310 -8.85 -16.60 24.01
N SER B 311 -8.41 -15.35 24.17
CA SER B 311 -8.77 -14.31 23.23
C SER B 311 -8.23 -14.60 21.83
N VAL B 312 -6.96 -15.01 21.76
CA VAL B 312 -6.37 -15.29 20.45
C VAL B 312 -6.98 -16.54 19.84
N SER B 313 -7.34 -17.53 20.67
CA SER B 313 -8.02 -18.71 20.14
C SER B 313 -9.37 -18.34 19.56
N LEU B 314 -10.12 -17.49 20.25
CA LEU B 314 -11.40 -17.03 19.71
C LEU B 314 -11.20 -16.24 18.42
N LEU B 315 -10.16 -15.41 18.37
CA LEU B 315 -9.89 -14.64 17.16
C LEU B 315 -9.55 -15.54 15.98
N LEU B 316 -8.73 -16.56 16.20
CA LEU B 316 -8.36 -17.45 15.10
C LEU B 316 -9.53 -18.34 14.69
N SER B 317 -10.37 -18.74 15.64
CA SER B 317 -11.50 -19.61 15.32
C SER B 317 -12.47 -18.91 14.37
N THR B 318 -12.82 -17.66 14.64
CA THR B 318 -13.71 -16.93 13.76
C THR B 318 -13.04 -16.55 12.44
N ALA B 319 -11.70 -16.55 12.39
CA ALA B 319 -11.01 -16.34 11.14
C ALA B 319 -11.31 -17.48 10.16
N VAL B 320 -11.39 -18.71 10.68
CA VAL B 320 -11.78 -19.84 9.84
C VAL B 320 -13.22 -19.69 9.35
N LYS B 321 -14.02 -18.87 10.02
CA LYS B 321 -15.37 -18.59 9.55
C LYS B 321 -15.37 -17.83 8.23
N HIS B 322 -14.23 -17.26 7.84
CA HIS B 322 -14.05 -16.54 6.58
C HIS B 322 -14.74 -15.19 6.52
N ARG B 323 -15.27 -14.69 7.64
CA ARG B 323 -15.95 -13.40 7.67
C ARG B 323 -15.03 -12.37 8.31
N LEU B 324 -14.63 -11.37 7.53
CA LEU B 324 -13.81 -10.26 7.99
C LEU B 324 -12.47 -10.70 8.58
N GLN B 325 -11.97 -11.88 8.18
CA GLN B 325 -10.72 -12.38 8.73
C GLN B 325 -9.53 -11.51 8.33
N GLU B 326 -9.65 -10.78 7.22
CA GLU B 326 -8.54 -9.95 6.76
C GLU B 326 -8.24 -8.83 7.74
N GLN B 327 -9.27 -8.16 8.25
CA GLN B 327 -9.07 -7.08 9.20
C GLN B 327 -8.52 -7.59 10.52
N ILE B 328 -9.01 -8.74 10.98
CA ILE B 328 -8.49 -9.34 12.21
C ILE B 328 -7.02 -9.70 12.04
N PHE B 329 -6.68 -10.27 10.88
CA PHE B 329 -5.28 -10.60 10.61
C PHE B 329 -4.40 -9.36 10.58
N ASP B 330 -4.91 -8.27 9.97
CA ASP B 330 -4.15 -7.03 9.93
C ASP B 330 -3.93 -6.48 11.34
N PHE B 331 -4.97 -6.52 12.18
CA PHE B 331 -4.83 -6.06 13.55
C PHE B 331 -3.81 -6.92 14.30
N LEU B 332 -3.86 -8.24 14.10
CA LEU B 332 -2.89 -9.12 14.73
C LEU B 332 -1.47 -8.79 14.27
N LYS B 333 -1.29 -8.54 12.98
CA LYS B 333 0.04 -8.20 12.45
C LYS B 333 0.54 -6.90 13.06
N THR B 334 -0.32 -5.89 13.14
CA THR B 334 0.08 -4.64 13.77
C THR B 334 0.47 -4.86 15.23
N SER B 335 -0.30 -5.67 15.94
CA SER B 335 -0.02 -5.92 17.36
C SER B 335 1.33 -6.62 17.53
N ILE B 336 1.62 -7.63 16.71
CA ILE B 336 2.87 -8.36 16.89
C ILE B 336 4.05 -7.50 16.46
N THR B 337 3.88 -6.69 15.40
CA THR B 337 4.96 -5.79 15.01
C THR B 337 5.26 -4.78 16.11
N ARG B 338 4.22 -4.22 16.72
CA ARG B 338 4.43 -3.31 17.84
C ARG B 338 5.09 -4.04 19.00
N SER B 339 4.68 -5.29 19.26
CA SER B 339 5.25 -6.04 20.36
C SER B 339 6.73 -6.30 20.17
N CYS B 340 7.14 -6.71 18.97
CA CYS B 340 8.56 -6.98 18.75
C CYS B 340 9.37 -5.69 18.72
N LYS B 341 8.80 -4.61 18.18
CA LYS B 341 9.49 -3.33 18.24
C LYS B 341 9.69 -2.89 19.68
N ASP B 342 8.66 -3.05 20.52
CA ASP B 342 8.79 -2.70 21.93
C ASP B 342 9.81 -3.58 22.63
N LEU B 343 9.82 -4.87 22.31
CA LEU B 343 10.80 -5.77 22.91
C LEU B 343 12.22 -5.34 22.54
N GLN B 344 12.44 -4.98 21.29
CA GLN B 344 13.76 -4.50 20.87
C GLN B 344 14.12 -3.21 21.58
N ILE B 345 13.15 -2.29 21.71
CA ILE B 345 13.42 -1.02 22.38
C ILE B 345 13.81 -1.25 23.83
N LEU B 346 13.06 -2.12 24.53
CA LEU B 346 13.36 -2.40 25.93
C LEU B 346 14.71 -3.10 26.07
N GLN B 347 15.02 -4.04 25.18
CA GLN B 347 16.30 -4.73 25.25
C GLN B 347 17.46 -3.77 24.98
N ALA B 348 17.29 -2.85 24.04
CA ALA B 348 18.35 -1.93 23.63
C ALA B 348 18.45 -0.71 24.53
N SER B 349 17.62 -0.61 25.56
CA SER B 349 17.71 0.50 26.51
C SER B 349 17.04 0.09 27.81
N LYS B 350 17.84 -0.05 28.87
CA LYS B 350 17.30 -0.41 30.18
C LYS B 350 16.62 0.78 30.85
N PHE B 351 16.99 2.00 30.47
CA PHE B 351 16.39 3.19 31.07
C PHE B 351 14.88 3.20 30.87
N LEU B 352 14.39 2.65 29.76
CA LEU B 352 12.95 2.51 29.59
C LEU B 352 12.40 1.35 30.41
N GLN B 353 13.20 0.29 30.60
CA GLN B 353 12.73 -0.85 31.38
C GLN B 353 12.48 -0.46 32.83
N ASP B 354 13.35 0.37 33.40
CA ASP B 354 13.16 0.78 34.78
C ASP B 354 11.85 1.54 34.97
N LEU B 355 11.53 2.43 34.04
CA LEU B 355 10.29 3.21 34.13
C LEU B 355 9.10 2.54 33.44
N CYS B 356 9.34 1.57 32.57
CA CYS B 356 8.27 0.82 31.91
C CYS B 356 8.56 -0.66 32.05
N PRO B 357 8.32 -1.23 33.24
CA PRO B 357 8.53 -2.67 33.43
C PRO B 357 7.44 -3.55 32.84
N GLN B 358 6.38 -2.96 32.29
CA GLN B 358 5.27 -3.72 31.72
C GLN B 358 5.69 -4.28 30.35
N GLN B 359 6.60 -5.24 30.40
CA GLN B 359 7.10 -5.90 29.19
C GLN B 359 6.17 -7.07 28.87
N TYR B 360 5.24 -6.85 27.93
CA TYR B 360 4.29 -7.87 27.52
C TYR B 360 4.73 -8.45 26.18
N ASP B 361 4.86 -9.77 26.12
CA ASP B 361 5.40 -10.46 24.96
C ASP B 361 4.29 -11.27 24.31
N VAL B 362 3.90 -10.86 23.10
CA VAL B 362 2.90 -11.62 22.35
C VAL B 362 3.47 -12.96 21.88
N THR B 363 4.77 -13.01 21.62
CA THR B 363 5.38 -14.25 21.14
C THR B 363 5.23 -15.36 22.17
N ALA B 364 5.44 -15.05 23.45
CA ALA B 364 5.35 -16.06 24.48
C ALA B 364 3.97 -16.69 24.55
N VAL B 365 2.93 -15.84 24.55
CA VAL B 365 1.57 -16.38 24.66
C VAL B 365 1.18 -17.14 23.40
N ILE B 366 1.57 -16.63 22.23
CA ILE B 366 1.19 -17.33 21.01
C ILE B 366 1.92 -18.67 20.89
N LEU B 367 3.15 -18.76 21.39
CA LEU B 367 3.83 -20.05 21.34
C LEU B 367 3.29 -21.01 22.40
N GLU B 368 2.85 -20.49 23.55
CA GLU B 368 2.20 -21.35 24.53
C GLU B 368 0.85 -21.83 24.02
N VAL B 369 0.22 -21.06 23.13
CA VAL B 369 -1.08 -21.45 22.57
C VAL B 369 -0.99 -22.78 21.86
N VAL B 370 0.16 -23.09 21.26
CA VAL B 370 0.32 -24.38 20.58
C VAL B 370 0.10 -25.54 21.55
N LYS B 371 0.76 -25.48 22.71
CA LYS B 371 0.56 -26.51 23.72
C LYS B 371 -0.84 -26.43 24.32
N ASN B 372 -1.38 -25.22 24.47
CA ASN B 372 -2.70 -25.05 25.06
C ASN B 372 -3.78 -25.72 24.22
N SER B 373 -3.71 -25.56 22.90
CA SER B 373 -4.70 -26.12 21.99
C SER B 373 -4.27 -27.44 21.35
N ALA B 374 -3.36 -28.18 21.99
CA ALA B 374 -2.89 -29.44 21.48
C ALA B 374 -3.62 -30.64 22.09
N PHE B 375 -4.89 -30.47 22.43
CA PHE B 375 -5.69 -31.51 23.08
C PHE B 375 -6.97 -31.76 22.30
N GLY B 376 -6.83 -31.89 20.98
CA GLY B 376 -7.97 -32.20 20.13
C GLY B 376 -9.04 -31.13 20.13
N TRP B 377 -8.74 -29.96 19.59
CA TRP B 377 -9.66 -28.84 19.53
C TRP B 377 -10.35 -28.79 18.16
N ASP B 378 -11.50 -28.12 18.13
CA ASP B 378 -12.33 -28.14 16.92
C ASP B 378 -11.65 -27.44 15.76
N HIS B 379 -11.17 -26.23 15.97
CA HIS B 379 -10.57 -25.45 14.88
C HIS B 379 -9.30 -24.72 15.29
N VAL B 380 -8.70 -25.08 16.44
CA VAL B 380 -7.49 -24.40 16.88
C VAL B 380 -6.35 -24.64 15.88
N THR B 381 -6.23 -25.88 15.39
CA THR B 381 -5.17 -26.18 14.43
C THR B 381 -5.34 -25.39 13.15
N GLN B 382 -6.57 -25.32 12.63
CA GLN B 382 -6.82 -24.55 11.41
C GLN B 382 -6.52 -23.06 11.64
N GLY B 383 -6.94 -22.52 12.78
CA GLY B 383 -6.63 -21.13 13.08
C GLY B 383 -5.13 -20.89 13.16
N LEU B 384 -4.40 -21.79 13.81
CA LEU B 384 -2.96 -21.61 13.93
C LEU B 384 -2.26 -21.69 12.58
N VAL B 385 -2.68 -22.63 11.72
CA VAL B 385 -2.01 -22.75 10.43
C VAL B 385 -2.33 -21.55 9.53
N ASP B 386 -3.57 -21.05 9.60
CA ASP B 386 -3.89 -19.83 8.86
C ASP B 386 -3.08 -18.64 9.39
N LEU B 387 -2.94 -18.56 10.72
CA LEU B 387 -2.14 -17.49 11.32
C LEU B 387 -0.70 -17.56 10.84
N GLY B 388 -0.12 -18.76 10.82
CA GLY B 388 1.25 -18.90 10.37
C GLY B 388 1.42 -18.60 8.89
N PHE B 389 0.44 -18.99 8.07
CA PHE B 389 0.51 -18.69 6.65
C PHE B 389 0.47 -17.18 6.41
N SER B 390 -0.37 -16.47 7.16
CA SER B 390 -0.37 -15.01 7.08
C SER B 390 0.95 -14.43 7.60
N LEU B 391 1.47 -15.00 8.69
CA LEU B 391 2.68 -14.50 9.32
C LEU B 391 3.88 -14.59 8.39
N MET B 392 4.04 -15.72 7.72
CA MET B 392 5.23 -15.94 6.89
C MET B 392 5.29 -14.92 5.76
N GLU B 393 4.15 -14.65 5.11
CA GLU B 393 4.12 -13.62 4.09
C GLU B 393 4.27 -12.22 4.69
N SER B 394 3.73 -11.98 5.88
CA SER B 394 3.88 -10.69 6.51
C SER B 394 5.34 -10.39 6.84
N TYR B 395 6.12 -11.43 7.12
CA TYR B 395 7.54 -11.23 7.40
C TYR B 395 8.27 -10.70 6.18
N GLU B 396 7.96 -11.20 5.00
CA GLU B 396 8.60 -10.75 3.78
C GLU B 396 10.03 -11.31 3.68
N MET B 415 15.81 -7.32 12.63
CA MET B 415 14.75 -6.34 12.41
C MET B 415 13.38 -6.97 12.69
N PRO B 416 12.33 -6.15 12.63
CA PRO B 416 10.98 -6.69 12.86
C PRO B 416 10.59 -7.78 11.88
N ALA B 417 11.02 -7.67 10.63
CA ALA B 417 10.72 -8.70 9.64
C ALA B 417 11.35 -10.03 10.03
N GLN B 418 12.61 -10.00 10.46
CA GLN B 418 13.28 -11.23 10.86
C GLN B 418 12.61 -11.86 12.09
N GLN B 419 12.20 -11.02 13.05
CA GLN B 419 11.50 -11.53 14.22
C GLN B 419 10.17 -12.17 13.83
N ALA B 420 9.43 -11.53 12.92
CA ALA B 420 8.17 -12.10 12.47
C ALA B 420 8.38 -13.43 11.76
N CYS B 421 9.40 -13.52 10.90
CA CYS B 421 9.68 -14.78 10.22
C CYS B 421 10.06 -15.87 11.21
N LYS B 422 10.90 -15.53 12.20
CA LYS B 422 11.28 -16.52 13.20
C LYS B 422 10.07 -17.00 13.99
N LEU B 423 9.18 -16.07 14.38
CA LEU B 423 7.98 -16.46 15.11
C LEU B 423 7.10 -17.38 14.28
N GLY B 424 6.87 -17.02 13.01
CA GLY B 424 6.05 -17.85 12.16
C GLY B 424 6.62 -19.24 11.97
N ALA B 425 7.93 -19.32 11.73
CA ALA B 425 8.57 -20.63 11.57
C ALA B 425 8.48 -21.45 12.85
N SER B 426 8.67 -20.81 14.01
CA SER B 426 8.59 -21.54 15.26
C SER B 426 7.18 -22.08 15.51
N ILE B 427 6.16 -21.27 15.24
CA ILE B 427 4.79 -21.75 15.47
C ILE B 427 4.43 -22.85 14.48
N LEU B 428 4.90 -22.75 13.23
CA LEU B 428 4.65 -23.84 12.28
C LEU B 428 5.33 -25.13 12.72
N LEU B 429 6.58 -25.03 13.18
CA LEU B 429 7.27 -26.22 13.66
C LEU B 429 6.55 -26.82 14.87
N GLU B 430 6.10 -25.96 15.79
CA GLU B 430 5.41 -26.44 16.98
C GLU B 430 4.10 -27.13 16.62
N THR B 431 3.32 -26.53 15.70
CA THR B 431 2.04 -27.15 15.35
C THR B 431 2.24 -28.42 14.52
N PHE B 432 3.34 -28.50 13.76
CA PHE B 432 3.65 -29.74 13.08
C PHE B 432 4.03 -30.83 14.08
N LYS B 433 4.80 -30.48 15.10
CA LYS B 433 5.16 -31.45 16.13
C LYS B 433 4.00 -31.78 17.06
N VAL B 434 2.94 -30.97 17.06
CA VAL B 434 1.79 -31.16 17.94
C VAL B 434 0.57 -31.66 17.19
N HIS B 435 0.11 -30.90 16.21
CA HIS B 435 -1.12 -31.23 15.48
C HIS B 435 -0.84 -32.38 14.52
N GLU B 436 -1.00 -33.60 15.03
CA GLU B 436 -0.79 -34.79 14.22
C GLU B 436 -1.72 -34.90 13.01
N PRO B 437 -3.04 -34.76 13.13
CA PRO B 437 -3.92 -35.08 12.00
C PRO B 437 -3.89 -34.06 10.88
N ILE B 438 -3.28 -32.89 11.09
CA ILE B 438 -3.14 -31.89 10.03
C ILE B 438 -1.74 -31.91 9.42
N ARG B 439 -0.94 -32.93 9.72
CA ARG B 439 0.43 -32.98 9.22
C ARG B 439 0.46 -33.07 7.69
N SER B 440 -0.34 -33.98 7.12
CA SER B 440 -0.35 -34.12 5.67
C SER B 440 -0.88 -32.87 4.98
N ASP B 441 -1.95 -32.28 5.53
CA ASP B 441 -2.48 -31.05 4.96
C ASP B 441 -1.48 -29.92 5.05
N ILE B 442 -0.80 -29.80 6.19
CA ILE B 442 0.21 -28.76 6.36
C ILE B 442 1.34 -28.94 5.36
N LEU B 443 1.81 -30.19 5.19
CA LEU B 443 2.89 -30.45 4.24
C LEU B 443 2.47 -30.12 2.82
N GLU B 444 1.26 -30.52 2.42
CA GLU B 444 0.78 -30.20 1.08
C GLU B 444 0.66 -28.70 0.88
N GLN B 445 0.13 -27.98 1.88
CA GLN B 445 -0.05 -26.55 1.76
C GLN B 445 1.29 -25.83 1.65
N VAL B 446 2.28 -26.23 2.45
CA VAL B 446 3.58 -25.56 2.41
C VAL B 446 4.32 -25.91 1.12
N LEU B 447 4.14 -27.13 0.62
CA LEU B 447 4.72 -27.48 -0.68
C LEU B 447 4.10 -26.64 -1.79
N ASN B 448 2.79 -26.41 -1.72
CA ASN B 448 2.15 -25.51 -2.68
C ASN B 448 2.71 -24.09 -2.53
N ARG B 449 2.92 -23.64 -1.30
CA ARG B 449 3.49 -22.32 -1.06
C ARG B 449 4.99 -22.28 -1.33
N VAL B 450 5.69 -23.38 -1.04
CA VAL B 450 7.15 -23.41 -1.20
C VAL B 450 7.53 -23.03 -2.62
N LEU B 451 6.84 -23.61 -3.61
CA LEU B 451 7.01 -23.20 -5.00
C LEU B 451 6.00 -22.13 -5.39
N THR B 452 5.93 -21.07 -4.57
CA THR B 452 4.97 -20.00 -4.77
C THR B 452 5.59 -18.63 -4.99
N LYS B 453 6.88 -18.44 -4.68
CA LYS B 453 7.56 -17.17 -4.88
C LYS B 453 8.85 -17.46 -5.65
N ALA B 454 8.74 -17.51 -6.97
CA ALA B 454 9.93 -17.73 -7.80
C ALA B 454 10.82 -16.49 -7.84
N ALA B 455 10.21 -15.32 -8.06
CA ALA B 455 10.99 -14.09 -8.09
C ALA B 455 11.41 -13.65 -6.70
N SER B 456 10.50 -13.74 -5.73
CA SER B 456 10.80 -13.31 -4.37
C SER B 456 11.62 -14.36 -3.64
N PRO B 457 12.43 -13.95 -2.67
CA PRO B 457 13.20 -14.92 -1.89
C PRO B 457 12.29 -15.84 -1.09
N VAL B 458 12.66 -17.11 -1.02
CA VAL B 458 11.89 -18.11 -0.29
C VAL B 458 12.80 -18.86 0.68
N SER B 459 13.85 -18.18 1.17
CA SER B 459 14.78 -18.84 2.07
C SER B 459 14.10 -19.32 3.35
N HIS B 460 13.20 -18.51 3.89
CA HIS B 460 12.44 -18.94 5.07
C HIS B 460 11.59 -20.16 4.76
N PHE B 461 11.01 -20.20 3.55
CA PHE B 461 10.22 -21.36 3.14
C PHE B 461 11.05 -22.63 3.17
N ILE B 462 12.23 -22.60 2.56
CA ILE B 462 13.07 -23.80 2.53
C ILE B 462 13.55 -24.14 3.93
N ASP B 463 13.81 -23.14 4.77
CA ASP B 463 14.22 -23.41 6.14
C ASP B 463 13.12 -24.14 6.91
N LEU B 464 11.89 -23.64 6.82
CA LEU B 464 10.78 -24.28 7.53
C LEU B 464 10.49 -25.67 6.97
N LEU B 465 10.58 -25.83 5.64
CA LEU B 465 10.35 -27.14 5.05
C LEU B 465 11.41 -28.13 5.49
N SER B 466 12.67 -27.70 5.55
CA SER B 466 13.72 -28.57 6.04
C SER B 466 13.50 -28.96 7.50
N ASN B 467 13.08 -27.98 8.32
CA ASN B 467 12.82 -28.30 9.73
C ASN B 467 11.69 -29.31 9.88
N ILE B 468 10.59 -29.12 9.14
CA ILE B 468 9.47 -30.05 9.28
C ILE B 468 9.83 -31.42 8.72
N VAL B 469 10.63 -31.47 7.66
CA VAL B 469 11.02 -32.76 7.08
C VAL B 469 11.97 -33.50 8.01
N VAL B 470 12.94 -32.80 8.59
CA VAL B 470 13.87 -33.47 9.51
C VAL B 470 13.14 -33.88 10.78
N SER B 471 12.09 -33.15 11.17
CA SER B 471 11.29 -33.58 12.31
C SER B 471 10.46 -34.81 11.96
N ALA B 472 9.88 -34.86 10.77
CA ALA B 472 9.04 -35.98 10.32
C ALA B 472 9.56 -36.45 8.96
N PRO B 473 10.56 -37.34 8.95
CA PRO B 473 11.15 -37.76 7.67
C PRO B 473 10.17 -38.40 6.71
N LEU B 474 9.15 -39.10 7.21
CA LEU B 474 8.22 -39.85 6.37
C LEU B 474 6.96 -39.06 6.06
N VAL B 475 6.89 -37.78 6.42
CA VAL B 475 5.69 -37.00 6.15
C VAL B 475 5.49 -36.84 4.65
N LEU B 476 6.55 -36.45 3.93
CA LEU B 476 6.46 -36.33 2.49
C LEU B 476 6.34 -37.67 1.80
N GLN B 477 6.76 -38.76 2.44
CA GLN B 477 6.49 -40.09 1.92
C GLN B 477 4.99 -40.36 1.89
N ASN B 478 4.29 -40.01 2.97
CA ASN B 478 2.83 -40.05 2.96
C ASN B 478 2.24 -38.96 2.09
N SER B 479 3.04 -37.96 1.73
CA SER B 479 2.66 -36.90 0.79
C SER B 479 3.15 -37.18 -0.62
N SER B 480 3.14 -38.44 -1.03
CA SER B 480 3.70 -38.86 -2.30
C SER B 480 2.94 -38.21 -3.46
N SER B 481 3.43 -38.51 -4.68
CA SER B 481 3.02 -37.86 -5.92
C SER B 481 3.40 -36.39 -5.95
N ARG B 482 4.27 -35.96 -5.02
CA ARG B 482 4.81 -34.62 -4.99
C ARG B 482 6.33 -34.59 -5.12
N VAL B 483 7.00 -35.72 -4.90
CA VAL B 483 8.45 -35.78 -5.10
C VAL B 483 8.80 -35.56 -6.55
N THR B 484 8.05 -36.20 -7.46
CA THR B 484 8.22 -35.94 -8.89
C THR B 484 7.78 -34.52 -9.23
N GLU B 485 6.70 -34.05 -8.60
CA GLU B 485 6.12 -32.77 -8.96
C GLU B 485 7.01 -31.59 -8.59
N THR B 486 7.82 -31.72 -7.54
CA THR B 486 8.56 -30.58 -7.02
C THR B 486 9.60 -30.03 -8.00
N PHE B 487 9.93 -30.75 -9.07
CA PHE B 487 10.92 -30.32 -10.03
C PHE B 487 10.32 -29.58 -11.21
N ASP B 488 9.19 -28.89 -11.02
CA ASP B 488 8.51 -28.25 -12.14
C ASP B 488 9.37 -27.15 -12.76
N ASN B 489 9.86 -26.22 -11.94
CA ASN B 489 10.69 -25.12 -12.42
C ASN B 489 11.87 -24.90 -11.48
N LEU B 490 12.49 -26.00 -11.03
CA LEU B 490 13.56 -25.91 -10.05
C LEU B 490 14.79 -25.19 -10.60
N SER B 491 15.01 -25.25 -11.91
CA SER B 491 16.22 -24.68 -12.50
C SER B 491 15.94 -23.31 -13.11
N PHE B 492 15.37 -22.43 -12.28
CA PHE B 492 15.09 -21.07 -12.73
C PHE B 492 15.85 -20.02 -11.91
N LEU B 493 15.75 -20.10 -10.60
CA LEU B 493 16.32 -19.08 -9.71
C LEU B 493 17.09 -19.74 -8.56
N PRO B 494 18.28 -20.29 -8.84
CA PRO B 494 19.13 -20.82 -7.76
C PRO B 494 19.86 -19.69 -7.03
N ILE B 495 19.42 -19.40 -5.82
CA ILE B 495 20.09 -18.42 -4.96
C ILE B 495 20.59 -19.15 -3.72
N ASP B 496 20.94 -20.42 -3.89
CA ASP B 496 21.17 -21.38 -2.83
C ASP B 496 19.87 -22.04 -2.41
N THR B 497 18.75 -21.64 -3.01
CA THR B 497 17.47 -22.30 -2.72
C THR B 497 17.48 -23.74 -3.19
N VAL B 498 18.04 -24.01 -4.37
CA VAL B 498 18.08 -25.37 -4.88
C VAL B 498 18.91 -26.26 -3.98
N GLN B 499 20.06 -25.76 -3.52
CA GLN B 499 20.91 -26.54 -2.63
C GLN B 499 20.19 -26.86 -1.33
N GLY B 500 19.51 -25.86 -0.75
CA GLY B 500 18.77 -26.09 0.48
C GLY B 500 17.64 -27.08 0.30
N LEU B 501 16.90 -26.96 -0.81
CA LEU B 501 15.82 -27.90 -1.10
C LEU B 501 16.37 -29.32 -1.22
N LEU B 502 17.47 -29.48 -1.95
CA LEU B 502 18.06 -30.80 -2.12
C LEU B 502 18.51 -31.36 -0.77
N ARG B 503 19.15 -30.54 0.06
CA ARG B 503 19.63 -31.04 1.35
C ARG B 503 18.47 -31.40 2.26
N ALA B 504 17.39 -30.62 2.23
CA ALA B 504 16.23 -30.92 3.05
C ALA B 504 15.55 -32.22 2.61
N VAL B 505 15.46 -32.45 1.29
CA VAL B 505 14.75 -33.63 0.80
C VAL B 505 15.67 -34.84 0.62
N GLN B 506 16.98 -34.69 0.87
CA GLN B 506 17.93 -35.77 0.65
C GLN B 506 17.56 -37.11 1.28
N PRO B 507 17.11 -37.18 2.54
CA PRO B 507 16.65 -38.49 3.05
C PRO B 507 15.56 -39.11 2.20
N LEU B 508 14.63 -38.30 1.68
CA LEU B 508 13.58 -38.83 0.84
C LEU B 508 14.16 -39.46 -0.42
N LEU B 509 15.09 -38.78 -1.08
CA LEU B 509 15.73 -39.35 -2.27
C LEU B 509 16.44 -40.65 -1.91
N LYS B 510 17.17 -40.68 -0.81
CA LYS B 510 17.89 -41.90 -0.46
C LYS B 510 16.97 -43.00 0.03
N VAL B 511 15.70 -42.70 0.33
CA VAL B 511 14.71 -43.73 0.63
C VAL B 511 13.59 -43.76 -0.41
N SER B 512 13.75 -43.04 -1.52
CA SER B 512 12.73 -42.99 -2.57
C SER B 512 13.43 -43.11 -3.92
N MET B 513 13.29 -44.28 -4.54
CA MET B 513 13.93 -44.52 -5.84
C MET B 513 13.24 -43.78 -6.97
N SER B 514 11.92 -43.61 -6.88
CA SER B 514 11.19 -42.90 -7.93
C SER B 514 11.65 -41.44 -8.03
N VAL B 515 11.88 -40.80 -6.89
CA VAL B 515 12.39 -39.43 -6.88
C VAL B 515 13.77 -39.38 -7.55
N ARG B 516 14.62 -40.35 -7.22
CA ARG B 516 15.94 -40.39 -7.85
C ARG B 516 15.84 -40.54 -9.36
N ASP B 517 14.97 -41.43 -9.82
CA ASP B 517 14.80 -41.62 -11.26
C ASP B 517 14.27 -40.36 -11.94
N SER B 518 13.29 -39.70 -11.32
CA SER B 518 12.74 -38.48 -11.91
C SER B 518 13.79 -37.37 -11.96
N LEU B 519 14.60 -37.24 -10.92
CA LEU B 519 15.64 -36.22 -10.95
C LEU B 519 16.72 -36.57 -11.96
N ILE B 520 17.01 -37.87 -12.14
CA ILE B 520 17.93 -38.27 -13.20
C ILE B 520 17.38 -37.86 -14.56
N LEU B 521 16.08 -38.08 -14.77
CA LEU B 521 15.47 -37.69 -16.03
C LEU B 521 15.56 -36.18 -16.24
N VAL B 522 15.31 -35.39 -15.18
CA VAL B 522 15.43 -33.94 -15.30
C VAL B 522 16.89 -33.53 -15.51
N LEU B 523 17.83 -34.36 -15.06
CA LEU B 523 19.24 -34.01 -15.17
C LEU B 523 19.69 -33.88 -16.63
N GLN B 524 19.16 -34.75 -17.50
CA GLN B 524 19.53 -34.67 -18.91
C GLN B 524 19.11 -33.33 -19.51
N LYS B 525 17.89 -32.88 -19.21
CA LYS B 525 17.44 -31.58 -19.69
C LYS B 525 18.25 -30.45 -19.06
N ALA B 526 18.57 -30.56 -17.77
CA ALA B 526 19.26 -29.48 -17.08
C ALA B 526 20.68 -29.29 -17.62
N ILE B 527 21.44 -30.39 -17.71
CA ILE B 527 22.85 -30.29 -18.10
C ILE B 527 22.99 -29.94 -19.58
N PHE B 528 22.04 -30.36 -20.41
CA PHE B 528 22.12 -30.11 -21.84
C PHE B 528 21.56 -28.75 -22.25
N SER B 529 21.11 -27.94 -21.29
CA SER B 529 20.65 -26.59 -21.60
C SER B 529 21.78 -25.79 -22.24
N ARG B 530 21.61 -25.40 -23.50
CA ARG B 530 22.66 -24.68 -24.21
C ARG B 530 22.98 -23.35 -23.55
N GLN B 531 21.97 -22.72 -22.94
CA GLN B 531 22.20 -21.44 -22.28
C GLN B 531 23.01 -21.66 -21.00
N LEU B 532 23.52 -20.55 -20.46
CA LEU B 532 24.28 -20.56 -19.21
C LEU B 532 23.63 -19.72 -18.12
N ASP B 533 22.41 -19.22 -18.35
CA ASP B 533 21.76 -18.39 -17.34
C ASP B 533 21.44 -19.19 -16.08
N ALA B 534 21.01 -20.45 -16.22
CA ALA B 534 20.61 -21.25 -15.08
C ALA B 534 21.25 -22.63 -15.02
N ARG B 535 22.19 -22.94 -15.92
CA ARG B 535 22.84 -24.25 -15.90
C ARG B 535 23.73 -24.44 -14.67
N LYS B 536 24.07 -23.37 -13.96
CA LYS B 536 24.86 -23.51 -12.74
C LYS B 536 24.10 -24.28 -11.68
N ALA B 537 22.80 -24.02 -11.55
CA ALA B 537 22.00 -24.72 -10.55
C ALA B 537 21.99 -26.22 -10.79
N ALA B 538 21.90 -26.63 -12.06
CA ALA B 538 21.88 -28.05 -12.38
C ALA B 538 23.16 -28.75 -11.92
N VAL B 539 24.32 -28.19 -12.28
CA VAL B 539 25.58 -28.83 -11.92
C VAL B 539 25.81 -28.78 -10.42
N ALA B 540 25.38 -27.70 -9.76
CA ALA B 540 25.49 -27.63 -8.31
C ALA B 540 24.66 -28.72 -7.64
N GLY B 541 23.42 -28.90 -8.11
CA GLY B 541 22.57 -29.95 -7.55
C GLY B 541 23.14 -31.33 -7.80
N PHE B 542 23.69 -31.56 -8.98
CA PHE B 542 24.27 -32.87 -9.28
C PHE B 542 25.49 -33.13 -8.39
N LEU B 543 26.32 -32.10 -8.19
CA LEU B 543 27.49 -32.26 -7.33
C LEU B 543 27.07 -32.57 -5.90
N LEU B 544 26.02 -31.90 -5.41
CA LEU B 544 25.51 -32.22 -4.08
C LEU B 544 24.94 -33.63 -4.02
N LEU B 545 24.25 -34.05 -5.08
CA LEU B 545 23.68 -35.39 -5.12
C LEU B 545 24.76 -36.45 -5.07
N LEU B 546 25.89 -36.21 -5.73
CA LEU B 546 26.98 -37.18 -5.71
C LEU B 546 27.35 -37.59 -4.29
N ARG B 547 27.38 -36.61 -3.36
CA ARG B 547 27.55 -36.94 -1.96
C ARG B 547 26.25 -37.36 -1.29
N ASN B 548 25.10 -37.02 -1.88
CA ASN B 548 23.82 -37.40 -1.28
C ASN B 548 23.66 -38.92 -1.24
N PHE B 549 24.02 -39.60 -2.33
CA PHE B 549 23.93 -41.05 -2.37
C PHE B 549 25.17 -41.66 -1.71
N LYS B 550 24.95 -42.71 -0.92
CA LYS B 550 26.03 -43.34 -0.19
C LYS B 550 27.01 -44.02 -1.15
N ILE B 551 28.23 -44.24 -0.65
CA ILE B 551 29.29 -44.81 -1.46
C ILE B 551 29.68 -46.18 -0.89
N LEU B 552 28.71 -46.87 -0.30
CA LEU B 552 28.97 -48.19 0.25
C LEU B 552 29.36 -49.16 -0.85
N GLY B 553 30.37 -49.99 -0.56
CA GLY B 553 30.86 -50.96 -1.52
C GLY B 553 32.35 -51.18 -1.45
N ASN B 582 23.57 -49.72 -5.97
CA ASN B 582 24.54 -50.42 -6.81
C ASN B 582 25.62 -49.46 -7.32
N GLU B 583 26.85 -49.98 -7.46
CA GLU B 583 27.95 -49.19 -7.99
C GLU B 583 27.75 -48.85 -9.46
N ALA B 584 26.94 -49.62 -10.17
CA ALA B 584 26.64 -49.28 -11.56
C ALA B 584 26.00 -47.89 -11.67
N PHE B 585 25.24 -47.48 -10.65
CA PHE B 585 24.68 -46.14 -10.62
C PHE B 585 25.78 -45.08 -10.70
N CYS B 586 26.81 -45.21 -9.85
CA CYS B 586 27.92 -44.26 -9.93
C CYS B 586 28.66 -44.38 -11.24
N LEU B 587 29.00 -45.60 -11.66
CA LEU B 587 29.76 -45.76 -12.90
C LEU B 587 29.03 -45.12 -14.07
N GLU B 588 27.70 -45.12 -14.03
CA GLU B 588 26.95 -44.40 -15.05
C GLU B 588 27.03 -42.88 -14.86
N ILE B 589 26.86 -42.40 -13.62
CA ILE B 589 26.75 -40.96 -13.41
C ILE B 589 28.08 -40.22 -13.37
N LEU B 590 29.21 -40.93 -13.39
CA LEU B 590 30.53 -40.26 -13.43
C LEU B 590 30.65 -39.33 -14.64
N GLY B 591 30.33 -39.84 -15.83
CA GLY B 591 30.58 -39.10 -17.04
C GLY B 591 29.57 -38.04 -17.39
N SER B 592 28.47 -37.98 -16.64
CA SER B 592 27.42 -37.00 -16.94
C SER B 592 27.95 -35.58 -16.84
N LEU B 593 28.58 -35.24 -15.71
CA LEU B 593 29.12 -33.89 -15.54
C LEU B 593 30.34 -33.66 -16.43
N ARG B 594 31.16 -34.68 -16.62
CA ARG B 594 32.32 -34.54 -17.50
C ARG B 594 31.91 -34.24 -18.93
N ARG B 595 30.72 -34.71 -19.35
CA ARG B 595 30.19 -34.35 -20.65
C ARG B 595 29.97 -32.86 -20.80
N CYS B 596 29.79 -32.14 -19.68
CA CYS B 596 29.60 -30.70 -19.70
C CYS B 596 30.84 -29.95 -19.20
N LEU B 597 32.00 -30.62 -19.18
CA LEU B 597 33.23 -29.94 -18.76
C LEU B 597 33.58 -28.81 -19.72
N SER B 598 33.38 -29.02 -21.02
CA SER B 598 33.63 -27.97 -22.01
C SER B 598 32.52 -26.94 -21.96
N GLN B 599 32.45 -26.18 -20.87
CA GLN B 599 31.41 -25.18 -20.69
C GLN B 599 32.00 -23.82 -20.38
N GLN B 600 31.17 -22.87 -19.99
CA GLN B 600 31.63 -21.53 -19.68
C GLN B 600 32.53 -21.53 -18.45
N ALA B 601 33.44 -20.56 -18.39
CA ALA B 601 34.40 -20.48 -17.29
C ALA B 601 33.69 -20.31 -15.95
N ASP B 602 32.68 -19.43 -15.90
CA ASP B 602 31.91 -19.28 -14.67
C ASP B 602 31.21 -20.57 -14.30
N VAL B 603 30.67 -21.28 -15.30
CA VAL B 603 30.05 -22.57 -15.05
C VAL B 603 31.11 -23.61 -14.68
N ARG B 604 32.24 -23.60 -15.38
CA ARG B 604 33.32 -24.54 -15.08
C ARG B 604 33.90 -24.31 -13.69
N LEU B 605 33.64 -23.15 -13.09
CA LEU B 605 34.22 -22.80 -11.80
C LEU B 605 33.72 -23.74 -10.70
N MET B 606 32.41 -23.97 -10.63
CA MET B 606 31.81 -24.56 -9.44
C MET B 606 32.20 -26.02 -9.24
N LEU B 607 32.39 -26.76 -10.34
CA LEU B 607 32.77 -28.16 -10.20
C LEU B 607 34.14 -28.31 -9.53
N TYR B 608 35.07 -27.40 -9.85
CA TYR B 608 36.38 -27.47 -9.21
C TYR B 608 36.27 -27.29 -7.70
N GLU B 609 35.43 -26.35 -7.26
CA GLU B 609 35.25 -26.14 -5.82
C GLU B 609 34.50 -27.29 -5.17
N GLY B 610 33.56 -27.91 -5.89
CA GLY B 610 32.71 -28.91 -5.30
C GLY B 610 33.15 -30.35 -5.42
N PHE B 611 34.18 -30.63 -6.22
CA PHE B 611 34.58 -32.02 -6.42
C PHE B 611 35.23 -32.62 -5.19
N TYR B 612 35.90 -31.80 -4.37
CA TYR B 612 36.58 -32.34 -3.20
C TYR B 612 35.60 -32.93 -2.20
N ASP B 613 34.42 -32.33 -2.06
CA ASP B 613 33.44 -32.81 -1.08
C ASP B 613 33.02 -34.25 -1.37
N VAL B 614 32.75 -34.55 -2.64
CA VAL B 614 32.33 -35.90 -3.02
C VAL B 614 33.49 -36.88 -3.10
N LEU B 615 34.74 -36.38 -3.15
CA LEU B 615 35.88 -37.26 -3.30
C LEU B 615 36.15 -38.04 -2.02
N ARG B 616 35.68 -37.54 -0.88
CA ARG B 616 35.84 -38.23 0.40
C ARG B 616 34.73 -39.25 0.67
N ARG B 617 34.01 -39.68 -0.36
CA ARG B 617 32.89 -40.61 -0.20
C ARG B 617 33.04 -41.87 -1.03
N ASN B 618 34.13 -42.02 -1.79
CA ASN B 618 34.30 -43.20 -2.63
C ASN B 618 35.78 -43.36 -2.95
N SER B 619 36.13 -44.56 -3.41
CA SER B 619 37.50 -44.88 -3.81
C SER B 619 37.66 -44.95 -5.32
N GLN B 620 36.84 -45.77 -6.01
CA GLN B 620 36.92 -45.84 -7.47
C GLN B 620 36.51 -44.51 -8.10
N LEU B 621 35.48 -43.87 -7.55
CA LEU B 621 35.09 -42.55 -8.04
C LEU B 621 36.22 -41.55 -7.90
N ALA B 622 37.02 -41.68 -6.83
CA ALA B 622 38.19 -40.82 -6.68
C ALA B 622 39.19 -41.04 -7.81
N SER B 623 39.43 -42.31 -8.17
CA SER B 623 40.34 -42.59 -9.27
C SER B 623 39.83 -42.01 -10.57
N SER B 624 38.54 -42.17 -10.84
CA SER B 624 37.96 -41.65 -12.08
C SER B 624 38.05 -40.13 -12.14
N ILE B 625 37.69 -39.46 -11.04
CA ILE B 625 37.74 -37.99 -11.00
C ILE B 625 39.18 -37.52 -11.17
N MET B 626 40.12 -38.20 -10.53
CA MET B 626 41.53 -37.84 -10.69
C MET B 626 41.98 -38.02 -12.13
N GLU B 627 41.54 -39.10 -12.79
CA GLU B 627 41.92 -39.30 -14.18
C GLU B 627 41.33 -38.21 -15.08
N THR B 628 40.07 -37.84 -14.85
CA THR B 628 39.46 -36.79 -15.65
C THR B 628 40.16 -35.45 -15.45
N LEU B 629 40.50 -35.13 -14.19
CA LEU B 629 41.22 -33.90 -13.93
C LEU B 629 42.63 -33.94 -14.49
N LEU B 630 43.26 -35.12 -14.50
CA LEU B 630 44.56 -35.25 -15.14
C LEU B 630 44.47 -34.97 -16.63
N SER B 631 43.44 -35.49 -17.29
CA SER B 631 43.23 -35.18 -18.70
C SER B 631 43.02 -33.68 -18.90
N GLN B 632 42.21 -33.06 -18.04
CA GLN B 632 41.94 -31.64 -18.17
C GLN B 632 43.21 -30.81 -18.00
N ILE B 633 44.04 -31.13 -17.01
CA ILE B 633 45.26 -30.36 -16.78
C ILE B 633 46.27 -30.62 -17.89
N LYS B 634 46.37 -31.86 -18.36
CA LYS B 634 47.24 -32.16 -19.49
C LYS B 634 46.79 -31.44 -20.75
N GLN B 635 45.50 -31.07 -20.84
CA GLN B 635 45.03 -30.26 -21.95
C GLN B 635 45.71 -28.90 -22.00
N TYR B 636 46.32 -28.45 -20.90
CA TYR B 636 46.99 -27.16 -20.85
C TYR B 636 48.44 -27.24 -20.39
N TYR B 637 48.94 -28.41 -20.01
CA TYR B 637 50.26 -28.50 -19.39
C TYR B 637 51.37 -28.11 -20.36
N LEU B 638 51.37 -28.70 -21.56
CA LEU B 638 52.43 -28.46 -22.53
C LEU B 638 53.78 -28.89 -21.96
N PRO B 639 54.03 -30.18 -21.80
CA PRO B 639 55.28 -30.63 -21.19
C PRO B 639 56.49 -30.27 -22.03
N GLN B 640 57.59 -29.94 -21.35
CA GLN B 640 58.88 -29.65 -21.97
C GLN B 640 59.90 -29.53 -20.84
N GLN B 641 61.15 -29.26 -21.23
CA GLN B 641 62.23 -29.11 -20.27
C GLN B 641 63.07 -27.90 -20.66
N ASP B 642 63.28 -26.99 -19.71
CA ASP B 642 64.12 -25.81 -19.90
C ASP B 642 63.66 -24.97 -21.10
N LEU B 643 62.40 -24.54 -21.04
CA LEU B 643 61.82 -23.76 -22.12
C LEU B 643 60.77 -22.83 -21.52
N LEU B 644 59.89 -22.29 -22.37
CA LEU B 644 58.87 -21.32 -22.03
C LEU B 644 57.99 -21.81 -20.87
N PRO B 645 57.30 -20.92 -20.18
CA PRO B 645 56.38 -21.35 -19.10
C PRO B 645 55.36 -22.34 -19.61
N PRO B 646 55.23 -23.49 -18.96
CA PRO B 646 54.35 -24.54 -19.49
C PRO B 646 52.89 -24.12 -19.61
N LEU B 647 52.41 -23.28 -18.71
CA LEU B 647 51.00 -22.88 -18.73
C LEU B 647 50.68 -22.11 -20.01
N LYS B 648 49.85 -22.70 -20.86
CA LYS B 648 49.40 -22.05 -22.08
C LYS B 648 48.31 -21.04 -21.72
N LEU B 649 48.74 -19.89 -21.20
CA LEU B 649 47.81 -18.90 -20.72
C LEU B 649 46.90 -18.37 -21.82
N GLU B 650 47.38 -18.40 -23.07
CA GLU B 650 46.58 -17.91 -24.19
C GLU B 650 45.37 -18.76 -24.48
N GLY B 651 45.27 -19.96 -23.90
CA GLY B 651 44.13 -20.82 -24.16
C GLY B 651 42.82 -20.21 -23.66
N CYS B 652 42.85 -19.56 -22.50
CA CYS B 652 41.67 -18.95 -21.91
C CYS B 652 41.57 -17.45 -22.19
N ILE B 653 42.43 -16.92 -23.07
CA ILE B 653 42.39 -15.49 -23.38
C ILE B 653 41.06 -15.12 -24.02
N MET B 654 40.60 -15.92 -24.98
CA MET B 654 39.35 -15.64 -25.67
C MET B 654 38.33 -16.76 -25.44
N ILE B 660 37.32 -12.37 -26.01
CA ILE B 660 37.62 -11.38 -24.98
C ILE B 660 37.53 -12.01 -23.60
N PHE B 661 36.42 -12.67 -23.32
CA PHE B 661 36.21 -13.31 -22.04
C PHE B 661 37.05 -14.57 -21.92
N LEU B 662 36.93 -15.26 -20.79
CA LEU B 662 37.70 -16.47 -20.51
C LEU B 662 36.76 -17.65 -20.32
N GLN B 663 37.27 -18.84 -20.62
CA GLN B 663 36.45 -20.05 -20.53
C GLN B 663 37.21 -21.20 -19.87
N GLU B 664 38.24 -20.92 -19.10
CA GLU B 664 39.00 -21.98 -18.42
C GLU B 664 39.78 -21.41 -17.25
N PRO B 665 39.14 -21.20 -16.10
CA PRO B 665 39.89 -20.76 -14.92
C PRO B 665 40.93 -21.79 -14.53
N LEU B 666 42.08 -21.31 -14.05
CA LEU B 666 43.23 -22.17 -13.76
C LEU B 666 43.57 -22.25 -12.29
N ALA B 667 43.46 -21.15 -11.54
CA ALA B 667 43.80 -21.18 -10.13
C ALA B 667 42.88 -22.12 -9.36
N HIS B 668 41.57 -22.05 -9.62
CA HIS B 668 40.63 -22.93 -8.95
C HIS B 668 40.87 -24.38 -9.32
N LEU B 669 41.18 -24.62 -10.60
CA LEU B 669 41.49 -25.97 -11.04
C LEU B 669 42.71 -26.52 -10.33
N LEU B 670 43.77 -25.71 -10.21
CA LEU B 670 44.99 -26.17 -9.55
C LEU B 670 44.75 -26.41 -8.06
N CYS B 671 43.96 -25.54 -7.41
CA CYS B 671 43.64 -25.75 -6.01
C CYS B 671 42.86 -27.05 -5.82
N CYS B 672 41.88 -27.30 -6.70
CA CYS B 672 41.17 -28.57 -6.64
C CYS B 672 42.12 -29.75 -6.85
N ILE B 673 43.08 -29.59 -7.78
CA ILE B 673 44.06 -30.63 -8.03
C ILE B 673 44.83 -30.97 -6.76
N GLN B 674 45.36 -29.94 -6.09
CA GLN B 674 46.17 -30.19 -4.91
C GLN B 674 45.35 -30.78 -3.77
N HIS B 675 44.11 -30.29 -3.59
CA HIS B 675 43.27 -30.82 -2.51
C HIS B 675 42.92 -32.28 -2.78
N CYS B 676 42.55 -32.61 -4.02
CA CYS B 676 42.23 -33.99 -4.35
C CYS B 676 43.45 -34.89 -4.21
N LEU B 677 44.62 -34.40 -4.61
CA LEU B 677 45.84 -35.17 -4.44
C LEU B 677 46.12 -35.44 -2.97
N ALA B 678 45.96 -34.43 -2.13
CA ALA B 678 46.20 -34.60 -0.70
C ALA B 678 45.24 -35.64 -0.11
N TRP B 679 43.96 -35.54 -0.46
CA TRP B 679 42.99 -36.50 0.06
C TRP B 679 43.28 -37.90 -0.44
N TYR B 680 43.64 -38.04 -1.71
CA TYR B 680 43.95 -39.35 -2.26
C TYR B 680 45.16 -39.98 -1.57
N LYS B 681 46.21 -39.18 -1.33
CA LYS B 681 47.38 -39.69 -0.64
C LYS B 681 47.03 -40.08 0.80
N SER B 682 46.21 -39.27 1.48
CA SER B 682 45.83 -39.57 2.86
C SER B 682 45.00 -40.85 2.93
N THR B 683 44.09 -41.05 1.98
CA THR B 683 43.22 -42.22 2.01
C THR B 683 44.01 -43.51 1.87
N VAL B 684 45.02 -43.52 1.01
CA VAL B 684 45.83 -44.71 0.78
C VAL B 684 46.63 -45.09 2.03
N GLY B 700 51.05 -44.25 -13.90
CA GLY B 700 50.43 -43.82 -12.65
C GLY B 700 49.97 -42.38 -12.68
N PHE B 701 48.67 -42.18 -12.48
CA PHE B 701 48.12 -40.82 -12.47
C PHE B 701 48.68 -40.01 -11.32
N GLU B 702 48.79 -40.61 -10.12
CA GLU B 702 49.35 -39.89 -8.99
C GLU B 702 50.82 -39.59 -9.18
N GLN B 703 51.55 -40.53 -9.81
CA GLN B 703 52.94 -40.24 -10.18
C GLN B 703 53.01 -39.15 -11.24
N ASN B 704 52.07 -39.16 -12.20
CA ASN B 704 51.99 -38.09 -13.17
C ASN B 704 51.64 -36.77 -12.49
N PHE B 705 50.75 -36.81 -11.50
CA PHE B 705 50.37 -35.59 -10.79
C PHE B 705 51.56 -34.95 -10.10
N GLU B 706 52.29 -35.73 -9.28
CA GLU B 706 53.40 -35.16 -8.55
C GLU B 706 54.50 -34.69 -9.48
N GLU B 707 54.78 -35.46 -10.54
CA GLU B 707 55.79 -35.04 -11.51
C GLU B 707 55.37 -33.75 -12.20
N MET B 708 54.11 -33.67 -12.62
CA MET B 708 53.63 -32.44 -13.25
C MET B 708 53.67 -31.28 -12.27
N LEU B 709 53.23 -31.50 -11.03
CA LEU B 709 53.31 -30.44 -10.03
C LEU B 709 54.75 -30.04 -9.75
N GLU B 710 55.63 -31.04 -9.60
CA GLU B 710 57.04 -30.73 -9.35
C GLU B 710 57.66 -30.00 -10.53
N SER B 711 57.37 -30.46 -11.76
CA SER B 711 57.96 -29.85 -12.94
C SER B 711 57.51 -28.41 -13.11
N VAL B 712 56.21 -28.15 -12.95
CA VAL B 712 55.70 -26.79 -13.16
C VAL B 712 56.22 -25.86 -12.08
N THR B 713 56.36 -26.35 -10.84
CA THR B 713 56.98 -25.55 -9.79
C THR B 713 58.44 -25.28 -10.13
N ARG B 714 59.16 -26.31 -10.59
CA ARG B 714 60.54 -26.11 -11.02
C ARG B 714 60.60 -25.22 -12.25
N ARG B 715 59.63 -25.36 -13.16
CA ARG B 715 59.59 -24.50 -14.34
C ARG B 715 59.33 -23.05 -13.95
N MET B 716 58.45 -22.82 -12.97
CA MET B 716 58.12 -21.45 -12.57
C MET B 716 59.34 -20.72 -12.02
N ILE B 717 60.07 -21.36 -11.11
CA ILE B 717 61.26 -20.72 -10.56
C ILE B 717 62.33 -20.57 -11.64
N LYS B 718 62.44 -21.56 -12.52
CA LYS B 718 63.34 -21.46 -13.67
C LYS B 718 62.67 -20.68 -14.79
N SER B 719 62.14 -19.50 -14.48
CA SER B 719 61.46 -18.65 -15.44
C SER B 719 61.38 -17.25 -14.83
N GLU B 720 60.79 -16.33 -15.58
CA GLU B 720 60.65 -14.95 -15.14
C GLU B 720 59.52 -14.31 -15.94
N LEU B 721 59.29 -13.01 -15.70
CA LEU B 721 58.31 -12.28 -16.48
C LEU B 721 58.67 -12.25 -17.95
N GLU B 722 59.98 -12.20 -18.26
CA GLU B 722 60.41 -12.25 -19.65
C GLU B 722 60.03 -13.56 -20.31
N ASP B 723 60.14 -14.67 -19.57
CA ASP B 723 59.70 -15.96 -20.09
C ASP B 723 58.20 -15.96 -20.38
N PHE B 724 57.41 -15.37 -19.49
CA PHE B 724 55.99 -15.22 -19.71
C PHE B 724 55.73 -14.16 -20.78
N GLU B 725 54.47 -14.08 -21.24
CA GLU B 725 54.12 -13.11 -22.26
C GLU B 725 54.21 -11.68 -21.73
N LEU B 726 54.15 -11.50 -20.42
CA LEU B 726 54.19 -10.17 -19.81
C LEU B 726 55.62 -9.85 -19.40
N ASP B 727 56.36 -9.16 -20.27
CA ASP B 727 57.75 -8.83 -20.01
C ASP B 727 57.91 -7.40 -19.49
N LYS B 728 57.44 -6.41 -20.24
CA LYS B 728 57.62 -5.01 -19.89
C LYS B 728 56.46 -4.51 -19.05
N SER B 729 56.75 -3.51 -18.21
CA SER B 729 55.69 -2.90 -17.41
C SER B 729 54.64 -2.24 -18.29
N ALA B 730 55.07 -1.53 -19.33
CA ALA B 730 54.15 -0.88 -20.27
C ALA B 730 53.82 -1.84 -21.40
N ASP B 731 53.06 -2.88 -21.04
CA ASP B 731 52.67 -3.92 -21.99
C ASP B 731 51.16 -4.00 -22.16
N PHE B 732 50.40 -3.99 -21.07
CA PHE B 732 48.96 -4.15 -21.11
C PHE B 732 48.29 -3.01 -20.36
N SER B 733 47.14 -2.56 -20.87
CA SER B 733 46.38 -1.45 -20.33
C SER B 733 44.90 -1.79 -20.28
N PRO B 734 44.15 -1.19 -19.37
CA PRO B 734 42.71 -1.48 -19.30
C PRO B 734 42.00 -0.99 -20.55
N SER B 735 40.89 -1.66 -20.87
CA SER B 735 40.08 -1.37 -22.05
C SER B 735 40.90 -1.49 -23.34
N SER B 736 41.87 -2.39 -23.35
CA SER B 736 42.69 -2.66 -24.53
C SER B 736 42.64 -4.15 -24.83
N GLY B 737 42.49 -4.48 -26.12
CA GLY B 737 42.41 -5.89 -26.50
C GLY B 737 43.63 -6.68 -26.09
N VAL B 738 44.82 -6.14 -26.37
CA VAL B 738 46.04 -6.73 -25.83
C VAL B 738 46.11 -6.52 -24.33
N GLY B 739 45.60 -5.38 -23.85
CA GLY B 739 45.68 -5.09 -22.42
C GLY B 739 44.87 -6.04 -21.57
N VAL B 740 43.60 -6.25 -21.93
CA VAL B 740 42.75 -7.13 -21.14
C VAL B 740 43.24 -8.58 -21.24
N LYS B 741 43.79 -8.97 -22.39
CA LYS B 741 44.39 -10.30 -22.51
C LYS B 741 45.52 -10.47 -21.52
N ASN B 742 46.46 -9.52 -21.49
CA ASN B 742 47.53 -9.55 -20.50
C ASN B 742 46.97 -9.42 -19.08
N ASN B 743 45.91 -8.63 -18.93
CA ASN B 743 45.29 -8.49 -17.61
C ASN B 743 44.74 -9.83 -17.11
N ILE B 744 44.08 -10.58 -17.99
CA ILE B 744 43.61 -11.91 -17.62
C ILE B 744 44.79 -12.83 -17.33
N TYR B 745 45.84 -12.76 -18.16
CA TYR B 745 47.02 -13.59 -17.93
C TYR B 745 47.64 -13.27 -16.59
N ALA B 746 47.76 -11.99 -16.25
CA ALA B 746 48.32 -11.60 -14.95
C ALA B 746 47.46 -12.12 -13.82
N ILE B 747 46.13 -12.03 -13.98
CA ILE B 747 45.22 -12.54 -12.96
C ILE B 747 45.38 -14.04 -12.78
N GLN B 748 45.61 -14.78 -13.88
CA GLN B 748 45.75 -16.22 -13.77
C GLN B 748 47.06 -16.60 -13.10
N VAL B 749 48.17 -16.02 -13.55
CA VAL B 749 49.49 -16.55 -13.20
C VAL B 749 49.77 -16.39 -11.71
N MET B 750 49.48 -15.22 -11.14
CA MET B 750 49.71 -15.04 -9.71
C MET B 750 48.73 -15.87 -8.89
N GLY B 751 47.55 -16.15 -9.45
CA GLY B 751 46.67 -17.12 -8.83
C GLY B 751 47.26 -18.52 -8.82
N ILE B 752 47.96 -18.88 -9.90
CA ILE B 752 48.65 -20.17 -9.94
C ILE B 752 49.73 -20.23 -8.87
N CYS B 753 50.49 -19.14 -8.72
CA CYS B 753 51.59 -19.13 -7.75
C CYS B 753 51.11 -19.46 -6.35
N GLU B 754 49.92 -18.99 -5.98
CA GLU B 754 49.39 -19.27 -4.65
C GLU B 754 49.18 -20.77 -4.46
N VAL B 755 48.65 -21.46 -5.47
CA VAL B 755 48.36 -22.89 -5.33
C VAL B 755 49.65 -23.67 -5.12
N LEU B 756 50.67 -23.40 -5.93
CA LEU B 756 51.93 -24.12 -5.80
C LEU B 756 52.58 -23.85 -4.44
N ILE B 757 52.34 -22.67 -3.87
CA ILE B 757 52.84 -22.38 -2.52
C ILE B 757 52.23 -23.35 -1.52
N GLU B 758 50.92 -23.58 -1.61
CA GLU B 758 50.25 -24.47 -0.68
C GLU B 758 50.74 -25.90 -0.81
N TYR B 759 50.90 -26.38 -2.05
CA TYR B 759 51.26 -27.79 -2.25
C TYR B 759 52.65 -28.09 -1.73
N ASN B 760 53.62 -27.22 -2.02
CA ASN B 760 55.00 -27.49 -1.62
C ASN B 760 55.15 -27.47 -0.10
N PHE B 761 54.32 -26.69 0.58
CA PHE B 761 54.38 -26.65 2.05
C PHE B 761 54.05 -28.01 2.64
N LYS B 762 53.02 -28.67 2.12
CA LYS B 762 52.68 -30.01 2.59
C LYS B 762 53.79 -31.00 2.25
N ILE B 763 54.34 -30.92 1.04
CA ILE B 763 55.41 -31.81 0.64
C ILE B 763 56.67 -31.53 1.45
N GLY B 764 57.03 -30.25 1.57
CA GLY B 764 58.26 -29.87 2.25
C GLY B 764 58.13 -29.80 3.76
N ASN B 765 58.07 -30.95 4.42
CA ASN B 765 58.03 -30.99 5.87
C ASN B 765 59.41 -30.65 6.41
N PHE B 766 59.59 -29.38 6.80
CA PHE B 766 60.88 -28.87 7.28
C PHE B 766 61.99 -29.14 6.27
N SER B 767 61.68 -28.93 5.00
CA SER B 767 62.60 -29.14 3.89
C SER B 767 63.02 -27.78 3.34
N LYS B 768 64.31 -27.44 3.53
CA LYS B 768 64.79 -26.13 3.12
C LYS B 768 64.69 -25.93 1.61
N ASN B 769 64.95 -27.00 0.84
CA ASN B 769 64.88 -26.89 -0.62
C ASN B 769 63.48 -26.54 -1.08
N LYS B 770 62.46 -27.19 -0.50
CA LYS B 770 61.08 -26.82 -0.82
C LYS B 770 60.76 -25.42 -0.36
N PHE B 771 61.24 -25.02 0.82
CA PHE B 771 61.07 -23.65 1.27
C PHE B 771 61.76 -22.68 0.33
N GLU B 772 62.97 -23.01 -0.13
CA GLU B 772 63.66 -22.15 -1.08
C GLU B 772 62.84 -21.99 -2.36
N ASP B 773 62.23 -23.08 -2.83
CA ASP B 773 61.29 -22.95 -3.94
C ASP B 773 60.08 -22.12 -3.56
N VAL B 774 59.58 -22.30 -2.33
CA VAL B 774 58.42 -21.54 -1.87
C VAL B 774 58.75 -20.05 -1.83
N LEU B 775 59.87 -19.70 -1.19
CA LEU B 775 60.25 -18.29 -1.08
C LEU B 775 60.51 -17.69 -2.45
N GLY B 776 61.23 -18.42 -3.31
CA GLY B 776 61.47 -17.93 -4.65
C GLY B 776 60.19 -17.78 -5.46
N LEU B 777 59.24 -18.68 -5.24
CA LEU B 777 57.97 -18.59 -5.94
C LEU B 777 57.23 -17.30 -5.58
N PHE B 778 57.25 -16.91 -4.31
CA PHE B 778 56.58 -15.68 -3.89
C PHE B 778 57.23 -14.46 -4.53
N THR B 779 58.54 -14.51 -4.78
CA THR B 779 59.22 -13.39 -5.42
C THR B 779 58.64 -13.13 -6.80
N CYS B 780 58.17 -14.18 -7.48
CA CYS B 780 57.45 -13.97 -8.73
C CYS B 780 56.06 -13.41 -8.48
N TYR B 781 55.42 -13.81 -7.38
CA TYR B 781 54.06 -13.38 -7.11
C TYR B 781 53.98 -11.88 -6.91
N ASN B 782 54.80 -11.33 -6.02
CA ASN B 782 54.79 -9.90 -5.77
C ASN B 782 55.47 -9.11 -6.87
N LYS B 783 56.29 -9.76 -7.70
CA LYS B 783 56.89 -9.07 -8.84
C LYS B 783 55.81 -8.55 -9.78
N LEU B 784 54.79 -9.36 -10.03
CA LEU B 784 53.61 -8.88 -10.73
C LEU B 784 52.90 -7.80 -9.93
N SER B 785 52.83 -7.98 -8.60
CA SER B 785 52.12 -7.05 -7.75
C SER B 785 53.00 -5.81 -7.50
N GLU B 786 52.55 -4.97 -6.56
CA GLU B 786 53.28 -3.77 -6.15
C GLU B 786 53.36 -2.75 -7.28
N ILE B 787 54.12 -3.06 -8.32
CA ILE B 787 54.31 -2.14 -9.43
C ILE B 787 53.16 -2.29 -10.41
N LEU B 788 53.00 -3.47 -10.99
CA LEU B 788 51.94 -3.77 -11.94
C LEU B 788 50.82 -4.59 -11.30
N LYS B 789 50.51 -4.33 -10.03
CA LYS B 789 49.49 -5.10 -9.33
C LYS B 789 48.17 -5.06 -10.08
N GLU B 790 47.58 -6.24 -10.27
CA GLU B 790 46.45 -6.41 -11.17
C GLU B 790 46.84 -5.83 -12.53
N LYS B 791 46.49 -4.58 -12.77
CA LYS B 791 47.10 -3.77 -13.82
C LYS B 791 47.85 -2.58 -13.25
N ALA B 792 47.26 -1.89 -12.27
CA ALA B 792 47.73 -0.63 -11.73
C ALA B 792 46.72 -0.17 -10.70
N GLY B 793 45.47 -0.04 -11.12
CA GLY B 793 44.37 0.22 -10.22
C GLY B 793 44.46 1.54 -9.49
N LYS B 794 44.40 2.65 -10.22
CA LYS B 794 44.38 3.97 -9.62
C LYS B 794 42.99 4.24 -9.09
N ASN B 795 42.69 3.69 -7.91
CA ASN B 795 41.45 4.00 -7.20
C ASN B 795 41.65 4.11 -5.70
N LYS B 796 42.88 3.99 -5.20
CA LYS B 796 43.19 4.09 -3.76
C LYS B 796 42.31 3.15 -2.94
N SER B 797 41.85 2.06 -3.56
CA SER B 797 41.03 1.06 -2.90
C SER B 797 41.85 -0.21 -2.75
N THR B 798 41.49 -1.01 -1.75
CA THR B 798 42.22 -2.25 -1.44
C THR B 798 41.22 -3.40 -1.55
N LEU B 799 41.07 -3.93 -2.76
CA LEU B 799 40.18 -5.05 -2.98
C LEU B 799 40.73 -6.31 -2.32
N GLY B 800 39.86 -7.01 -1.60
CA GLY B 800 40.27 -8.20 -0.88
C GLY B 800 41.37 -7.93 0.13
N ASN B 801 41.07 -7.09 1.12
CA ASN B 801 42.02 -6.67 2.14
C ASN B 801 43.17 -5.91 1.49
N ARG B 802 44.04 -6.61 0.75
CA ARG B 802 45.04 -5.93 -0.08
C ARG B 802 45.20 -6.52 -1.48
N ILE B 803 44.88 -7.80 -1.69
CA ILE B 803 45.09 -8.49 -2.95
C ILE B 803 43.78 -9.15 -3.36
N ALA B 804 43.71 -9.57 -4.62
CA ALA B 804 42.54 -10.27 -5.12
C ALA B 804 42.29 -11.56 -4.34
N ARG B 805 41.14 -12.18 -4.61
CA ARG B 805 40.69 -13.36 -3.88
C ARG B 805 41.77 -14.43 -3.85
N SER B 806 42.17 -14.83 -2.65
CA SER B 806 43.26 -15.78 -2.48
C SER B 806 42.79 -17.17 -2.90
N PHE B 807 43.72 -18.14 -2.78
CA PHE B 807 43.45 -19.51 -3.22
C PHE B 807 44.00 -20.52 -2.22
N LEU B 808 44.03 -20.17 -0.94
CA LEU B 808 44.68 -20.97 0.08
C LEU B 808 43.64 -21.58 1.02
N SER B 809 43.75 -22.87 1.27
CA SER B 809 42.87 -23.53 2.22
C SER B 809 43.06 -22.94 3.62
N MET B 810 41.96 -22.80 4.35
CA MET B 810 42.04 -22.18 5.66
C MET B 810 42.92 -22.97 6.62
N GLY B 811 42.95 -24.30 6.49
CA GLY B 811 43.85 -25.08 7.30
C GLY B 811 45.30 -24.74 7.05
N PHE B 812 45.67 -24.55 5.78
CA PHE B 812 47.07 -24.28 5.44
C PHE B 812 47.51 -22.93 5.98
N VAL B 813 46.74 -21.87 5.72
CA VAL B 813 47.12 -20.54 6.19
C VAL B 813 47.13 -20.50 7.70
N SER B 814 46.24 -21.25 8.35
CA SER B 814 46.30 -21.40 9.81
C SER B 814 47.61 -22.05 10.23
N THR B 815 48.02 -23.10 9.52
CA THR B 815 49.26 -23.78 9.87
C THR B 815 50.49 -22.99 9.43
N LEU B 816 50.39 -22.25 8.33
CA LEU B 816 51.54 -21.47 7.87
C LEU B 816 51.94 -20.42 8.89
N LEU B 817 50.95 -19.70 9.44
CA LEU B 817 51.27 -18.68 10.45
C LEU B 817 51.84 -19.31 11.71
N THR B 818 51.30 -20.45 12.14
CA THR B 818 51.85 -21.13 13.30
C THR B 818 53.30 -21.52 13.07
N ALA B 819 53.62 -21.97 11.86
CA ALA B 819 55.01 -22.17 11.50
C ALA B 819 55.74 -20.82 11.37
N LEU B 820 55.06 -19.82 10.82
CA LEU B 820 55.70 -18.52 10.61
C LEU B 820 55.86 -17.77 11.92
N PHE B 821 54.87 -17.83 12.79
CA PHE B 821 54.93 -17.22 14.12
C PHE B 821 54.60 -18.28 15.16
N ARG B 822 55.43 -18.36 16.21
CA ARG B 822 55.39 -19.36 17.28
C ARG B 822 55.90 -20.72 16.83
N ASP B 823 56.43 -20.83 15.62
CA ASP B 823 57.00 -22.09 15.13
C ASP B 823 58.51 -22.12 15.35
N ASN B 824 58.90 -21.99 16.61
CA ASN B 824 60.31 -21.98 17.01
C ASN B 824 60.65 -23.35 17.59
N ALA B 825 61.66 -24.00 17.01
CA ALA B 825 62.10 -25.31 17.48
C ALA B 825 63.34 -25.70 16.69
N GLN B 826 64.14 -26.59 17.27
CA GLN B 826 65.33 -27.09 16.59
C GLN B 826 64.99 -28.01 15.43
N SER B 827 63.76 -28.52 15.38
CA SER B 827 63.37 -29.40 14.28
C SER B 827 63.41 -28.67 12.94
N HIS B 828 63.02 -27.40 12.93
CA HIS B 828 63.08 -26.61 11.71
C HIS B 828 64.53 -26.41 11.27
N GLU B 829 64.72 -26.37 9.95
CA GLU B 829 66.06 -26.28 9.35
C GLU B 829 66.36 -24.89 8.84
N GLU B 830 65.97 -23.85 9.59
CA GLU B 830 66.13 -22.44 9.26
C GLU B 830 65.28 -22.02 8.07
N SER B 831 64.44 -22.91 7.53
CA SER B 831 63.54 -22.54 6.44
C SER B 831 62.55 -21.47 6.90
N LEU B 832 62.07 -21.57 8.14
CA LEU B 832 61.21 -20.52 8.68
C LEU B 832 61.98 -19.21 8.79
N ALA B 833 63.25 -19.28 9.21
CA ALA B 833 64.03 -18.07 9.40
C ALA B 833 64.21 -17.31 8.09
N VAL B 834 64.59 -18.01 7.02
CA VAL B 834 64.70 -17.36 5.72
C VAL B 834 63.32 -16.93 5.23
N LEU B 835 62.28 -17.71 5.54
CA LEU B 835 60.92 -17.25 5.28
C LEU B 835 60.62 -15.99 6.09
N ARG B 836 61.03 -15.96 7.36
CA ARG B 836 60.90 -14.76 8.16
C ARG B 836 61.73 -13.60 7.61
N SER B 837 62.79 -13.90 6.87
CA SER B 837 63.59 -12.83 6.26
C SER B 837 62.81 -12.09 5.20
N SER B 838 61.93 -12.80 4.48
CA SER B 838 61.11 -12.17 3.44
C SER B 838 60.03 -11.33 4.12
N THR B 839 60.29 -10.03 4.24
CA THR B 839 59.34 -9.15 4.92
C THR B 839 58.02 -9.09 4.17
N GLU B 840 58.07 -9.02 2.85
CA GLU B 840 56.83 -9.02 2.07
C GLU B 840 56.08 -10.33 2.20
N PHE B 841 56.80 -11.44 2.44
CA PHE B 841 56.14 -12.69 2.72
C PHE B 841 55.37 -12.63 4.04
N MET B 842 55.91 -11.93 5.04
CA MET B 842 55.18 -11.69 6.27
C MET B 842 53.87 -10.95 6.00
N ARG B 843 53.96 -9.86 5.24
CA ARG B 843 52.77 -9.06 4.95
C ARG B 843 51.74 -9.87 4.17
N TYR B 844 52.20 -10.64 3.18
CA TYR B 844 51.27 -11.47 2.42
C TYR B 844 50.78 -12.68 3.22
N ALA B 845 51.55 -13.10 4.23
CA ALA B 845 51.20 -14.31 4.97
C ALA B 845 49.86 -14.16 5.67
N VAL B 846 49.61 -13.00 6.29
CA VAL B 846 48.36 -12.79 6.99
C VAL B 846 47.32 -12.12 6.10
N SER B 847 47.77 -11.35 5.10
CA SER B 847 46.85 -10.58 4.29
C SER B 847 45.83 -11.48 3.59
N VAL B 848 46.24 -12.69 3.21
CA VAL B 848 45.29 -13.63 2.60
C VAL B 848 44.22 -14.02 3.60
N ALA B 849 44.61 -14.33 4.83
CA ALA B 849 43.64 -14.72 5.85
C ALA B 849 42.70 -13.58 6.18
N LEU B 850 43.21 -12.34 6.14
CA LEU B 850 42.35 -11.17 6.38
C LEU B 850 41.24 -11.10 5.35
N GLN B 851 41.56 -11.36 4.07
CA GLN B 851 40.52 -11.49 3.07
C GLN B 851 39.62 -12.68 3.36
N LYS B 852 40.20 -13.79 3.82
CA LYS B 852 39.41 -14.99 4.07
C LYS B 852 38.37 -14.75 5.17
N VAL B 853 38.78 -14.11 6.27
CA VAL B 853 37.83 -13.85 7.35
C VAL B 853 36.78 -12.82 6.92
N GLN B 854 37.17 -11.86 6.07
CA GLN B 854 36.20 -10.91 5.54
C GLN B 854 35.17 -11.62 4.65
N GLN B 855 35.60 -12.66 3.93
CA GLN B 855 34.64 -13.47 3.19
C GLN B 855 33.66 -14.14 4.13
N LEU B 856 34.15 -14.68 5.24
CA LEU B 856 33.25 -15.22 6.26
C LEU B 856 32.55 -14.12 7.03
N GLU B 857 33.10 -12.90 7.06
CA GLU B 857 32.46 -11.80 7.74
C GLU B 857 31.16 -11.41 7.06
N GLU B 858 31.19 -11.19 5.74
CA GLU B 858 29.98 -10.82 5.02
C GLU B 858 29.15 -12.04 4.66
N MET B 859 29.68 -12.92 3.83
CA MET B 859 29.00 -14.15 3.47
C MET B 859 29.16 -15.19 4.57
N GLY B 860 28.18 -16.09 4.67
CA GLY B 860 28.24 -17.13 5.67
C GLY B 860 29.17 -18.29 5.35
N GLN B 861 29.70 -18.33 4.13
CA GLN B 861 30.63 -19.36 3.70
C GLN B 861 31.92 -18.71 3.20
N THR B 862 32.84 -19.55 2.73
CA THR B 862 34.10 -19.05 2.18
C THR B 862 34.68 -20.12 1.27
N ASP B 863 35.63 -19.69 0.43
CA ASP B 863 36.29 -20.60 -0.49
C ASP B 863 37.23 -21.53 0.28
N GLY B 864 37.69 -22.57 -0.42
CA GLY B 864 38.59 -23.53 0.15
C GLY B 864 37.85 -24.71 0.75
N PRO B 865 38.56 -25.82 0.94
CA PRO B 865 37.93 -27.01 1.52
C PRO B 865 37.44 -26.75 2.94
N ASP B 866 36.29 -27.34 3.27
CA ASP B 866 35.67 -27.20 4.58
C ASP B 866 35.27 -25.76 4.89
N GLY B 867 35.23 -24.89 3.87
CA GLY B 867 34.90 -23.50 4.10
C GLY B 867 33.48 -23.32 4.61
N GLN B 868 32.52 -24.03 4.03
CA GLN B 868 31.13 -23.93 4.43
C GLN B 868 30.79 -24.78 5.64
N ASN B 869 31.74 -25.58 6.13
CA ASN B 869 31.51 -26.32 7.38
C ASN B 869 31.85 -25.42 8.55
N PRO B 870 30.87 -25.04 9.36
CA PRO B 870 31.15 -24.08 10.44
C PRO B 870 31.95 -24.68 11.59
N GLU B 871 31.61 -25.91 12.00
CA GLU B 871 32.34 -26.54 13.11
C GLU B 871 33.80 -26.79 12.74
N LYS B 872 34.06 -27.20 11.50
CA LYS B 872 35.44 -27.28 11.03
C LYS B 872 36.07 -25.90 10.96
N MET B 873 35.31 -24.91 10.50
CA MET B 873 35.83 -23.54 10.45
C MET B 873 36.04 -22.99 11.85
N PHE B 874 35.16 -23.34 12.79
CA PHE B 874 35.27 -22.81 14.14
C PHE B 874 36.59 -23.20 14.80
N GLN B 875 37.00 -24.46 14.63
CA GLN B 875 38.31 -24.86 15.13
C GLN B 875 39.41 -24.05 14.49
N ASN B 876 39.34 -23.86 13.17
CA ASN B 876 40.31 -23.00 12.49
C ASN B 876 40.27 -21.60 13.06
N LEU B 877 39.07 -21.08 13.35
CA LEU B 877 38.97 -19.76 13.95
C LEU B 877 39.62 -19.71 15.32
N CYS B 878 39.54 -20.80 16.08
CA CYS B 878 40.17 -20.84 17.40
C CYS B 878 41.69 -20.78 17.29
N LYS B 879 42.26 -21.56 16.37
CA LYS B 879 43.72 -21.64 16.27
C LYS B 879 44.33 -20.34 15.75
N ILE B 880 43.70 -19.72 14.75
CA ILE B 880 44.34 -18.61 14.06
C ILE B 880 44.54 -17.43 15.01
N THR B 881 43.55 -17.13 15.85
CA THR B 881 43.54 -15.89 16.61
C THR B 881 44.76 -15.75 17.52
N ARG B 882 45.29 -16.86 18.02
CA ARG B 882 46.38 -16.79 19.00
C ARG B 882 47.62 -16.13 18.41
N VAL B 883 48.06 -16.58 17.24
CA VAL B 883 49.28 -16.03 16.66
C VAL B 883 49.06 -14.58 16.24
N LEU B 884 47.85 -14.23 15.80
CA LEU B 884 47.58 -12.84 15.43
C LEU B 884 47.71 -11.93 16.63
N LEU B 885 47.16 -12.33 17.78
CA LEU B 885 47.26 -11.50 18.97
C LEU B 885 48.68 -11.49 19.53
N TRP B 886 49.33 -12.66 19.57
CA TRP B 886 50.67 -12.72 20.12
C TRP B 886 51.65 -11.90 19.29
N ARG B 887 51.53 -11.98 17.96
CA ARG B 887 52.43 -11.21 17.10
C ARG B 887 52.33 -9.72 17.39
N TYR B 888 51.11 -9.22 17.62
CA TYR B 888 50.96 -7.82 18.00
C TYR B 888 51.64 -7.52 19.32
N THR B 889 51.49 -8.43 20.30
CA THR B 889 52.11 -8.23 21.60
C THR B 889 53.63 -8.39 21.56
N SER B 890 54.18 -8.92 20.47
CA SER B 890 55.63 -9.05 20.37
C SER B 890 56.32 -7.70 20.39
N ILE B 891 55.76 -6.72 19.69
CA ILE B 891 56.33 -5.37 19.66
C ILE B 891 57.61 -5.34 18.82
N SER B 905 52.47 -0.80 8.76
CA SER B 905 53.38 -1.82 9.28
C SER B 905 52.73 -3.21 9.24
N ILE B 906 53.35 -4.15 9.93
CA ILE B 906 52.85 -5.53 9.94
C ILE B 906 51.83 -5.75 11.05
N SER B 907 52.10 -5.23 12.25
CA SER B 907 51.18 -5.42 13.36
C SER B 907 49.84 -4.76 13.10
N LEU B 908 49.80 -3.70 12.28
CA LEU B 908 48.55 -3.05 11.94
C LEU B 908 47.61 -4.00 11.20
N LEU B 909 48.16 -4.98 10.49
CA LEU B 909 47.33 -6.01 9.87
C LEU B 909 46.62 -6.84 10.93
N CYS B 910 47.34 -7.24 11.98
CA CYS B 910 46.76 -8.10 13.00
C CYS B 910 45.63 -7.40 13.75
N LEU B 911 45.71 -6.07 13.86
CA LEU B 911 44.61 -5.33 14.48
C LEU B 911 43.33 -5.50 13.69
N GLU B 912 43.42 -5.45 12.35
CA GLU B 912 42.25 -5.72 11.53
C GLU B 912 41.81 -7.17 11.67
N GLY B 913 42.77 -8.10 11.73
CA GLY B 913 42.43 -9.51 11.81
C GLY B 913 41.65 -9.86 13.06
N LEU B 914 42.08 -9.32 14.20
CA LEU B 914 41.33 -9.54 15.44
C LEU B 914 39.97 -8.86 15.38
N LEU B 915 39.94 -7.58 15.01
CA LEU B 915 38.68 -6.83 15.02
C LEU B 915 37.62 -7.50 14.16
N ARG B 916 38.03 -8.20 13.10
CA ARG B 916 37.05 -8.90 12.28
C ARG B 916 36.70 -10.27 12.83
N ILE B 917 37.61 -10.92 13.57
CA ILE B 917 37.31 -12.26 14.05
C ILE B 917 36.27 -12.21 15.17
N PHE B 918 36.34 -11.19 16.04
CA PHE B 918 35.30 -11.05 17.05
C PHE B 918 33.96 -10.74 16.40
N ASN B 919 33.93 -9.78 15.47
CA ASN B 919 32.68 -9.39 14.83
C ASN B 919 32.05 -10.54 14.06
N THR B 920 32.81 -11.58 13.74
CA THR B 920 32.24 -12.73 13.05
C THR B 920 31.54 -13.68 14.01
N MET B 921 32.26 -14.18 15.01
CA MET B 921 31.70 -15.19 15.90
C MET B 921 30.56 -14.63 16.75
N GLN B 922 30.66 -13.36 17.15
CA GLN B 922 29.55 -12.76 17.89
C GLN B 922 28.30 -12.66 17.02
N GLN B 923 28.46 -12.65 15.71
CA GLN B 923 27.34 -12.55 14.78
C GLN B 923 27.08 -13.85 14.03
N LEU B 924 27.95 -14.84 14.12
CA LEU B 924 27.76 -16.13 13.48
C LEU B 924 27.68 -17.27 14.48
N TYR B 925 28.65 -17.38 15.38
CA TYR B 925 28.70 -18.49 16.34
C TYR B 925 28.15 -18.06 17.70
N ALA B 926 26.85 -17.74 17.70
CA ALA B 926 26.22 -17.25 18.92
C ALA B 926 26.24 -18.31 20.02
N ALA B 927 25.93 -19.56 19.67
CA ALA B 927 25.94 -20.63 20.65
C ALA B 927 27.33 -21.17 20.93
N ARG B 928 28.30 -20.90 20.07
CA ARG B 928 29.64 -21.45 20.18
C ARG B 928 30.61 -20.54 20.93
N ILE B 929 30.14 -19.41 21.46
CA ILE B 929 31.03 -18.51 22.18
C ILE B 929 31.76 -19.19 23.33
N PRO B 930 31.10 -19.99 24.19
CA PRO B 930 31.85 -20.63 25.28
C PRO B 930 33.02 -21.47 24.82
N GLN B 931 32.87 -22.16 23.68
CA GLN B 931 33.99 -22.95 23.16
C GLN B 931 35.16 -22.05 22.80
N PHE B 932 34.90 -20.91 22.15
CA PHE B 932 35.97 -19.99 21.83
C PHE B 932 36.61 -19.42 23.10
N LEU B 933 35.78 -19.05 24.09
CA LEU B 933 36.32 -18.50 25.32
C LEU B 933 37.19 -19.52 26.04
N GLN B 934 36.78 -20.78 26.04
CA GLN B 934 37.64 -21.84 26.55
C GLN B 934 38.93 -21.94 25.74
N ALA B 935 38.81 -21.86 24.42
CA ALA B 935 39.99 -21.88 23.55
C ALA B 935 40.72 -20.55 23.51
N LEU B 936 40.12 -19.48 24.05
CA LEU B 936 40.78 -18.18 24.04
C LEU B 936 42.07 -18.20 24.84
N ASP B 937 42.15 -19.04 25.87
CA ASP B 937 43.35 -19.15 26.69
C ASP B 937 44.51 -19.75 25.91
N ILE B 948 31.32 -20.31 33.79
CA ILE B 948 31.08 -19.44 32.64
C ILE B 948 31.58 -18.02 32.89
N ASN B 949 32.90 -17.91 33.12
CA ASN B 949 33.52 -16.61 33.38
C ASN B 949 33.75 -15.85 32.07
N VAL B 950 32.63 -15.53 31.41
CA VAL B 950 32.70 -14.83 30.13
C VAL B 950 33.26 -13.42 30.32
N THR B 951 32.76 -12.70 31.33
CA THR B 951 33.17 -11.32 31.53
C THR B 951 34.61 -11.22 32.04
N GLU B 952 35.06 -12.22 32.81
CA GLU B 952 36.38 -12.15 33.42
C GLU B 952 37.48 -12.11 32.37
N LYS B 953 37.47 -13.05 31.43
CA LYS B 953 38.53 -13.10 30.44
C LYS B 953 38.36 -12.00 29.40
N ALA B 954 37.12 -11.63 29.08
CA ALA B 954 36.89 -10.54 28.15
C ALA B 954 37.47 -9.23 28.69
N ALA B 955 37.24 -8.95 29.97
CA ALA B 955 37.83 -7.77 30.58
C ALA B 955 39.35 -7.88 30.64
N PHE B 956 39.88 -9.10 30.78
CA PHE B 956 41.32 -9.28 30.83
C PHE B 956 41.98 -8.85 29.53
N GLN B 957 41.38 -9.20 28.38
CA GLN B 957 41.93 -8.78 27.10
C GLN B 957 41.87 -7.27 26.95
N ILE B 958 40.81 -6.64 27.47
CA ILE B 958 40.72 -5.18 27.42
C ILE B 958 41.87 -4.54 28.18
N ARG B 959 42.26 -5.15 29.31
CA ARG B 959 43.37 -4.62 30.09
C ARG B 959 44.67 -4.65 29.31
N GLN B 960 44.90 -5.73 28.56
CA GLN B 960 46.09 -5.79 27.71
C GLN B 960 46.04 -4.73 26.62
N PHE B 961 44.85 -4.31 26.21
CA PHE B 961 44.69 -3.32 25.16
C PHE B 961 44.69 -1.90 25.70
N GLN B 962 44.17 -1.69 26.91
CA GLN B 962 44.20 -0.35 27.50
C GLN B 962 45.64 0.13 27.69
N ARG B 963 46.54 -0.77 28.09
CA ARG B 963 47.93 -0.39 28.29
C ARG B 963 48.55 0.15 27.01
N SER B 964 48.31 -0.54 25.89
CA SER B 964 48.85 -0.08 24.62
C SER B 964 48.30 1.28 24.22
N LEU B 965 47.01 1.50 24.44
CA LEU B 965 46.39 2.75 24.03
C LEU B 965 46.92 3.92 24.85
N VAL B 966 46.94 3.78 26.17
CA VAL B 966 47.40 4.87 27.03
C VAL B 966 48.87 5.16 26.77
N ASN B 967 49.67 4.12 26.52
CA ASN B 967 51.07 4.34 26.16
C ASN B 967 51.17 5.08 24.83
N GLN B 968 50.37 4.68 23.84
CA GLN B 968 50.37 5.38 22.56
C GLN B 968 49.80 6.79 22.70
N LEU B 969 48.72 6.94 23.46
CA LEU B 969 48.09 8.25 23.61
C LEU B 969 49.00 9.21 24.38
N SER B 970 49.70 8.71 25.40
CA SER B 970 50.58 9.57 26.18
C SER B 970 51.82 9.97 25.40
N SER B 971 52.21 9.17 24.40
CA SER B 971 53.41 9.45 23.63
C SER B 971 53.23 10.72 22.81
N ALA B 972 54.36 11.24 22.33
CA ALA B 972 54.35 12.47 21.54
C ALA B 972 53.68 12.24 20.19
N GLU B 973 53.22 13.34 19.58
CA GLU B 973 52.52 13.26 18.31
C GLU B 973 53.42 12.77 17.17
N ASP B 974 54.74 12.82 17.34
CA ASP B 974 55.64 12.31 16.31
C ASP B 974 55.42 10.83 16.09
N ASP B 975 55.31 10.06 17.17
CA ASP B 975 54.98 8.64 17.09
C ASP B 975 53.52 8.48 17.51
N PHE B 976 52.63 8.71 16.54
CA PHE B 976 51.20 8.69 16.80
C PHE B 976 50.51 7.50 16.15
N ASN B 977 50.65 7.34 14.83
CA ASN B 977 50.04 6.24 14.09
C ASN B 977 48.53 6.18 14.37
N SER B 978 47.86 7.24 13.93
CA SER B 978 46.45 7.42 14.25
C SER B 978 45.59 6.28 13.72
N LYS B 979 46.06 5.57 12.69
CA LYS B 979 45.31 4.43 12.17
C LYS B 979 45.18 3.33 13.22
N GLU B 980 46.26 3.04 13.93
CA GLU B 980 46.20 2.05 15.00
C GLU B 980 45.32 2.52 16.15
N THR B 981 45.41 3.82 16.50
CA THR B 981 44.62 4.34 17.60
C THR B 981 43.13 4.22 17.32
N GLN B 982 42.71 4.50 16.09
CA GLN B 982 41.32 4.31 15.71
C GLN B 982 40.92 2.85 15.85
N LEU B 983 41.77 1.93 15.42
CA LEU B 983 41.50 0.51 15.60
C LEU B 983 41.50 0.15 17.08
N LEU B 984 42.41 0.73 17.86
CA LEU B 984 42.45 0.47 19.30
C LEU B 984 41.14 0.86 19.97
N ILE B 985 40.43 1.83 19.42
CA ILE B 985 39.17 2.25 20.03
C ILE B 985 38.02 1.38 19.54
N THR B 986 37.99 1.06 18.25
CA THR B 986 36.89 0.26 17.72
C THR B 986 36.87 -1.13 18.34
N ILE B 987 38.04 -1.71 18.59
CA ILE B 987 38.10 -3.03 19.20
C ILE B 987 37.51 -2.98 20.61
N LEU B 988 37.72 -1.88 21.32
CA LEU B 988 37.09 -1.70 22.63
C LEU B 988 35.58 -1.72 22.51
N SER B 989 35.05 -0.98 21.54
CA SER B 989 33.59 -0.94 21.35
C SER B 989 33.05 -2.30 20.94
N THR B 990 33.73 -2.98 20.02
CA THR B 990 33.25 -4.28 19.56
C THR B 990 33.39 -5.34 20.64
N LEU B 991 34.36 -5.19 21.55
CA LEU B 991 34.53 -6.11 22.66
C LEU B 991 33.72 -5.71 23.88
N SER B 992 33.13 -4.52 23.89
CA SER B 992 32.29 -4.09 24.99
C SER B 992 30.82 -4.48 24.80
N LYS B 993 30.49 -5.15 23.70
CA LYS B 993 29.11 -5.53 23.45
C LYS B 993 28.62 -6.63 24.37
N LEU B 994 29.50 -7.54 24.78
CA LEU B 994 29.08 -8.76 25.50
C LEU B 994 29.61 -8.82 26.92
N LEU B 995 29.90 -7.68 27.55
CA LEU B 995 30.23 -7.69 28.97
C LEU B 995 29.00 -8.09 29.78
N ASP B 996 29.25 -8.43 31.04
CA ASP B 996 28.16 -8.77 31.95
C ASP B 996 27.27 -7.55 32.14
N PRO B 997 25.95 -7.68 31.95
CA PRO B 997 25.08 -6.50 32.07
C PRO B 997 25.17 -5.81 33.41
N GLY B 998 25.31 -6.56 34.49
CA GLY B 998 25.45 -5.98 35.81
C GLY B 998 26.84 -6.16 36.41
N SER B 999 27.81 -6.46 35.55
CA SER B 999 29.15 -6.75 36.01
C SER B 999 29.81 -5.53 36.62
N GLN B 1000 30.72 -5.77 37.57
CA GLN B 1000 31.51 -4.68 38.13
C GLN B 1000 32.49 -4.13 37.10
N GLN B 1001 33.04 -5.00 36.26
CA GLN B 1001 33.94 -4.56 35.20
C GLN B 1001 33.24 -3.58 34.25
N PHE B 1002 31.93 -3.72 34.09
CA PHE B 1002 31.16 -2.73 33.34
C PHE B 1002 31.35 -1.35 33.94
N LEU B 1003 31.14 -1.23 35.26
CA LEU B 1003 31.38 0.05 35.93
C LEU B 1003 32.86 0.40 35.92
N GLN B 1004 33.73 -0.59 36.14
CA GLN B 1004 35.17 -0.32 36.19
C GLN B 1004 35.66 0.23 34.85
N PHE B 1005 35.20 -0.36 33.74
CA PHE B 1005 35.61 0.14 32.43
C PHE B 1005 35.12 1.55 32.21
N LEU B 1006 33.89 1.85 32.64
CA LEU B 1006 33.38 3.21 32.54
C LEU B 1006 34.22 4.20 33.35
N THR B 1007 34.58 3.82 34.57
CA THR B 1007 35.36 4.72 35.42
C THR B 1007 36.70 5.05 34.79
N TRP B 1008 37.31 4.09 34.08
CA TRP B 1008 38.61 4.35 33.47
C TRP B 1008 38.47 5.27 32.25
N THR B 1009 37.49 5.00 31.39
CA THR B 1009 37.41 5.72 30.12
C THR B 1009 37.02 7.18 30.31
N VAL B 1010 36.12 7.47 31.25
CA VAL B 1010 35.77 8.86 31.51
C VAL B 1010 36.99 9.60 32.07
N LYS B 1011 37.80 8.92 32.88
CA LYS B 1011 39.05 9.52 33.35
C LYS B 1011 39.96 9.86 32.17
N ILE B 1012 40.15 8.90 31.26
CA ILE B 1012 41.02 9.14 30.11
C ILE B 1012 40.44 10.23 29.22
N CYS B 1013 39.13 10.18 28.97
CA CYS B 1013 38.49 11.18 28.11
C CYS B 1013 38.58 12.57 28.73
N LYS B 1014 38.35 12.68 30.04
CA LYS B 1014 38.40 13.98 30.69
C LYS B 1014 39.83 14.44 30.94
N GLU B 1015 40.80 13.55 30.83
CA GLU B 1015 42.21 13.90 31.06
C GLU B 1015 43.00 14.01 29.76
N ASN B 1016 42.93 12.99 28.90
CA ASN B 1016 43.65 13.02 27.64
C ASN B 1016 42.93 13.91 26.64
N ALA B 1017 43.60 14.20 25.52
CA ALA B 1017 43.05 15.04 24.46
C ALA B 1017 43.30 14.33 23.13
N LEU B 1018 42.32 13.56 22.68
CA LEU B 1018 42.41 12.85 21.40
C LEU B 1018 42.24 13.86 20.27
N GLU B 1019 43.33 14.56 19.96
CA GLU B 1019 43.30 15.61 18.95
C GLU B 1019 42.95 15.08 17.57
N ASP B 1020 43.19 13.80 17.32
CA ASP B 1020 42.83 13.21 16.03
C ASP B 1020 41.31 13.18 15.89
N LEU B 1021 40.83 13.36 14.65
CA LEU B 1021 39.41 13.47 14.39
C LEU B 1021 38.66 12.21 14.79
N SER B 1022 38.98 11.09 14.15
CA SER B 1022 38.25 9.85 14.42
C SER B 1022 38.55 9.30 15.82
N CYS B 1023 39.73 9.59 16.36
CA CYS B 1023 40.06 9.12 17.70
C CYS B 1023 39.13 9.73 18.73
N CYS B 1024 38.87 11.05 18.63
CA CYS B 1024 37.90 11.67 19.52
C CYS B 1024 36.49 11.16 19.22
N LYS B 1025 36.12 11.09 17.95
CA LYS B 1025 34.79 10.60 17.59
C LYS B 1025 34.63 9.14 17.99
N GLY B 1026 35.64 8.31 17.72
CA GLY B 1026 35.53 6.90 18.04
C GLY B 1026 35.42 6.64 19.52
N LEU B 1027 36.25 7.31 20.32
CA LEU B 1027 36.20 7.11 21.77
C LEU B 1027 34.87 7.60 22.34
N LEU B 1028 34.39 8.75 21.86
CA LEU B 1028 33.11 9.27 22.34
C LEU B 1028 31.96 8.35 21.97
N THR B 1029 32.04 7.69 20.81
CA THR B 1029 31.01 6.71 20.45
C THR B 1029 30.99 5.56 21.44
N LEU B 1030 32.17 5.12 21.88
CA LEU B 1030 32.25 4.00 22.81
C LEU B 1030 31.58 4.32 24.14
N LEU B 1031 31.93 5.45 24.74
CA LEU B 1031 31.47 5.74 26.10
C LEU B 1031 29.95 5.80 26.17
N PHE B 1032 29.30 6.23 25.09
CA PHE B 1032 27.84 6.31 25.10
C PHE B 1032 27.18 4.95 25.00
N SER B 1033 27.80 4.00 24.27
CA SER B 1033 27.22 2.67 24.16
C SER B 1033 27.15 1.99 25.53
N LEU B 1034 28.15 2.24 26.38
CA LEU B 1034 28.06 1.79 27.76
C LEU B 1034 27.15 2.69 28.57
N HIS B 1035 27.19 4.00 28.32
CA HIS B 1035 26.36 4.95 29.06
C HIS B 1035 25.02 5.19 28.37
N VAL B 1036 24.36 4.11 27.98
CA VAL B 1036 22.98 4.17 27.53
C VAL B 1036 22.19 3.11 28.29
N LEU B 1037 22.69 1.87 28.31
CA LEU B 1037 22.07 0.75 29.00
C LEU B 1037 22.27 0.79 30.50
N TYR B 1038 22.83 1.88 31.03
CA TYR B 1038 23.15 1.94 32.45
C TYR B 1038 22.57 3.20 33.10
N LYS B 1039 22.53 4.30 32.37
CA LYS B 1039 22.08 5.58 32.91
C LYS B 1039 21.78 6.52 31.75
N SER B 1040 21.54 7.80 32.07
CA SER B 1040 21.30 8.84 31.10
C SER B 1040 22.48 9.80 31.05
N PRO B 1041 22.91 10.23 29.87
CA PRO B 1041 24.14 11.04 29.76
C PRO B 1041 23.93 12.55 29.78
N VAL B 1042 22.73 13.03 30.11
CA VAL B 1042 22.45 14.47 30.00
C VAL B 1042 23.39 15.28 30.88
N SER B 1043 23.86 14.69 31.99
CA SER B 1043 24.87 15.37 32.80
C SER B 1043 26.17 15.56 32.02
N LEU B 1044 26.59 14.54 31.28
CA LEU B 1044 27.79 14.65 30.46
C LEU B 1044 27.60 15.66 29.33
N LEU B 1045 26.45 15.60 28.66
CA LEU B 1045 26.19 16.56 27.58
C LEU B 1045 26.14 17.98 28.11
N ARG B 1046 25.53 18.19 29.28
CA ARG B 1046 25.56 19.51 29.91
C ARG B 1046 27.00 19.94 30.17
N GLU B 1047 27.80 19.02 30.72
CA GLU B 1047 29.20 19.34 31.03
C GLU B 1047 29.98 19.67 29.77
N LEU B 1048 29.80 18.88 28.71
CA LEU B 1048 30.48 19.16 27.46
C LEU B 1048 30.05 20.49 26.87
N ALA B 1049 28.77 20.83 27.00
CA ALA B 1049 28.27 22.10 26.47
C ALA B 1049 28.96 23.28 27.14
N GLN B 1050 29.35 23.14 28.40
CA GLN B 1050 30.09 24.20 29.08
C GLN B 1050 31.45 24.43 28.42
N ASP B 1051 32.15 23.35 28.08
CA ASP B 1051 33.49 23.47 27.53
C ASP B 1051 33.48 24.17 26.18
N ILE B 1052 32.57 23.77 25.29
CA ILE B 1052 32.48 24.44 24.00
C ILE B 1052 32.03 25.88 24.19
N HIS B 1053 31.17 26.15 25.16
CA HIS B 1053 30.83 27.53 25.49
C HIS B 1053 32.06 28.27 25.99
N ALA B 1054 32.89 27.61 26.80
CA ALA B 1054 34.15 28.21 27.22
C ALA B 1054 35.15 28.26 26.08
N CYS B 1055 35.04 27.33 25.12
CA CYS B 1055 35.99 27.29 24.01
C CYS B 1055 35.88 28.55 23.14
N LEU B 1056 34.68 29.01 22.87
CA LEU B 1056 34.42 30.15 21.99
C LEU B 1056 33.75 31.27 22.77
N GLY B 1057 33.38 32.32 22.04
CA GLY B 1057 32.66 33.43 22.62
C GLY B 1057 31.15 33.27 22.50
N ASP B 1058 30.44 33.87 23.44
CA ASP B 1058 28.99 33.77 23.47
C ASP B 1058 28.36 34.58 22.34
N ILE B 1059 27.09 34.29 22.07
CA ILE B 1059 26.36 35.02 21.03
C ILE B 1059 26.23 36.49 21.41
N ASP B 1060 26.02 36.78 22.69
CA ASP B 1060 25.82 38.14 23.15
C ASP B 1060 27.01 39.04 22.83
N GLN B 1061 28.20 38.47 22.65
CA GLN B 1061 29.41 39.19 22.25
C GLN B 1061 29.82 40.23 23.30
N ASP B 1062 29.33 40.11 24.52
CA ASP B 1062 29.71 41.04 25.59
C ASP B 1062 29.90 40.32 26.92
N VAL B 1063 30.03 39.00 26.92
CA VAL B 1063 30.18 38.22 28.14
C VAL B 1063 31.32 37.22 27.95
N GLU B 1064 32.12 37.05 29.00
CA GLU B 1064 33.25 36.13 28.98
C GLU B 1064 33.01 35.00 29.97
N ILE B 1065 33.74 33.90 29.77
CA ILE B 1065 33.63 32.71 30.61
C ILE B 1065 35.04 32.28 30.98
N GLU B 1066 35.15 31.58 32.12
CA GLU B 1066 36.42 31.04 32.58
C GLU B 1066 36.80 29.83 31.73
N SER B 1067 37.94 29.22 32.06
CA SER B 1067 38.40 28.06 31.30
C SER B 1067 37.42 26.90 31.43
N ARG B 1068 37.09 26.52 32.67
CA ARG B 1068 36.08 25.50 32.96
C ARG B 1068 36.27 24.25 32.10
N SER B 1069 37.54 23.87 31.89
CA SER B 1069 37.87 22.73 31.03
C SER B 1069 37.56 21.44 31.79
N HIS B 1070 36.27 21.14 31.88
CA HIS B 1070 35.83 19.95 32.60
C HIS B 1070 36.26 18.67 31.88
N PHE B 1071 36.19 18.65 30.56
CA PHE B 1071 36.66 17.53 29.75
C PHE B 1071 37.81 18.00 28.88
N ALA B 1072 38.92 17.27 28.92
CA ALA B 1072 40.07 17.58 28.08
C ALA B 1072 39.95 16.99 26.68
N ILE B 1073 38.97 16.10 26.44
CA ILE B 1073 38.75 15.57 25.10
C ILE B 1073 38.40 16.69 24.13
N VAL B 1074 37.53 17.59 24.56
CA VAL B 1074 37.14 18.74 23.75
C VAL B 1074 38.11 19.88 24.01
N ASN B 1075 38.50 20.57 22.95
CA ASN B 1075 39.36 21.75 23.04
C ASN B 1075 38.98 22.72 21.94
N VAL B 1076 39.77 23.78 21.79
CA VAL B 1076 39.46 24.82 20.82
C VAL B 1076 39.45 24.25 19.41
N LYS B 1077 40.43 23.40 19.08
CA LYS B 1077 40.50 22.83 17.74
C LYS B 1077 39.42 21.78 17.48
N THR B 1078 38.70 21.34 18.51
CA THR B 1078 37.65 20.35 18.36
C THR B 1078 36.25 20.98 18.43
N ALA B 1079 36.15 22.29 18.22
CA ALA B 1079 34.86 22.97 18.24
C ALA B 1079 33.98 22.62 17.05
N ALA B 1080 34.53 21.92 16.06
CA ALA B 1080 33.81 21.55 14.85
C ALA B 1080 32.68 20.56 15.18
N PRO B 1081 31.87 20.17 14.18
CA PRO B 1081 30.90 19.09 14.38
C PRO B 1081 31.50 17.79 14.91
N THR B 1082 32.83 17.74 15.05
CA THR B 1082 33.54 16.63 15.66
C THR B 1082 32.85 16.12 16.92
N VAL B 1083 32.32 17.04 17.73
CA VAL B 1083 31.62 16.71 18.96
C VAL B 1083 30.17 17.17 18.94
N CYS B 1084 29.93 18.41 18.50
CA CYS B 1084 28.59 18.99 18.55
C CYS B 1084 27.63 18.41 17.52
N LEU B 1085 28.04 17.38 16.78
CA LEU B 1085 27.12 16.58 15.98
C LEU B 1085 26.79 15.26 16.66
N LEU B 1086 27.75 14.66 17.35
CA LEU B 1086 27.51 13.40 18.05
C LEU B 1086 26.55 13.59 19.21
N VAL B 1087 26.79 14.58 20.07
CA VAL B 1087 25.94 14.80 21.23
C VAL B 1087 24.52 15.11 20.79
N LEU B 1088 24.37 15.87 19.70
CA LEU B 1088 23.04 16.10 19.16
C LEU B 1088 22.42 14.83 18.62
N GLY B 1089 23.25 13.88 18.16
CA GLY B 1089 22.72 12.58 17.81
C GLY B 1089 22.16 11.84 19.00
N GLN B 1090 22.85 11.91 20.14
CA GLN B 1090 22.28 11.38 21.37
C GLN B 1090 21.03 12.16 21.76
N ALA B 1091 21.07 13.48 21.62
CA ALA B 1091 19.87 14.28 21.85
C ALA B 1091 18.72 13.82 20.96
N ASP B 1092 19.03 13.40 19.73
CA ASP B 1092 18.02 12.79 18.88
C ASP B 1092 17.53 11.48 19.46
N LYS B 1093 18.46 10.61 19.88
CA LYS B 1093 18.08 9.32 20.44
C LYS B 1093 17.35 9.51 21.77
N VAL B 1094 17.84 10.42 22.62
CA VAL B 1094 17.22 10.64 23.92
C VAL B 1094 15.76 11.02 23.77
N LEU B 1095 15.48 11.93 22.84
CA LEU B 1095 14.09 12.30 22.58
C LEU B 1095 13.37 11.22 21.79
N GLU B 1096 14.09 10.43 20.98
CA GLU B 1096 13.43 9.39 20.20
C GLU B 1096 12.77 8.35 21.11
N GLU B 1097 13.46 7.94 22.17
CA GLU B 1097 12.86 6.98 23.10
C GLU B 1097 11.83 7.64 24.01
N VAL B 1098 11.96 8.94 24.25
CA VAL B 1098 10.98 9.64 25.07
C VAL B 1098 9.60 9.59 24.42
N ASP B 1099 9.55 9.73 23.10
CA ASP B 1099 8.27 9.68 22.39
C ASP B 1099 7.59 8.33 22.60
N TRP B 1100 8.37 7.25 22.69
CA TRP B 1100 7.79 5.92 22.85
C TRP B 1100 6.99 5.81 24.14
N LEU B 1101 7.56 6.24 25.27
CA LEU B 1101 6.84 6.15 26.53
C LEU B 1101 5.72 7.17 26.59
N ILE B 1102 5.94 8.35 26.01
CA ILE B 1102 4.87 9.36 25.96
C ILE B 1102 3.68 8.83 25.17
N LYS B 1103 3.96 8.15 24.06
CA LYS B 1103 2.88 7.49 23.32
C LYS B 1103 2.19 6.43 24.18
N ARG B 1104 2.97 5.64 24.92
CA ARG B 1104 2.38 4.71 25.88
C ARG B 1104 1.69 5.48 27.00
N LEU B 1105 2.29 6.57 27.46
CA LEU B 1105 1.66 7.40 28.48
C LEU B 1105 0.36 8.02 27.99
N THR B 1106 0.15 8.07 26.67
CA THR B 1106 -1.09 8.57 26.11
C THR B 1106 -2.14 7.47 26.07
N ASN B 1121 -1.19 3.79 37.73
CA ASN B 1121 -0.80 3.85 39.14
C ASN B 1121 0.59 4.47 39.28
N GLN B 1122 1.54 3.99 38.48
CA GLN B 1122 2.90 4.48 38.50
C GLN B 1122 3.11 5.65 37.54
N THR B 1123 2.05 6.13 36.89
CA THR B 1123 2.19 7.22 35.93
C THR B 1123 2.81 8.47 36.56
N GLN B 1124 2.65 8.64 37.87
CA GLN B 1124 3.32 9.75 38.55
C GLN B 1124 4.83 9.63 38.43
N ALA B 1125 5.37 8.42 38.57
CA ALA B 1125 6.79 8.21 38.33
C ALA B 1125 7.14 8.38 36.87
N LEU B 1126 6.23 8.00 35.97
CA LEU B 1126 6.48 8.17 34.55
C LEU B 1126 6.66 9.64 34.18
N GLU B 1127 5.80 10.51 34.71
CA GLU B 1127 5.90 11.93 34.39
C GLU B 1127 7.09 12.57 35.07
N LYS B 1128 7.41 12.14 36.30
CA LYS B 1128 8.54 12.72 37.02
C LYS B 1128 9.86 12.47 36.30
N GLY B 1129 10.04 11.25 35.78
CA GLY B 1129 11.30 10.94 35.10
C GLY B 1129 11.48 11.73 33.82
N VAL B 1130 10.42 11.86 33.02
CA VAL B 1130 10.52 12.56 31.74
C VAL B 1130 10.89 14.02 31.97
N ILE B 1131 10.21 14.68 32.91
CA ILE B 1131 10.46 16.09 33.15
C ILE B 1131 11.87 16.31 33.68
N LEU B 1132 12.45 15.29 34.34
CA LEU B 1132 13.83 15.40 34.78
C LEU B 1132 14.79 15.36 33.60
N GLN B 1133 14.62 14.39 32.71
CA GLN B 1133 15.48 14.29 31.54
C GLN B 1133 15.27 15.46 30.60
N LEU B 1134 14.01 15.77 30.29
CA LEU B 1134 13.72 16.91 29.43
C LEU B 1134 14.16 18.22 30.06
N GLY B 1135 13.90 18.38 31.37
CA GLY B 1135 14.32 19.60 32.03
C GLY B 1135 15.83 19.78 32.04
N THR B 1136 16.57 18.71 32.32
CA THR B 1136 18.02 18.77 32.24
C THR B 1136 18.48 19.01 30.81
N LEU B 1137 17.84 18.34 29.85
CA LEU B 1137 18.19 18.56 28.44
C LEU B 1137 17.85 19.96 28.00
N LEU B 1138 16.78 20.55 28.55
CA LEU B 1138 16.43 21.92 28.23
C LEU B 1138 17.55 22.88 28.62
N THR B 1139 18.18 22.65 29.78
CA THR B 1139 19.34 23.44 30.15
C THR B 1139 20.48 23.26 29.15
N VAL B 1140 20.65 22.03 28.65
CA VAL B 1140 21.71 21.75 27.69
C VAL B 1140 21.55 22.64 26.46
N PHE B 1141 20.40 22.54 25.78
CA PHE B 1141 20.16 23.33 24.59
C PHE B 1141 20.36 24.82 24.86
N HIS B 1142 20.05 25.28 26.07
CA HIS B 1142 20.30 26.67 26.43
C HIS B 1142 21.79 26.99 26.36
N GLU B 1143 22.64 26.06 26.80
CA GLU B 1143 24.07 26.31 26.77
C GLU B 1143 24.60 26.44 25.35
N LEU B 1144 24.25 25.50 24.47
CA LEU B 1144 24.70 25.60 23.08
C LEU B 1144 24.14 26.84 22.40
N VAL B 1145 22.86 27.15 22.64
CA VAL B 1145 22.19 28.20 21.88
C VAL B 1145 22.76 29.58 22.20
N GLN B 1146 23.52 29.72 23.28
CA GLN B 1146 24.19 30.98 23.55
C GLN B 1146 25.58 31.05 22.92
N THR B 1147 26.10 29.92 22.44
CA THR B 1147 27.43 29.88 21.85
C THR B 1147 27.37 30.18 20.36
N ALA B 1148 28.56 30.40 19.79
CA ALA B 1148 28.71 30.63 18.36
C ALA B 1148 29.02 29.28 17.71
N LEU B 1149 27.97 28.55 17.36
CA LEU B 1149 28.16 27.23 16.78
C LEU B 1149 28.85 27.34 15.41
N PRO B 1150 29.64 26.35 15.04
CA PRO B 1150 30.24 26.35 13.70
C PRO B 1150 29.15 26.36 12.63
N ALA B 1151 29.44 27.06 11.53
CA ALA B 1151 28.45 27.36 10.51
C ALA B 1151 28.14 26.18 9.59
N GLY B 1152 28.68 24.99 9.88
CA GLY B 1152 28.40 23.83 9.06
C GLY B 1152 26.99 23.29 9.23
N SER B 1153 26.82 21.99 9.00
CA SER B 1153 25.52 21.37 9.20
C SER B 1153 25.13 21.26 10.67
N CYS B 1154 26.07 21.53 11.58
CA CYS B 1154 25.74 21.54 13.00
C CYS B 1154 24.73 22.63 13.33
N VAL B 1155 24.86 23.80 12.69
CA VAL B 1155 23.80 24.81 12.78
C VAL B 1155 22.49 24.24 12.27
N ASP B 1156 22.53 23.54 11.13
CA ASP B 1156 21.33 22.93 10.58
C ASP B 1156 20.77 21.89 11.52
N SER B 1157 21.61 20.96 11.99
CA SER B 1157 21.13 19.87 12.83
C SER B 1157 20.60 20.38 14.17
N LEU B 1158 21.20 21.43 14.73
CA LEU B 1158 20.68 22.00 15.96
C LEU B 1158 19.26 22.49 15.77
N LEU B 1159 18.99 23.14 14.64
CA LEU B 1159 17.64 23.58 14.35
C LEU B 1159 16.72 22.43 13.99
N ARG B 1160 17.28 21.31 13.50
CA ARG B 1160 16.45 20.15 13.21
C ARG B 1160 15.97 19.48 14.49
N SER B 1161 16.84 19.36 15.49
CA SER B 1161 16.41 18.81 16.77
C SER B 1161 15.62 19.82 17.58
N LEU B 1162 15.93 21.11 17.45
CA LEU B 1162 15.16 22.13 18.16
C LEU B 1162 13.70 22.12 17.70
N SER B 1163 13.48 21.92 16.41
CA SER B 1163 12.11 21.70 15.93
C SER B 1163 11.53 20.42 16.50
N LYS B 1164 12.34 19.36 16.58
CA LYS B 1164 11.86 18.09 17.13
C LYS B 1164 11.52 18.22 18.60
N THR B 1165 12.36 18.92 19.38
CA THR B 1165 12.17 18.97 20.82
C THR B 1165 10.83 19.59 21.20
N TYR B 1166 10.46 20.69 20.56
CA TYR B 1166 9.21 21.36 20.89
C TYR B 1166 8.02 20.45 20.63
N ALA B 1167 8.10 19.62 19.59
CA ALA B 1167 6.99 18.72 19.28
C ALA B 1167 6.76 17.71 20.41
N ILE B 1168 7.82 17.16 20.98
CA ILE B 1168 7.66 16.21 22.07
C ILE B 1168 7.11 16.93 23.31
N LEU B 1169 7.42 18.22 23.46
CA LEU B 1169 6.83 19.00 24.55
C LEU B 1169 5.31 19.01 24.44
N THR B 1170 4.78 18.80 23.23
CA THR B 1170 3.34 18.94 23.02
C THR B 1170 2.59 17.69 23.45
N SER B 1171 2.98 16.51 22.93
CA SER B 1171 2.14 15.33 23.05
C SER B 1171 1.95 14.92 24.50
N LEU B 1172 2.90 15.24 25.37
CA LEU B 1172 2.68 15.05 26.80
C LEU B 1172 1.62 16.02 27.32
N ILE B 1173 1.74 17.30 26.95
CA ILE B 1173 0.71 18.27 27.29
C ILE B 1173 -0.58 17.94 26.56
N LYS B 1174 -0.47 17.61 25.26
CA LYS B 1174 -1.66 17.20 24.51
C LYS B 1174 -2.33 15.99 25.13
N HIS B 1175 -1.56 15.09 25.72
CA HIS B 1175 -2.16 13.98 26.47
C HIS B 1175 -2.88 14.48 27.71
N TYR B 1176 -2.20 15.30 28.51
CA TYR B 1176 -2.73 15.74 29.80
C TYR B 1176 -3.99 16.60 29.66
N ILE B 1177 -4.27 17.09 28.45
CA ILE B 1177 -5.53 17.81 28.22
C ILE B 1177 -6.72 16.93 28.56
N GLN B 1178 -6.65 15.65 28.18
CA GLN B 1178 -7.76 14.73 28.45
C GLN B 1178 -7.82 14.28 29.90
N ALA B 1179 -6.85 14.66 30.72
CA ALA B 1179 -6.85 14.30 32.13
C ALA B 1179 -7.90 15.10 32.91
N VAL B 1187 -1.94 21.14 35.35
CA VAL B 1187 -2.27 21.41 36.74
C VAL B 1187 -1.06 21.29 37.70
N PRO B 1188 -0.25 20.24 37.60
CA PRO B 1188 0.91 20.14 38.50
C PRO B 1188 1.86 21.31 38.32
N GLY B 1189 2.41 21.78 39.44
CA GLY B 1189 3.37 22.87 39.39
C GLY B 1189 4.73 22.46 38.85
N ARG B 1190 5.07 21.17 38.94
CA ARG B 1190 6.32 20.69 38.37
C ARG B 1190 6.34 20.91 36.86
N LEU B 1191 5.22 20.62 36.20
CA LEU B 1191 5.10 20.92 34.77
C LEU B 1191 5.25 22.41 34.51
N GLU B 1192 4.65 23.24 35.37
CA GLU B 1192 4.77 24.68 35.22
C GLU B 1192 6.22 25.13 35.35
N LYS B 1193 6.95 24.57 36.32
CA LYS B 1193 8.33 24.97 36.53
C LYS B 1193 9.19 24.63 35.31
N LEU B 1194 8.90 23.50 34.66
CA LEU B 1194 9.56 23.19 33.40
C LEU B 1194 9.26 24.26 32.36
N VAL B 1195 7.99 24.66 32.26
CA VAL B 1195 7.60 25.70 31.31
C VAL B 1195 8.24 27.02 31.67
N LYS B 1196 8.29 27.34 32.97
CA LYS B 1196 8.96 28.56 33.41
C LYS B 1196 10.43 28.55 33.02
N LEU B 1197 11.10 27.42 33.23
CA LEU B 1197 12.48 27.29 32.78
C LEU B 1197 12.58 27.30 31.26
N SER B 1198 11.60 26.69 30.59
CA SER B 1198 11.60 26.68 29.12
C SER B 1198 11.51 28.09 28.56
N GLY B 1199 10.62 28.92 29.12
CA GLY B 1199 10.51 30.29 28.65
C GLY B 1199 11.73 31.13 28.96
N SER B 1200 12.32 30.94 30.15
CA SER B 1200 13.39 31.82 30.60
C SER B 1200 14.71 31.55 29.90
N HIS B 1201 15.08 30.28 29.72
CA HIS B 1201 16.42 29.93 29.27
C HIS B 1201 16.49 29.50 27.81
N LEU B 1202 15.36 29.32 27.14
CA LEU B 1202 15.37 28.79 25.79
C LEU B 1202 14.87 29.78 24.74
N THR B 1203 13.67 30.35 24.95
CA THR B 1203 13.01 31.08 23.86
C THR B 1203 13.74 32.37 23.50
N PRO B 1204 13.93 33.33 24.40
CA PRO B 1204 14.60 34.58 23.98
C PRO B 1204 16.01 34.35 23.47
N GLN B 1205 16.73 33.38 24.04
CA GLN B 1205 18.04 33.04 23.51
C GLN B 1205 17.93 32.45 22.11
N CYS B 1206 16.95 31.58 21.88
CA CYS B 1206 16.77 30.98 20.56
C CYS B 1206 16.52 32.04 19.50
N TYR B 1207 15.60 32.96 19.77
CA TYR B 1207 15.33 34.02 18.82
C TYR B 1207 16.54 34.93 18.64
N SER B 1208 17.24 35.24 19.73
CA SER B 1208 18.50 35.96 19.60
C SER B 1208 19.52 35.14 18.83
N PHE B 1209 19.54 33.83 19.05
CA PHE B 1209 20.40 32.96 18.24
C PHE B 1209 20.03 33.01 16.77
N ILE B 1210 18.74 33.17 16.48
CA ILE B 1210 18.31 33.36 15.10
C ILE B 1210 18.90 34.64 14.54
N THR B 1211 18.90 35.72 15.33
CA THR B 1211 19.57 36.95 14.92
C THR B 1211 21.06 36.73 14.74
N TYR B 1212 21.66 35.82 15.50
CA TYR B 1212 23.05 35.47 15.29
C TYR B 1212 23.27 34.84 13.92
N VAL B 1213 22.35 33.96 13.51
CA VAL B 1213 22.51 33.23 12.24
C VAL B 1213 22.58 34.20 11.07
N GLN B 1214 21.82 35.30 11.13
CA GLN B 1214 21.88 36.30 10.07
C GLN B 1214 23.30 36.81 9.86
N ASN B 1215 24.01 37.13 10.95
CA ASN B 1215 25.39 37.59 10.82
C ASN B 1215 26.29 36.49 10.29
N ILE B 1216 26.11 35.26 10.76
CA ILE B 1216 26.97 34.15 10.35
C ILE B 1216 26.79 33.85 8.87
N HIS B 1217 25.54 33.72 8.43
CA HIS B 1217 25.29 33.40 7.03
C HIS B 1217 25.78 34.50 6.10
N SER B 1218 25.55 35.76 6.48
CA SER B 1218 26.01 36.87 5.65
C SER B 1218 27.53 36.85 5.50
N GLU B 1219 28.24 36.65 6.61
CA GLU B 1219 29.69 36.53 6.55
C GLU B 1219 30.11 35.27 5.79
N SER B 1220 29.42 34.15 6.02
CA SER B 1220 29.77 32.91 5.34
C SER B 1220 29.47 32.97 3.86
N LEU B 1221 28.37 33.62 3.48
CA LEU B 1221 27.98 33.69 2.08
C LEU B 1221 28.94 34.51 1.24
N SER B 1222 29.84 35.29 1.87
CA SER B 1222 30.85 36.02 1.11
C SER B 1222 31.74 35.07 0.33
N PHE B 1223 31.92 33.84 0.81
CA PHE B 1223 32.68 32.82 0.11
C PHE B 1223 31.79 32.19 -0.95
N ALA B 1224 31.67 32.90 -2.08
CA ALA B 1224 30.85 32.49 -3.22
C ALA B 1224 31.71 32.48 -4.48
N GLU B 1225 32.85 31.80 -4.38
CA GLU B 1225 33.97 31.74 -5.32
C GLU B 1225 34.85 32.98 -5.19
N GLU B 1226 34.49 33.93 -4.33
CA GLU B 1226 35.31 35.12 -4.10
C GLU B 1226 35.28 35.51 -2.63
N THR B 1241 24.14 31.92 -9.10
CA THR B 1241 23.21 30.85 -8.79
C THR B 1241 23.30 30.45 -7.32
N VAL B 1242 23.41 31.46 -6.45
CA VAL B 1242 23.50 31.23 -5.01
C VAL B 1242 22.09 31.02 -4.46
N MET B 1243 21.10 31.02 -5.35
CA MET B 1243 19.71 30.77 -4.95
C MET B 1243 19.59 29.48 -4.16
N ALA B 1244 20.26 28.42 -4.60
CA ALA B 1244 20.15 27.13 -3.91
C ALA B 1244 20.73 27.20 -2.51
N LYS B 1245 21.91 27.81 -2.36
CA LYS B 1245 22.56 27.83 -1.05
C LYS B 1245 21.78 28.68 -0.05
N VAL B 1246 21.25 29.81 -0.49
CA VAL B 1246 20.55 30.72 0.44
C VAL B 1246 19.32 30.04 1.01
N LEU B 1247 18.54 29.37 0.17
CA LEU B 1247 17.33 28.71 0.64
C LEU B 1247 17.64 27.63 1.67
N ARG B 1248 18.64 26.79 1.38
CA ARG B 1248 18.99 25.72 2.32
C ARG B 1248 19.55 26.29 3.62
N ASP B 1249 20.39 27.32 3.53
CA ASP B 1249 21.03 27.88 4.71
C ASP B 1249 20.04 28.48 5.70
N THR B 1250 18.80 28.73 5.28
CA THR B 1250 17.77 29.26 6.15
C THR B 1250 16.49 28.44 6.12
N LYS B 1251 16.53 27.23 5.57
CA LYS B 1251 15.34 26.37 5.55
C LYS B 1251 14.82 26.02 6.94
N PRO B 1252 15.63 25.60 7.90
CA PRO B 1252 15.06 25.25 9.21
C PRO B 1252 14.48 26.43 9.97
N ILE B 1253 14.84 27.66 9.60
CA ILE B 1253 14.43 28.83 10.40
C ILE B 1253 12.91 29.01 10.43
N PRO B 1254 12.19 29.00 9.29
CA PRO B 1254 10.73 29.11 9.38
C PRO B 1254 10.08 27.99 10.18
N ASN B 1255 10.50 26.75 9.97
CA ASN B 1255 9.89 25.64 10.69
C ASN B 1255 10.24 25.64 12.17
N LEU B 1256 11.32 26.32 12.56
CA LEU B 1256 11.58 26.54 13.98
C LEU B 1256 10.48 27.38 14.60
N ILE B 1257 10.06 28.44 13.91
CA ILE B 1257 8.99 29.29 14.41
C ILE B 1257 7.69 28.50 14.52
N PHE B 1258 7.36 27.73 13.47
CA PHE B 1258 6.10 27.00 13.45
C PHE B 1258 6.03 26.00 14.58
N ALA B 1259 7.12 25.28 14.83
CA ALA B 1259 7.12 24.32 15.94
C ALA B 1259 7.05 25.03 17.28
N ILE B 1260 7.44 26.30 17.34
CA ILE B 1260 7.29 27.07 18.56
C ILE B 1260 5.82 27.39 18.81
N GLU B 1261 5.10 27.77 17.77
CA GLU B 1261 3.73 28.23 17.96
C GLU B 1261 2.73 27.08 18.02
N GLN B 1262 3.00 25.97 17.31
CA GLN B 1262 2.12 24.80 17.43
C GLN B 1262 2.12 24.27 18.85
N TYR B 1263 3.29 24.26 19.50
CA TYR B 1263 3.33 24.03 20.94
C TYR B 1263 2.61 25.16 21.67
N GLU B 1264 2.83 26.40 21.24
CA GLU B 1264 2.22 27.56 21.90
C GLU B 1264 0.70 27.54 21.76
N LYS B 1265 0.21 27.21 20.56
CA LYS B 1265 -1.23 27.24 20.34
C LYS B 1265 -1.95 26.23 21.22
N PHE B 1266 -1.37 25.04 21.38
CA PHE B 1266 -1.96 24.06 22.29
C PHE B 1266 -1.69 24.42 23.74
N LEU B 1267 -0.57 25.09 24.00
CA LEU B 1267 -0.32 25.59 25.35
C LEU B 1267 -1.28 26.72 25.71
N ILE B 1268 -1.69 27.51 24.72
CA ILE B 1268 -2.84 28.40 24.91
C ILE B 1268 -4.08 27.60 25.24
N HIS B 1269 -4.31 26.53 24.49
CA HIS B 1269 -5.48 25.67 24.70
C HIS B 1269 -5.49 25.11 26.11
N LEU B 1270 -4.33 24.69 26.61
CA LEU B 1270 -4.24 24.13 27.95
C LEU B 1270 -4.54 25.19 29.02
N SER B 1271 -4.05 26.41 28.82
CA SER B 1271 -4.18 27.44 29.86
C SER B 1271 -5.64 27.74 30.17
N LYS B 1272 -6.47 27.88 29.14
CA LYS B 1272 -7.89 28.14 29.38
C LYS B 1272 -8.58 26.92 29.97
N LYS B 1273 -8.34 25.74 29.40
CA LYS B 1273 -8.94 24.53 29.94
C LYS B 1273 -8.36 24.17 31.30
N SER B 1274 -7.11 24.54 31.56
CA SER B 1274 -6.46 24.25 32.83
C SER B 1274 -6.70 25.32 33.88
N LYS B 1275 -7.38 26.41 33.53
CA LYS B 1275 -7.75 27.48 34.46
C LYS B 1275 -6.54 28.15 35.10
N VAL B 1276 -5.37 28.05 34.48
CA VAL B 1276 -4.14 28.62 35.01
C VAL B 1276 -3.52 29.52 33.94
N ASN B 1277 -3.02 30.68 34.37
CA ASN B 1277 -2.32 31.61 33.47
C ASN B 1277 -0.86 31.20 33.43
N LEU B 1278 -0.45 30.58 32.33
CA LEU B 1278 0.91 30.09 32.16
C LEU B 1278 1.79 31.04 31.37
N MET B 1279 1.26 32.18 30.91
CA MET B 1279 1.95 33.05 29.99
C MET B 1279 2.73 34.16 30.69
N GLN B 1280 2.63 34.28 32.01
CA GLN B 1280 3.35 35.32 32.72
C GLN B 1280 4.86 35.08 32.67
N TYR B 1281 5.27 33.83 32.81
CA TYR B 1281 6.70 33.51 32.73
C TYR B 1281 7.23 33.75 31.33
N MET B 1282 6.45 33.39 30.32
CA MET B 1282 6.89 33.43 28.93
C MET B 1282 6.88 34.87 28.40
N LYS B 1283 7.20 35.00 27.12
CA LYS B 1283 7.32 36.29 26.46
C LYS B 1283 6.57 36.25 25.15
N LEU B 1284 6.10 37.43 24.71
CA LEU B 1284 5.40 37.53 23.44
C LEU B 1284 6.28 37.03 22.31
N SER B 1285 5.67 36.28 21.38
CA SER B 1285 6.40 35.70 20.27
C SER B 1285 6.93 36.80 19.36
N THR B 1286 8.25 37.02 19.40
CA THR B 1286 8.85 38.07 18.58
C THR B 1286 8.91 37.64 17.12
N SER B 1287 9.13 38.62 16.25
CA SER B 1287 9.22 38.38 14.82
C SER B 1287 10.08 39.47 14.21
N ARG B 1288 10.52 39.22 12.98
CA ARG B 1288 11.48 40.10 12.32
C ARG B 1288 10.93 40.58 10.97
N ASP B 1289 11.32 41.79 10.61
CA ASP B 1289 11.04 42.37 9.30
C ASP B 1289 12.37 42.58 8.56
N PHE B 1290 12.27 43.07 7.34
CA PHE B 1290 13.45 43.35 6.52
C PHE B 1290 13.31 44.72 5.89
N ARG B 1291 14.34 45.11 5.12
CA ARG B 1291 14.34 46.37 4.40
C ARG B 1291 15.40 46.30 3.31
N ILE B 1292 15.01 46.66 2.09
CA ILE B 1292 15.94 46.63 0.96
C ILE B 1292 16.70 47.94 0.92
N ASN B 1293 18.03 47.85 0.96
CA ASN B 1293 18.88 49.04 0.96
C ASN B 1293 19.03 49.52 -0.48
N ALA B 1294 18.22 50.52 -0.84
CA ALA B 1294 18.27 51.05 -2.20
C ALA B 1294 19.61 51.69 -2.52
N SER B 1295 20.17 52.41 -1.55
CA SER B 1295 21.46 53.05 -1.76
C SER B 1295 22.56 52.03 -2.00
N MET B 1296 22.52 50.91 -1.28
CA MET B 1296 23.55 49.88 -1.44
C MET B 1296 23.53 49.25 -2.82
N LEU B 1297 22.40 49.31 -3.53
CA LEU B 1297 22.34 48.73 -4.87
C LEU B 1297 23.15 49.52 -5.88
N ASP B 1298 23.43 50.78 -5.60
CA ASP B 1298 24.21 51.62 -6.51
C ASP B 1298 25.70 51.24 -6.46
#